data_5JNB
#
_entry.id   5JNB
#
_cell.length_a   65.347
_cell.length_b   86.435
_cell.length_c   91.907
_cell.angle_alpha   89.88
_cell.angle_beta   93.13
_cell.angle_gamma   90.22
#
_symmetry.space_group_name_H-M   'P 1'
#
loop_
_entity.id
_entity.type
_entity.pdbx_description
1 polymer 'Poly(A) RNA polymerase gld-2'
2 polymer 'RNP (RRM RNA binding domain) containing'
3 non-polymer 'SULFATE ION'
4 non-polymer 'MAGNESIUM ION'
5 non-polymer 1,2-ETHANEDIOL
6 water water
#
loop_
_entity_poly.entity_id
_entity_poly.type
_entity_poly.pdbx_seq_one_letter_code
_entity_poly.pdbx_strand_id
1 'polypeptide(L)'
;GAMDVLSEKIWDYHNKVSQTDEMLQRKLHLRDMLYTAISPVFPLSGLYVVGSSLNGFGNNSSDMDLCLMITNKDLDQKND
AVVVLNLILSTLQYEKFVESQKLILAKVPILRINFAAPFDDITVALNANNSVAIRNTHLLCYYSSYDWRVRPLVSVVKEW
AKRKGINDANKSSFTSYSLVLMVIHFLQCGPTKVLPNLQQSYPNRFSNKVDVRTLNVTMALEEVADDIDQSLSEKTTLGE
LLIGFLDYYANEFNYDRDAISIRQGRRVERASISNPHFWRSQWRCVCIEEPFTNSNTAHSIYDEMVFEAIKKAFREAHGE
LQHNHDLDKLMECEPIKA
;
A,B,C,D
2 'polypeptide(L)' TLFDNHPVQQYSGFNPIDFRFDDYVEGAKRFDNLANLIRSSTPTDPFANYQKPCESTSTSRSRTNSAKDQKHGP E,F,G,H
#
# COMPACT_ATOMS: atom_id res chain seq x y z
N GLY A 1 -50.89 -3.28 15.69
CA GLY A 1 -50.70 -3.56 17.10
C GLY A 1 -51.15 -4.94 17.53
N ALA A 2 -51.03 -5.91 16.63
CA ALA A 2 -51.46 -7.30 16.85
C ALA A 2 -50.59 -8.30 16.05
N MET A 3 -50.13 -9.38 16.70
CA MET A 3 -48.98 -10.17 16.21
C MET A 3 -49.05 -10.67 14.76
N ASP A 4 -50.27 -10.75 14.22
CA ASP A 4 -50.49 -11.10 12.82
C ASP A 4 -50.27 -9.92 11.88
N VAL A 5 -50.58 -8.71 12.33
CA VAL A 5 -50.39 -7.56 11.45
C VAL A 5 -48.96 -7.06 11.58
N LEU A 6 -48.29 -7.42 12.66
CA LEU A 6 -46.87 -7.11 12.78
C LEU A 6 -46.12 -7.96 11.78
N SER A 7 -46.45 -9.25 11.75
CA SER A 7 -45.81 -10.18 10.84
C SER A 7 -46.01 -9.74 9.40
N GLU A 8 -47.23 -9.41 9.04
CA GLU A 8 -47.51 -9.11 7.65
C GLU A 8 -46.93 -7.76 7.23
N LYS A 9 -46.89 -6.80 8.13
CA LYS A 9 -46.35 -5.51 7.74
C LYS A 9 -44.83 -5.55 7.69
N ILE A 10 -44.22 -6.55 8.34
CA ILE A 10 -42.81 -6.83 8.19
C ILE A 10 -42.56 -7.37 6.80
N TRP A 11 -43.39 -8.32 6.41
CA TRP A 11 -43.39 -8.89 5.08
C TRP A 11 -43.67 -7.86 4.00
N ASP A 12 -44.63 -6.98 4.24
CA ASP A 12 -44.95 -5.93 3.30
C ASP A 12 -43.79 -4.98 3.07
N TYR A 13 -43.17 -4.52 4.16
CA TYR A 13 -42.07 -3.59 4.03
C TYR A 13 -40.92 -4.20 3.24
N HIS A 14 -40.64 -5.46 3.56
CA HIS A 14 -39.63 -6.22 2.85
C HIS A 14 -39.90 -6.21 1.35
N ASN A 15 -41.16 -6.37 0.97
CA ASN A 15 -41.53 -6.42 -0.45
C ASN A 15 -41.42 -5.06 -1.11
N LYS A 16 -41.67 -3.99 -0.36
CA LYS A 16 -41.52 -2.67 -0.93
C LYS A 16 -40.05 -2.40 -1.33
N VAL A 17 -39.09 -2.84 -0.51
CA VAL A 17 -37.71 -2.37 -0.64
C VAL A 17 -36.74 -3.36 -1.25
N SER A 18 -37.16 -4.62 -1.39
CA SER A 18 -36.25 -5.67 -1.83
C SER A 18 -35.91 -5.56 -3.31
N GLN A 19 -34.72 -6.02 -3.67
CA GLN A 19 -34.22 -5.83 -5.03
C GLN A 19 -35.11 -6.57 -6.05
N THR A 20 -35.71 -5.79 -6.95
CA THR A 20 -36.62 -6.32 -7.99
C THR A 20 -35.84 -7.13 -9.03
N ASP A 21 -36.57 -7.91 -9.83
CA ASP A 21 -35.89 -8.70 -10.85
C ASP A 21 -35.46 -7.80 -12.00
N GLU A 22 -36.21 -6.74 -12.24
CA GLU A 22 -35.81 -5.81 -13.27
C GLU A 22 -34.46 -5.20 -12.90
N MET A 23 -34.33 -4.76 -11.65
CA MET A 23 -33.08 -4.17 -11.14
C MET A 23 -31.88 -5.14 -11.26
N LEU A 24 -32.07 -6.39 -10.86
CA LEU A 24 -31.02 -7.38 -11.04
C LEU A 24 -30.64 -7.55 -12.51
N GLN A 25 -31.64 -7.50 -13.40
CA GLN A 25 -31.35 -7.68 -14.81
C GLN A 25 -30.56 -6.53 -15.37
N ARG A 26 -30.94 -5.31 -15.00
CA ARG A 26 -30.16 -4.14 -15.37
C ARG A 26 -28.73 -4.21 -14.83
N LYS A 27 -28.54 -4.76 -13.64
CA LYS A 27 -27.19 -4.88 -13.06
C LYS A 27 -26.33 -5.89 -13.81
N LEU A 28 -26.91 -7.05 -14.14
CA LEU A 28 -26.18 -8.06 -14.91
C LEU A 28 -25.86 -7.60 -16.33
N HIS A 29 -26.75 -6.83 -16.94
CA HIS A 29 -26.47 -6.26 -18.25
C HIS A 29 -25.28 -5.29 -18.15
N LEU A 30 -25.35 -4.41 -17.16
CA LEU A 30 -24.25 -3.50 -16.87
C LEU A 30 -22.93 -4.26 -16.62
N ARG A 31 -22.99 -5.38 -15.89
CA ARG A 31 -21.76 -6.13 -15.66
C ARG A 31 -21.15 -6.64 -16.97
N ASP A 32 -22.00 -7.20 -17.84
CA ASP A 32 -21.58 -7.62 -19.18
C ASP A 32 -20.90 -6.51 -19.97
N MET A 33 -21.43 -5.30 -19.89
CA MET A 33 -20.80 -4.17 -20.54
C MET A 33 -19.42 -3.88 -19.99
N LEU A 34 -19.24 -4.02 -18.68
CA LEU A 34 -17.95 -3.74 -18.05
C LEU A 34 -16.95 -4.82 -18.44
N TYR A 35 -17.40 -6.07 -18.43
CA TYR A 35 -16.51 -7.16 -18.81
C TYR A 35 -15.99 -7.03 -20.26
N THR A 36 -16.81 -6.57 -21.20
CA THR A 36 -16.30 -6.45 -22.56
C THR A 36 -15.31 -5.27 -22.61
N ALA A 37 -15.51 -4.24 -21.80
CA ALA A 37 -14.49 -3.17 -21.67
C ALA A 37 -13.17 -3.72 -21.07
N ILE A 38 -13.22 -4.58 -20.06
CA ILE A 38 -12.02 -5.08 -19.36
C ILE A 38 -11.27 -6.25 -20.06
N SER A 39 -12.00 -7.06 -20.81
CA SER A 39 -11.43 -8.28 -21.41
C SER A 39 -10.25 -8.10 -22.38
N PRO A 40 -10.18 -6.99 -23.14
CA PRO A 40 -8.92 -6.84 -23.88
C PRO A 40 -7.68 -6.83 -22.96
N VAL A 41 -7.82 -6.33 -21.74
CA VAL A 41 -6.70 -6.26 -20.80
C VAL A 41 -6.56 -7.54 -19.98
N PHE A 42 -7.70 -8.15 -19.64
CA PHE A 42 -7.68 -9.44 -18.95
C PHE A 42 -8.57 -10.48 -19.65
N PRO A 43 -8.05 -11.10 -20.71
CA PRO A 43 -8.88 -11.96 -21.60
C PRO A 43 -9.43 -13.25 -20.98
N LEU A 44 -8.79 -13.85 -19.98
CA LEU A 44 -9.31 -15.07 -19.39
C LEU A 44 -10.02 -14.85 -18.06
N SER A 45 -10.23 -13.58 -17.69
CA SER A 45 -10.78 -13.27 -16.38
C SER A 45 -12.30 -13.49 -16.29
N GLY A 46 -12.80 -13.57 -15.06
CA GLY A 46 -14.23 -13.57 -14.84
C GLY A 46 -14.70 -12.50 -13.86
N LEU A 47 -15.80 -11.84 -14.21
CA LEU A 47 -16.40 -10.79 -13.41
C LEU A 47 -17.60 -11.31 -12.61
N TYR A 48 -17.37 -11.59 -11.34
CA TYR A 48 -18.41 -12.12 -10.47
C TYR A 48 -19.23 -11.03 -9.80
N VAL A 49 -20.53 -11.27 -9.65
CA VAL A 49 -21.33 -10.39 -8.83
C VAL A 49 -21.32 -10.93 -7.40
N VAL A 50 -20.90 -10.10 -6.45
CA VAL A 50 -20.81 -10.57 -5.07
C VAL A 50 -21.58 -9.65 -4.16
N GLY A 51 -21.85 -10.13 -2.94
CA GLY A 51 -22.54 -9.32 -1.94
C GLY A 51 -24.03 -9.12 -2.15
N SER A 52 -24.54 -8.01 -1.64
CA SER A 52 -25.96 -7.65 -1.68
C SER A 52 -26.73 -7.97 -2.93
N SER A 53 -26.15 -7.74 -4.09
CA SER A 53 -26.87 -7.94 -5.34
C SER A 53 -27.23 -9.42 -5.59
N LEU A 54 -26.50 -10.34 -4.95
CA LEU A 54 -26.72 -11.77 -5.19
C LEU A 54 -26.82 -12.63 -3.92
N ASN A 55 -26.60 -12.07 -2.75
CA ASN A 55 -26.58 -12.93 -1.57
C ASN A 55 -27.96 -13.06 -0.93
N GLY A 56 -28.98 -12.51 -1.59
CA GLY A 56 -30.35 -12.57 -1.12
C GLY A 56 -30.78 -11.46 -0.17
N PHE A 57 -29.83 -10.64 0.27
CA PHE A 57 -30.14 -9.74 1.37
C PHE A 57 -30.10 -8.28 0.97
N GLY A 58 -30.20 -8.03 -0.33
CA GLY A 58 -30.05 -6.67 -0.82
C GLY A 58 -31.36 -6.00 -1.15
N ASN A 59 -31.33 -4.68 -1.19
CA ASN A 59 -32.52 -3.92 -1.47
C ASN A 59 -32.38 -3.24 -2.82
N ASN A 60 -33.43 -2.54 -3.24
CA ASN A 60 -33.48 -1.98 -4.57
C ASN A 60 -32.55 -0.78 -4.80
N SER A 61 -31.66 -0.50 -3.85
CA SER A 61 -30.68 0.58 -4.05
C SER A 61 -29.26 0.18 -3.61
N SER A 62 -29.01 -1.12 -3.60
CA SER A 62 -27.71 -1.65 -3.20
C SER A 62 -26.69 -1.48 -4.30
N ASP A 63 -25.44 -1.27 -3.91
CA ASP A 63 -24.35 -1.24 -4.89
C ASP A 63 -24.29 -2.53 -5.69
N MET A 64 -23.73 -2.47 -6.89
CA MET A 64 -23.31 -3.72 -7.48
C MET A 64 -21.82 -3.95 -7.14
N ASP A 65 -21.59 -4.86 -6.20
CA ASP A 65 -20.22 -5.22 -5.87
C ASP A 65 -19.76 -6.31 -6.86
N LEU A 66 -18.57 -6.15 -7.40
CA LEU A 66 -18.09 -7.03 -8.43
C LEU A 66 -16.72 -7.53 -8.03
N CYS A 67 -16.44 -8.77 -8.39
CA CYS A 67 -15.16 -9.35 -8.05
C CYS A 67 -14.51 -9.86 -9.33
N LEU A 68 -13.42 -9.21 -9.72
CA LEU A 68 -12.72 -9.59 -10.92
C LEU A 68 -11.72 -10.67 -10.58
N MET A 69 -11.99 -11.89 -11.02
CA MET A 69 -11.06 -12.98 -10.81
C MET A 69 -10.14 -13.15 -12.04
N ILE A 70 -8.84 -13.23 -11.77
CA ILE A 70 -7.80 -13.22 -12.80
C ILE A 70 -6.87 -14.41 -12.63
N THR A 71 -6.54 -14.73 -11.39
CA THR A 71 -5.59 -15.80 -11.14
C THR A 71 -5.95 -16.61 -9.91
N ASN A 72 -5.62 -17.91 -9.91
CA ASN A 72 -5.81 -18.73 -8.71
C ASN A 72 -4.74 -18.43 -7.67
N LYS A 73 -3.67 -17.74 -8.05
CA LYS A 73 -2.67 -17.39 -7.04
C LYS A 73 -3.18 -16.21 -6.23
N ASP A 74 -2.59 -16.01 -5.07
CA ASP A 74 -2.92 -14.84 -4.29
C ASP A 74 -2.40 -13.59 -4.98
N LEU A 75 -3.20 -12.53 -4.93
CA LEU A 75 -2.77 -11.22 -5.39
C LEU A 75 -2.66 -10.28 -4.19
N ASP A 76 -1.45 -9.80 -3.92
CA ASP A 76 -1.24 -8.83 -2.87
C ASP A 76 -2.13 -7.58 -3.01
N GLN A 77 -2.91 -7.27 -1.99
CA GLN A 77 -3.85 -6.15 -2.02
C GLN A 77 -3.24 -4.78 -1.62
N LYS A 78 -2.16 -4.75 -0.84
CA LYS A 78 -1.52 -3.48 -0.50
C LYS A 78 -0.96 -2.77 -1.72
N ASN A 79 -0.29 -3.51 -2.59
CA ASN A 79 0.41 -2.89 -3.71
C ASN A 79 -0.12 -3.33 -5.08
N ASP A 80 -0.06 -4.64 -5.36
CA ASP A 80 -0.41 -5.19 -6.67
C ASP A 80 -1.86 -4.96 -7.09
N ALA A 81 -2.80 -5.02 -6.16
CA ALA A 81 -4.20 -4.82 -6.52
C ALA A 81 -4.45 -3.38 -6.95
N VAL A 82 -3.61 -2.47 -6.46
CA VAL A 82 -3.73 -1.07 -6.83
C VAL A 82 -3.33 -0.86 -8.29
N VAL A 83 -2.21 -1.46 -8.70
CA VAL A 83 -1.83 -1.47 -10.11
C VAL A 83 -2.98 -2.01 -11.02
N VAL A 84 -3.51 -3.18 -10.73
CA VAL A 84 -4.63 -3.74 -11.49
C VAL A 84 -5.88 -2.84 -11.52
N LEU A 85 -6.32 -2.34 -10.39
CA LEU A 85 -7.47 -1.41 -10.37
C LEU A 85 -7.18 -0.11 -11.12
N ASN A 86 -5.93 0.36 -11.08
CA ASN A 86 -5.58 1.60 -11.75
C ASN A 86 -5.49 1.35 -13.24
N LEU A 87 -5.08 0.14 -13.61
CA LEU A 87 -5.02 -0.21 -15.03
C LEU A 87 -6.43 -0.28 -15.58
N ILE A 88 -7.37 -0.78 -14.77
CA ILE A 88 -8.75 -0.94 -15.20
C ILE A 88 -9.46 0.40 -15.26
N LEU A 89 -9.11 1.27 -14.32
CA LEU A 89 -9.57 2.66 -14.34
C LEU A 89 -9.20 3.33 -15.66
N SER A 90 -7.92 3.22 -16.06
CA SER A 90 -7.42 3.74 -17.34
C SER A 90 -8.27 3.27 -18.50
N THR A 91 -8.58 1.97 -18.51
CA THR A 91 -9.31 1.35 -19.61
C THR A 91 -10.78 1.79 -19.63
N LEU A 92 -11.40 1.89 -18.47
CA LEU A 92 -12.81 2.25 -18.42
C LEU A 92 -13.07 3.73 -18.73
N GLN A 93 -12.03 4.56 -18.68
CA GLN A 93 -12.26 6.01 -18.85
C GLN A 93 -12.61 6.36 -20.31
N TYR A 94 -12.17 5.53 -21.26
CA TYR A 94 -12.51 5.74 -22.64
C TYR A 94 -13.96 5.33 -22.99
N GLU A 95 -14.64 4.64 -22.07
CA GLU A 95 -16.03 4.20 -22.30
C GLU A 95 -17.06 5.31 -22.11
N LYS A 96 -17.90 5.51 -23.11
CA LYS A 96 -18.99 6.47 -23.03
C LYS A 96 -19.96 6.24 -21.87
N PHE A 97 -20.20 4.98 -21.50
CA PHE A 97 -21.21 4.67 -20.48
C PHE A 97 -20.67 4.82 -19.06
N VAL A 98 -19.38 5.10 -18.94
CA VAL A 98 -18.78 5.34 -17.63
C VAL A 98 -18.64 6.84 -17.39
N GLU A 99 -19.14 7.30 -16.24
CA GLU A 99 -19.15 8.73 -15.93
C GLU A 99 -18.03 9.18 -14.98
N SER A 100 -17.83 8.44 -13.89
CA SER A 100 -16.76 8.78 -12.97
C SER A 100 -16.20 7.54 -12.25
N GLN A 101 -14.94 7.64 -11.85
CA GLN A 101 -14.25 6.57 -11.16
C GLN A 101 -13.39 7.12 -10.01
N LYS A 102 -13.01 6.23 -9.09
CA LYS A 102 -12.33 6.60 -7.87
C LYS A 102 -11.83 5.38 -7.10
N LEU A 103 -10.58 5.42 -6.66
CA LEU A 103 -9.99 4.32 -5.90
C LEU A 103 -10.10 4.57 -4.39
N ILE A 104 -10.86 3.71 -3.73
CA ILE A 104 -11.17 3.79 -2.31
C ILE A 104 -10.34 2.78 -1.55
N LEU A 105 -9.79 3.17 -0.41
CA LEU A 105 -9.22 2.20 0.49
C LEU A 105 -10.28 1.69 1.46
N ALA A 106 -10.85 0.51 1.20
CA ALA A 106 -11.67 -0.16 2.22
C ALA A 106 -10.79 -1.23 2.90
N LYS A 107 -11.39 -2.26 3.48
CA LYS A 107 -10.60 -3.42 3.94
C LYS A 107 -9.68 -3.93 2.84
N VAL A 108 -10.07 -3.69 1.59
CA VAL A 108 -9.24 -4.00 0.46
C VAL A 108 -9.40 -2.79 -0.52
N PRO A 109 -8.44 -2.56 -1.44
CA PRO A 109 -8.72 -1.49 -2.41
C PRO A 109 -9.95 -1.77 -3.26
N ILE A 110 -10.71 -0.72 -3.58
CA ILE A 110 -12.02 -0.83 -4.24
C ILE A 110 -12.18 0.24 -5.31
N LEU A 111 -12.45 -0.16 -6.54
CA LEU A 111 -12.69 0.80 -7.62
C LEU A 111 -14.18 1.14 -7.67
N ARG A 112 -14.50 2.38 -7.33
CA ARG A 112 -15.88 2.83 -7.30
C ARG A 112 -16.25 3.51 -8.61
N ILE A 113 -17.36 3.09 -9.24
CA ILE A 113 -17.72 3.51 -10.59
C ILE A 113 -19.17 4.00 -10.68
N ASN A 114 -19.37 5.16 -11.30
CA ASN A 114 -20.72 5.62 -11.60
C ASN A 114 -20.89 5.78 -13.11
N PHE A 115 -22.13 5.95 -13.55
CA PHE A 115 -22.41 5.73 -14.97
C PHE A 115 -23.31 6.76 -15.59
N ALA A 116 -23.18 6.88 -16.92
CA ALA A 116 -24.13 7.67 -17.69
C ALA A 116 -25.51 7.00 -17.69
N ALA A 117 -26.55 7.82 -17.84
CA ALA A 117 -27.89 7.32 -18.08
C ALA A 117 -27.85 6.36 -19.26
N PRO A 118 -28.67 5.29 -19.23
CA PRO A 118 -29.70 4.94 -18.27
C PRO A 118 -29.23 4.18 -17.02
N PHE A 119 -27.93 4.12 -16.74
CA PHE A 119 -27.46 3.36 -15.59
C PHE A 119 -27.01 4.23 -14.42
N ASP A 120 -27.40 5.50 -14.42
CA ASP A 120 -26.84 6.42 -13.45
C ASP A 120 -27.41 6.25 -12.03
N ASP A 121 -28.21 5.21 -11.81
CA ASP A 121 -28.68 4.94 -10.46
C ASP A 121 -28.01 3.72 -9.84
N ILE A 122 -27.07 3.11 -10.56
CA ILE A 122 -26.29 2.00 -10.07
C ILE A 122 -24.83 2.38 -9.83
N THR A 123 -24.34 2.22 -8.61
CA THR A 123 -22.93 2.40 -8.32
C THR A 123 -22.25 1.02 -8.26
N VAL A 124 -21.02 0.92 -8.74
CA VAL A 124 -20.29 -0.34 -8.74
C VAL A 124 -19.05 -0.28 -7.85
N ALA A 125 -18.91 -1.29 -6.98
CA ALA A 125 -17.70 -1.47 -6.20
C ALA A 125 -16.96 -2.73 -6.70
N LEU A 126 -15.80 -2.51 -7.32
CA LEU A 126 -15.03 -3.58 -7.93
C LEU A 126 -13.77 -3.87 -7.14
N ASN A 127 -13.59 -5.13 -6.77
CA ASN A 127 -12.37 -5.56 -6.08
C ASN A 127 -11.59 -6.54 -6.99
N ALA A 128 -10.29 -6.63 -6.79
CA ALA A 128 -9.46 -7.44 -7.64
C ALA A 128 -9.09 -8.73 -6.96
N ASN A 129 -9.57 -9.84 -7.54
CA ASN A 129 -9.15 -11.21 -7.21
C ASN A 129 -9.42 -11.70 -5.78
N ASN A 130 -10.40 -11.14 -5.08
CA ASN A 130 -10.65 -11.56 -3.71
C ASN A 130 -11.72 -12.62 -3.62
N SER A 131 -11.34 -13.84 -3.97
CA SER A 131 -12.28 -14.97 -4.05
C SER A 131 -13.07 -15.21 -2.76
N VAL A 132 -12.60 -14.69 -1.63
CA VAL A 132 -13.29 -14.90 -0.36
C VAL A 132 -14.70 -14.31 -0.40
N ALA A 133 -14.90 -13.29 -1.23
CA ALA A 133 -16.21 -12.65 -1.36
C ALA A 133 -17.17 -13.56 -2.13
N ILE A 134 -16.62 -14.37 -3.05
CA ILE A 134 -17.46 -15.32 -3.78
C ILE A 134 -17.95 -16.43 -2.84
N ARG A 135 -17.04 -17.04 -2.08
CA ARG A 135 -17.44 -18.03 -1.07
C ARG A 135 -18.47 -17.48 -0.15
N ASN A 136 -18.21 -16.26 0.32
CA ASN A 136 -19.12 -15.60 1.23
C ASN A 136 -20.51 -15.35 0.65
N THR A 137 -20.57 -14.75 -0.53
CA THR A 137 -21.82 -14.54 -1.23
C THR A 137 -22.59 -15.85 -1.34
N HIS A 138 -21.88 -16.91 -1.70
CA HIS A 138 -22.46 -18.24 -1.91
C HIS A 138 -23.09 -18.78 -0.62
N LEU A 139 -22.37 -18.65 0.49
CA LEU A 139 -22.85 -19.17 1.76
C LEU A 139 -24.08 -18.40 2.26
N LEU A 140 -24.05 -17.08 2.19
CA LEU A 140 -25.16 -16.27 2.66
C LEU A 140 -26.39 -16.51 1.80
N CYS A 141 -26.17 -16.75 0.53
CA CYS A 141 -27.28 -16.94 -0.37
C CYS A 141 -28.08 -18.23 -0.03
N TYR A 142 -27.42 -19.22 0.57
CA TYR A 142 -28.14 -20.38 1.07
C TYR A 142 -28.72 -20.14 2.47
N TYR A 143 -28.10 -19.28 3.29
CA TYR A 143 -28.78 -18.86 4.54
C TYR A 143 -30.06 -18.08 4.20
N SER A 144 -29.92 -17.16 3.26
CA SER A 144 -31.04 -16.36 2.77
C SER A 144 -32.20 -17.20 2.23
N SER A 145 -31.89 -18.41 1.74
CA SER A 145 -32.87 -19.24 1.02
C SER A 145 -33.45 -20.33 1.90
N TYR A 146 -32.75 -20.64 2.99
CA TYR A 146 -33.12 -21.75 3.85
C TYR A 146 -34.54 -21.68 4.43
N ASP A 147 -35.00 -20.47 4.74
CA ASP A 147 -36.28 -20.28 5.41
C ASP A 147 -36.84 -18.93 4.95
N TRP A 148 -38.13 -18.89 4.61
CA TRP A 148 -38.70 -17.68 4.01
C TRP A 148 -38.68 -16.47 4.95
N ARG A 149 -38.58 -16.68 6.25
CA ARG A 149 -38.62 -15.56 7.18
C ARG A 149 -37.29 -14.80 7.25
N VAL A 150 -36.20 -15.46 6.84
CA VAL A 150 -34.86 -14.88 6.99
C VAL A 150 -34.70 -13.52 6.28
N ARG A 151 -35.01 -13.47 4.99
CA ARG A 151 -34.82 -12.23 4.23
C ARG A 151 -35.69 -11.04 4.68
N PRO A 152 -36.98 -11.26 4.95
CA PRO A 152 -37.73 -10.08 5.42
C PRO A 152 -37.36 -9.64 6.81
N LEU A 153 -36.90 -10.54 7.66
CA LEU A 153 -36.37 -10.15 8.96
C LEU A 153 -35.17 -9.22 8.75
N VAL A 154 -34.30 -9.59 7.82
CA VAL A 154 -33.07 -8.85 7.57
C VAL A 154 -33.38 -7.47 6.96
N SER A 155 -34.33 -7.43 6.03
CA SER A 155 -34.76 -6.15 5.46
C SER A 155 -35.15 -5.10 6.51
N VAL A 156 -35.87 -5.52 7.53
CA VAL A 156 -36.40 -4.58 8.50
C VAL A 156 -35.38 -4.22 9.58
N VAL A 157 -34.61 -5.19 10.04
CA VAL A 157 -33.49 -4.91 10.91
C VAL A 157 -32.56 -3.87 10.28
N LYS A 158 -32.17 -4.11 9.02
CA LYS A 158 -31.35 -3.18 8.27
C LYS A 158 -31.91 -1.75 8.21
N GLU A 159 -33.21 -1.62 7.91
CA GLU A 159 -33.81 -0.30 7.80
C GLU A 159 -34.02 0.40 9.13
N TRP A 160 -34.46 -0.34 10.15
CA TRP A 160 -34.52 0.19 11.51
C TRP A 160 -33.18 0.82 11.88
N ALA A 161 -32.13 0.02 11.75
CA ALA A 161 -30.78 0.41 12.11
C ALA A 161 -30.28 1.61 11.27
N LYS A 162 -30.69 1.70 10.01
CA LYS A 162 -30.33 2.86 9.21
C LYS A 162 -30.91 4.13 9.85
N ARG A 163 -32.20 4.07 10.15
CA ARG A 163 -32.92 5.19 10.72
C ARG A 163 -32.38 5.59 12.08
N LYS A 164 -31.93 4.62 12.88
CA LYS A 164 -31.33 4.97 14.16
C LYS A 164 -29.85 5.36 14.03
N GLY A 165 -29.34 5.42 12.80
CA GLY A 165 -27.96 5.85 12.57
C GLY A 165 -26.94 4.82 13.00
N ILE A 166 -27.41 3.58 13.09
CA ILE A 166 -26.62 2.47 13.61
C ILE A 166 -26.00 1.69 12.44
N ASN A 167 -26.66 1.80 11.30
CA ASN A 167 -26.19 1.28 10.03
C ASN A 167 -25.95 2.45 9.07
N ASP A 168 -24.69 2.73 8.79
CA ASP A 168 -24.31 3.93 8.05
C ASP A 168 -22.99 3.69 7.32
N ALA A 169 -23.04 3.72 5.99
CA ALA A 169 -21.91 3.31 5.18
C ALA A 169 -20.79 4.34 5.19
N ASN A 170 -21.10 5.57 5.60
CA ASN A 170 -20.10 6.63 5.65
C ASN A 170 -19.25 6.59 6.92
N LYS A 171 -19.68 5.78 7.90
CA LYS A 171 -18.96 5.64 9.17
C LYS A 171 -18.34 4.27 9.37
N SER A 172 -17.06 4.28 9.71
CA SER A 172 -16.29 3.10 9.96
C SER A 172 -16.96 2.23 11.04
N SER A 173 -16.94 0.92 10.85
CA SER A 173 -17.50 -0.05 11.82
C SER A 173 -19.03 0.02 11.99
N PHE A 174 -19.71 0.83 11.19
CA PHE A 174 -21.17 0.96 11.24
C PHE A 174 -21.80 0.23 10.05
N THR A 175 -21.54 -1.05 9.99
CA THR A 175 -21.75 -1.84 8.78
C THR A 175 -23.12 -2.50 8.69
N SER A 176 -23.64 -2.67 7.49
CA SER A 176 -24.86 -3.46 7.30
C SER A 176 -24.54 -4.96 7.25
N TYR A 177 -23.39 -5.31 6.66
CA TYR A 177 -22.97 -6.72 6.57
C TYR A 177 -22.97 -7.45 7.91
N SER A 178 -22.41 -6.81 8.94
CA SER A 178 -22.42 -7.32 10.32
C SER A 178 -23.80 -7.62 10.86
N LEU A 179 -24.75 -6.72 10.61
CA LEU A 179 -26.14 -6.90 11.04
C LEU A 179 -26.73 -8.18 10.48
N VAL A 180 -26.37 -8.50 9.23
CA VAL A 180 -26.76 -9.77 8.63
C VAL A 180 -26.22 -10.93 9.45
N LEU A 181 -24.93 -10.88 9.79
CA LEU A 181 -24.34 -11.96 10.60
C LEU A 181 -25.01 -12.03 11.98
N MET A 182 -25.38 -10.88 12.53
CA MET A 182 -26.05 -10.84 13.83
C MET A 182 -27.44 -11.50 13.77
N VAL A 183 -28.16 -11.31 12.66
CA VAL A 183 -29.45 -11.95 12.48
C VAL A 183 -29.30 -13.46 12.30
N ILE A 184 -28.37 -13.88 11.45
CA ILE A 184 -28.11 -15.29 11.22
C ILE A 184 -27.68 -15.97 12.51
N HIS A 185 -26.89 -15.27 13.33
CA HIS A 185 -26.49 -15.84 14.62
C HIS A 185 -27.72 -16.07 15.50
N PHE A 186 -28.53 -15.02 15.64
CA PHE A 186 -29.76 -15.10 16.42
C PHE A 186 -30.65 -16.28 16.01
N LEU A 187 -30.87 -16.44 14.69
CA LEU A 187 -31.72 -17.50 14.17
C LEU A 187 -31.12 -18.90 14.36
N GLN A 188 -29.81 -18.95 14.55
CA GLN A 188 -29.15 -20.19 14.95
C GLN A 188 -29.18 -20.41 16.46
N CYS A 189 -28.98 -19.35 17.25
CA CYS A 189 -28.73 -19.55 18.69
C CYS A 189 -29.74 -18.92 19.63
N GLY A 190 -30.77 -18.29 19.10
CA GLY A 190 -31.80 -17.73 19.97
C GLY A 190 -32.83 -18.77 20.41
N PRO A 191 -33.95 -18.30 20.98
CA PRO A 191 -35.00 -19.18 21.51
C PRO A 191 -35.60 -20.11 20.47
N THR A 192 -35.73 -19.64 19.22
CA THR A 192 -36.23 -20.47 18.14
C THR A 192 -35.14 -20.83 17.13
N LYS A 193 -34.94 -22.13 16.90
CA LYS A 193 -33.94 -22.55 15.93
C LYS A 193 -34.50 -22.57 14.52
N VAL A 194 -34.23 -21.48 13.79
CA VAL A 194 -34.72 -21.29 12.44
C VAL A 194 -33.68 -21.71 11.39
N LEU A 195 -32.41 -21.64 11.76
CA LEU A 195 -31.31 -21.91 10.84
C LEU A 195 -30.33 -22.87 11.43
N PRO A 196 -29.81 -23.78 10.62
CA PRO A 196 -28.72 -24.63 11.05
C PRO A 196 -27.37 -23.92 10.88
N ASN A 197 -26.31 -24.62 11.23
CA ASN A 197 -24.95 -24.27 10.87
C ASN A 197 -24.59 -24.90 9.52
N LEU A 198 -24.80 -24.17 8.43
CA LEU A 198 -24.62 -24.74 7.10
C LEU A 198 -23.18 -25.17 6.85
N GLN A 199 -22.23 -24.58 7.56
CA GLN A 199 -20.83 -24.91 7.29
C GLN A 199 -20.45 -26.25 7.91
N GLN A 200 -21.21 -26.67 8.92
CA GLN A 200 -20.97 -27.96 9.58
C GLN A 200 -21.83 -29.08 8.99
N SER A 201 -23.05 -28.71 8.60
CA SER A 201 -24.03 -29.64 8.05
C SER A 201 -23.75 -30.03 6.59
N TYR A 202 -23.19 -29.09 5.85
CA TYR A 202 -22.85 -29.32 4.46
C TYR A 202 -21.45 -28.80 4.19
N PRO A 203 -20.44 -29.41 4.82
CA PRO A 203 -19.07 -28.92 4.60
C PRO A 203 -18.59 -29.26 3.20
N ASN A 204 -19.37 -30.03 2.46
CA ASN A 204 -19.04 -30.36 1.08
C ASN A 204 -19.42 -29.21 0.15
N ARG A 205 -20.56 -28.58 0.39
CA ARG A 205 -21.05 -27.47 -0.42
C ARG A 205 -20.30 -26.16 -0.15
N PHE A 206 -19.79 -26.01 1.06
CA PHE A 206 -19.31 -24.69 1.49
C PHE A 206 -17.85 -24.69 1.93
N SER A 207 -17.15 -25.77 1.58
CA SER A 207 -15.76 -25.98 1.97
C SER A 207 -14.84 -24.86 1.56
N ASN A 208 -14.01 -24.40 2.48
CA ASN A 208 -12.99 -23.38 2.18
C ASN A 208 -12.02 -23.89 1.11
N LYS A 209 -12.01 -25.21 0.92
CA LYS A 209 -11.01 -25.90 0.10
C LYS A 209 -11.38 -25.94 -1.38
N VAL A 210 -12.68 -25.82 -1.67
CA VAL A 210 -13.18 -26.04 -3.02
C VAL A 210 -12.94 -24.85 -3.96
N ASP A 211 -12.53 -25.14 -5.19
CA ASP A 211 -12.29 -24.12 -6.19
C ASP A 211 -13.61 -23.42 -6.48
N VAL A 212 -13.63 -22.09 -6.46
CA VAL A 212 -14.90 -21.37 -6.61
C VAL A 212 -15.51 -21.54 -7.99
N ARG A 213 -14.73 -22.09 -8.91
CA ARG A 213 -15.26 -22.38 -10.23
C ARG A 213 -16.12 -23.66 -10.24
N THR A 214 -16.08 -24.41 -9.15
CA THR A 214 -16.95 -25.60 -8.98
C THR A 214 -17.99 -25.44 -7.89
N LEU A 215 -18.22 -24.22 -7.38
CA LEU A 215 -19.20 -24.02 -6.31
C LEU A 215 -20.57 -24.39 -6.81
N ASN A 216 -21.33 -25.11 -6.01
CA ASN A 216 -22.67 -25.53 -6.44
C ASN A 216 -23.66 -24.38 -6.31
N VAL A 217 -24.21 -23.94 -7.44
CA VAL A 217 -25.22 -22.88 -7.40
C VAL A 217 -26.56 -23.25 -8.09
N THR A 218 -26.88 -24.54 -8.16
CA THR A 218 -28.09 -24.97 -8.85
C THR A 218 -28.93 -25.98 -8.08
N MET A 219 -28.36 -26.60 -7.05
CA MET A 219 -29.05 -27.63 -6.30
C MET A 219 -29.56 -27.20 -4.93
N ALA A 220 -30.78 -27.61 -4.62
CA ALA A 220 -31.34 -27.46 -3.29
C ALA A 220 -30.53 -28.22 -2.25
N LEU A 221 -30.79 -27.93 -0.99
CA LEU A 221 -30.12 -28.64 0.07
C LEU A 221 -30.87 -29.93 0.42
N GLU A 222 -30.16 -31.04 0.44
CA GLU A 222 -30.70 -32.27 1.02
C GLU A 222 -31.01 -32.01 2.48
N GLU A 223 -31.86 -32.82 3.08
CA GLU A 223 -32.16 -32.65 4.48
C GLU A 223 -31.16 -33.42 5.35
N VAL A 224 -31.03 -32.97 6.59
CA VAL A 224 -30.10 -33.57 7.54
C VAL A 224 -30.87 -34.07 8.76
N ALA A 225 -30.52 -35.28 9.19
CA ALA A 225 -31.21 -36.04 10.26
C ALA A 225 -31.93 -35.19 11.30
N ASP A 226 -31.16 -34.51 12.15
CA ASP A 226 -31.78 -33.78 13.24
C ASP A 226 -31.06 -32.47 13.53
N ASP A 227 -30.92 -31.61 12.52
CA ASP A 227 -30.26 -30.33 12.75
C ASP A 227 -31.25 -29.17 12.89
N ILE A 228 -32.41 -29.24 12.22
CA ILE A 228 -33.49 -28.28 12.47
C ILE A 228 -34.88 -28.94 12.46
N ASP A 229 -35.53 -28.98 13.62
CA ASP A 229 -36.91 -29.44 13.74
C ASP A 229 -37.85 -28.37 13.15
N GLN A 230 -38.02 -28.39 11.83
CA GLN A 230 -38.52 -27.20 11.12
C GLN A 230 -40.00 -26.83 11.30
N SER A 231 -40.75 -27.60 12.09
CA SER A 231 -42.15 -27.25 12.38
C SER A 231 -42.33 -26.76 13.82
N LEU A 232 -41.36 -27.06 14.67
CA LEU A 232 -41.24 -26.36 15.95
C LEU A 232 -40.81 -24.91 15.63
N SER A 233 -39.89 -24.77 14.69
CA SER A 233 -39.47 -23.48 14.20
C SER A 233 -40.62 -22.66 13.64
N GLU A 234 -41.57 -23.33 12.98
CA GLU A 234 -42.60 -22.60 12.25
C GLU A 234 -43.73 -22.15 13.17
N LYS A 235 -43.71 -22.63 14.41
CA LYS A 235 -44.66 -22.14 15.41
C LYS A 235 -44.38 -20.67 15.71
N THR A 236 -43.17 -20.21 15.39
CA THR A 236 -42.77 -18.85 15.72
C THR A 236 -43.01 -17.90 14.55
N THR A 237 -43.80 -16.86 14.80
CA THR A 237 -44.14 -15.93 13.75
C THR A 237 -42.99 -14.97 13.43
N LEU A 238 -43.07 -14.35 12.26
CA LEU A 238 -42.09 -13.39 11.83
C LEU A 238 -41.98 -12.27 12.86
N GLY A 239 -43.12 -11.67 13.18
CA GLY A 239 -43.22 -10.60 14.17
C GLY A 239 -42.48 -10.91 15.45
N GLU A 240 -42.65 -12.13 15.94
CA GLU A 240 -42.04 -12.52 17.19
C GLU A 240 -40.53 -12.73 17.02
N LEU A 241 -40.10 -13.06 15.81
CA LEU A 241 -38.67 -13.23 15.55
C LEU A 241 -37.97 -11.86 15.64
N LEU A 242 -38.62 -10.82 15.12
CA LEU A 242 -38.07 -9.48 15.20
C LEU A 242 -37.97 -9.05 16.67
N ILE A 243 -39.04 -9.25 17.42
CA ILE A 243 -39.05 -8.91 18.83
C ILE A 243 -37.95 -9.69 19.58
N GLY A 244 -37.80 -10.95 19.20
CA GLY A 244 -36.80 -11.81 19.82
C GLY A 244 -35.39 -11.36 19.49
N PHE A 245 -35.19 -10.90 18.25
CA PHE A 245 -33.92 -10.33 17.81
C PHE A 245 -33.55 -9.10 18.64
N LEU A 246 -34.51 -8.17 18.82
CA LEU A 246 -34.25 -6.98 19.62
C LEU A 246 -34.00 -7.36 21.08
N ASP A 247 -34.75 -8.35 21.56
CA ASP A 247 -34.59 -8.80 22.94
C ASP A 247 -33.21 -9.41 23.20
N TYR A 248 -32.78 -10.31 22.31
CA TYR A 248 -31.53 -11.05 22.49
C TYR A 248 -30.34 -10.09 22.55
N TYR A 249 -30.30 -9.11 21.66
CA TYR A 249 -29.16 -8.20 21.64
C TYR A 249 -29.26 -7.07 22.68
N ALA A 250 -30.46 -6.79 23.17
CA ALA A 250 -30.62 -5.73 24.18
C ALA A 250 -30.46 -6.25 25.61
N ASN A 251 -30.78 -7.53 25.86
CA ASN A 251 -30.90 -8.00 27.23
C ASN A 251 -30.21 -9.35 27.50
N GLU A 252 -29.90 -10.13 26.46
CA GLU A 252 -29.22 -11.41 26.70
C GLU A 252 -27.73 -11.36 26.41
N PHE A 253 -27.35 -10.86 25.24
CA PHE A 253 -25.98 -10.93 24.79
C PHE A 253 -25.05 -10.09 25.67
N ASN A 254 -23.98 -10.71 26.16
CA ASN A 254 -22.95 -10.02 26.91
C ASN A 254 -21.76 -9.65 26.02
N TYR A 255 -21.69 -8.41 25.58
CA TYR A 255 -20.69 -8.01 24.61
C TYR A 255 -19.27 -7.99 25.17
N ASP A 256 -19.12 -8.02 26.49
CA ASP A 256 -17.79 -8.10 27.11
C ASP A 256 -17.22 -9.51 27.06
N ARG A 257 -18.07 -10.51 27.22
CA ARG A 257 -17.60 -11.89 27.31
C ARG A 257 -17.81 -12.68 26.02
N ASP A 258 -18.94 -12.44 25.36
CA ASP A 258 -19.33 -13.23 24.20
C ASP A 258 -18.88 -12.64 22.86
N ALA A 259 -18.70 -13.52 21.89
CA ALA A 259 -18.39 -13.17 20.52
C ALA A 259 -19.27 -14.02 19.60
N ILE A 260 -19.36 -13.65 18.33
CA ILE A 260 -20.23 -14.41 17.43
C ILE A 260 -19.47 -15.17 16.34
N SER A 261 -19.67 -16.49 16.32
CA SER A 261 -19.18 -17.30 15.22
C SER A 261 -20.31 -18.00 14.46
N ILE A 262 -20.44 -17.69 13.18
CA ILE A 262 -21.42 -18.30 12.31
C ILE A 262 -20.91 -19.67 11.83
N ARG A 263 -19.58 -19.79 11.72
CA ARG A 263 -18.95 -21.00 11.20
C ARG A 263 -19.03 -22.13 12.22
N GLN A 264 -18.59 -21.85 13.44
CA GLN A 264 -18.97 -22.62 14.60
C GLN A 264 -20.39 -22.17 14.79
N GLY A 265 -21.25 -22.87 15.47
CA GLY A 265 -22.62 -22.39 15.41
C GLY A 265 -23.07 -21.81 16.72
N ARG A 266 -22.23 -20.95 17.29
CA ARG A 266 -22.42 -20.59 18.67
C ARG A 266 -21.76 -19.29 19.03
N ARG A 267 -22.12 -18.79 20.20
CA ARG A 267 -21.39 -17.69 20.80
C ARG A 267 -20.14 -18.30 21.43
N VAL A 268 -19.06 -17.52 21.48
CA VAL A 268 -17.79 -18.01 22.03
C VAL A 268 -17.26 -17.01 23.05
N GLU A 269 -16.41 -17.48 23.95
CA GLU A 269 -15.84 -16.61 24.97
C GLU A 269 -14.64 -15.84 24.41
N ARG A 270 -14.72 -14.50 24.44
CA ARG A 270 -13.67 -13.66 23.85
C ARG A 270 -12.29 -14.04 24.41
N ALA A 271 -11.71 -15.08 23.82
CA ALA A 271 -10.47 -15.66 24.29
C ALA A 271 -9.69 -16.32 23.14
N PRO A 276 -6.67 -18.14 12.28
CA PRO A 276 -6.82 -18.11 10.82
C PRO A 276 -8.03 -17.29 10.33
N HIS A 277 -9.07 -17.16 11.15
CA HIS A 277 -10.25 -16.36 10.76
C HIS A 277 -10.21 -14.97 11.38
N PHE A 278 -10.56 -13.98 10.59
CA PHE A 278 -10.58 -12.59 11.03
C PHE A 278 -11.85 -12.33 11.84
N TRP A 279 -11.72 -11.57 12.93
CA TRP A 279 -12.85 -11.15 13.74
C TRP A 279 -13.15 -9.67 13.51
N ARG A 280 -14.39 -9.37 13.15
CA ARG A 280 -14.79 -8.00 12.94
C ARG A 280 -15.26 -7.39 14.26
N SER A 281 -15.18 -6.08 14.45
CA SER A 281 -15.89 -5.51 15.60
C SER A 281 -16.85 -4.45 15.17
N GLN A 282 -18.12 -4.83 15.16
CA GLN A 282 -19.19 -3.90 14.86
C GLN A 282 -19.31 -2.85 15.98
N TRP A 283 -19.17 -1.57 15.60
CA TRP A 283 -19.20 -0.44 16.54
C TRP A 283 -18.07 -0.56 17.55
N ARG A 284 -17.06 -1.35 17.21
CA ARG A 284 -15.92 -1.66 18.06
C ARG A 284 -16.24 -2.43 19.36
N CYS A 285 -17.47 -2.96 19.49
CA CYS A 285 -17.87 -3.76 20.67
C CYS A 285 -18.39 -5.15 20.37
N VAL A 286 -19.07 -5.34 19.25
CA VAL A 286 -19.60 -6.65 18.92
C VAL A 286 -18.65 -7.44 18.03
N CYS A 287 -17.87 -8.30 18.66
CA CYS A 287 -16.88 -9.10 17.98
C CYS A 287 -17.57 -10.26 17.21
N ILE A 288 -17.32 -10.33 15.90
CA ILE A 288 -18.00 -11.25 14.95
C ILE A 288 -17.05 -11.95 13.95
N GLU A 289 -17.00 -13.26 14.01
CA GLU A 289 -16.09 -14.02 13.15
C GLU A 289 -16.58 -14.12 11.70
N GLU A 290 -15.70 -13.84 10.77
CA GLU A 290 -15.97 -14.10 9.35
C GLU A 290 -16.00 -15.62 9.06
N PRO A 291 -17.07 -16.10 8.39
CA PRO A 291 -17.19 -17.52 8.04
C PRO A 291 -16.03 -18.05 7.20
N PHE A 292 -15.33 -17.16 6.49
CA PHE A 292 -14.23 -17.57 5.61
C PHE A 292 -12.93 -16.80 5.88
N THR A 293 -11.81 -17.51 5.75
CA THR A 293 -10.51 -16.93 6.07
C THR A 293 -10.09 -15.88 5.06
N ALA A 298 -9.84 -5.34 24.08
CA ALA A 298 -9.87 -4.06 24.80
C ALA A 298 -10.20 -2.86 23.90
N HIS A 299 -10.97 -1.97 24.52
CA HIS A 299 -11.83 -0.94 23.96
C HIS A 299 -11.29 0.50 24.24
N SER A 300 -11.35 1.41 23.27
CA SER A 300 -10.99 2.80 23.55
C SER A 300 -11.92 3.30 24.64
N ILE A 301 -11.46 4.25 25.45
CA ILE A 301 -12.36 4.84 26.44
C ILE A 301 -13.47 5.66 25.77
N TYR A 302 -13.24 6.10 24.53
CA TYR A 302 -14.25 6.83 23.77
C TYR A 302 -15.27 5.92 23.07
N ASP A 303 -14.92 4.64 22.91
CA ASP A 303 -15.86 3.67 22.34
C ASP A 303 -17.02 3.47 23.30
N GLU A 304 -16.73 3.51 24.61
CA GLU A 304 -17.69 3.22 25.66
C GLU A 304 -18.92 4.09 25.58
N MET A 305 -18.72 5.36 25.27
CA MET A 305 -19.84 6.26 25.04
C MET A 305 -20.75 5.71 23.96
N VAL A 306 -20.17 5.37 22.81
CA VAL A 306 -20.92 4.90 21.64
C VAL A 306 -21.59 3.56 21.93
N PHE A 307 -20.87 2.66 22.61
CA PHE A 307 -21.42 1.37 22.99
C PHE A 307 -22.76 1.57 23.68
N GLU A 308 -22.76 2.48 24.65
CA GLU A 308 -23.92 2.69 25.51
C GLU A 308 -25.10 3.24 24.73
N ALA A 309 -24.82 4.07 23.73
CA ALA A 309 -25.85 4.48 22.78
C ALA A 309 -26.40 3.29 21.97
N ILE A 310 -25.53 2.35 21.56
CA ILE A 310 -25.99 1.21 20.75
C ILE A 310 -26.93 0.37 21.57
N LYS A 311 -26.51 0.02 22.79
CA LYS A 311 -27.30 -0.83 23.67
C LYS A 311 -28.63 -0.17 23.99
N LYS A 312 -28.60 1.13 24.25
CA LYS A 312 -29.80 1.88 24.56
C LYS A 312 -30.79 1.80 23.42
N ALA A 313 -30.34 2.13 22.22
CA ALA A 313 -31.13 2.00 21.00
C ALA A 313 -31.83 0.62 20.90
N PHE A 314 -31.11 -0.46 21.21
CA PHE A 314 -31.71 -1.80 21.18
C PHE A 314 -32.76 -1.98 22.27
N ARG A 315 -32.43 -1.56 23.49
CA ARG A 315 -33.35 -1.66 24.64
C ARG A 315 -34.65 -0.93 24.35
N GLU A 316 -34.52 0.27 23.78
CA GLU A 316 -35.68 1.08 23.41
C GLU A 316 -36.50 0.45 22.30
N ALA A 317 -35.84 -0.04 21.25
CA ALA A 317 -36.55 -0.71 20.17
C ALA A 317 -37.27 -1.98 20.66
N HIS A 318 -36.66 -2.69 21.60
CA HIS A 318 -37.30 -3.89 22.10
C HIS A 318 -38.51 -3.52 22.96
N GLY A 319 -38.33 -2.55 23.86
CA GLY A 319 -39.43 -2.05 24.65
C GLY A 319 -40.59 -1.60 23.79
N GLU A 320 -40.32 -0.75 22.80
CA GLU A 320 -41.39 -0.22 21.95
C GLU A 320 -42.15 -1.33 21.25
N LEU A 321 -41.42 -2.18 20.54
CA LEU A 321 -42.03 -3.17 19.66
C LEU A 321 -42.73 -4.28 20.43
N GLN A 322 -42.15 -4.69 21.55
CA GLN A 322 -42.76 -5.70 22.40
C GLN A 322 -44.08 -5.19 22.95
N HIS A 323 -44.15 -3.89 23.21
CA HIS A 323 -45.34 -3.33 23.83
C HIS A 323 -46.47 -3.07 22.84
N ASN A 324 -46.18 -2.36 21.75
CA ASN A 324 -47.22 -2.02 20.78
C ASN A 324 -47.27 -2.85 19.49
N HIS A 325 -46.31 -3.75 19.28
CA HIS A 325 -46.31 -4.61 18.09
C HIS A 325 -46.46 -3.84 16.79
N ASP A 326 -46.06 -2.57 16.83
CA ASP A 326 -46.38 -1.62 15.77
C ASP A 326 -45.13 -1.27 14.95
N LEU A 327 -45.04 -1.81 13.75
CA LEU A 327 -43.82 -1.68 12.95
C LEU A 327 -43.52 -0.25 12.51
N ASP A 328 -44.56 0.49 12.16
CA ASP A 328 -44.36 1.86 11.69
C ASP A 328 -43.99 2.82 12.83
N LYS A 329 -44.30 2.45 14.06
CA LYS A 329 -43.88 3.25 15.20
C LYS A 329 -42.40 2.99 15.49
N LEU A 330 -42.01 1.71 15.45
CA LEU A 330 -40.61 1.29 15.52
C LEU A 330 -39.74 2.01 14.48
N MET A 331 -40.27 2.10 13.26
CA MET A 331 -39.52 2.66 12.15
C MET A 331 -39.59 4.17 12.11
N GLU A 332 -40.38 4.76 13.01
CA GLU A 332 -40.48 6.21 13.04
C GLU A 332 -39.59 6.77 14.14
N CYS A 333 -38.59 5.99 14.53
CA CYS A 333 -37.59 6.43 15.50
C CYS A 333 -36.72 7.51 14.88
N GLU A 334 -35.85 8.09 15.70
CA GLU A 334 -34.90 9.10 15.20
C GLU A 334 -33.50 8.72 15.67
N PRO A 335 -32.47 9.19 14.95
CA PRO A 335 -31.07 8.81 15.14
C PRO A 335 -30.49 8.90 16.55
N ILE A 336 -29.18 8.74 16.62
CA ILE A 336 -28.46 8.66 17.89
C ILE A 336 -27.52 9.84 18.07
N LYS A 337 -27.71 10.57 19.17
CA LYS A 337 -26.88 11.74 19.46
C LYS A 337 -25.44 11.30 19.72
N GLY B 1 -20.07 42.63 -27.06
CA GLY B 1 -19.89 44.02 -27.47
C GLY B 1 -18.44 44.48 -27.52
N ALA B 2 -18.05 45.32 -26.58
CA ALA B 2 -16.72 45.92 -26.58
C ALA B 2 -15.70 45.11 -25.78
N MET B 3 -14.42 45.34 -26.05
CA MET B 3 -13.35 44.75 -25.25
C MET B 3 -13.32 45.28 -23.80
N ASP B 4 -13.94 46.44 -23.56
CA ASP B 4 -14.08 46.98 -22.20
C ASP B 4 -15.31 46.35 -21.54
N VAL B 5 -16.33 46.07 -22.34
CA VAL B 5 -17.53 45.43 -21.83
C VAL B 5 -17.23 43.96 -21.48
N LEU B 6 -16.49 43.30 -22.37
CA LEU B 6 -16.05 41.94 -22.12
C LEU B 6 -15.07 41.88 -20.95
N SER B 7 -14.25 42.92 -20.78
CA SER B 7 -13.33 42.91 -19.66
C SER B 7 -14.08 43.03 -18.34
N GLU B 8 -15.19 43.75 -18.35
CA GLU B 8 -15.93 43.92 -17.10
C GLU B 8 -16.80 42.70 -16.83
N LYS B 9 -17.24 42.02 -17.87
CA LYS B 9 -18.04 40.82 -17.66
C LYS B 9 -17.16 39.72 -17.04
N ILE B 10 -15.91 39.65 -17.47
CA ILE B 10 -14.94 38.73 -16.90
C ILE B 10 -14.70 39.05 -15.42
N TRP B 11 -14.42 40.31 -15.15
CA TRP B 11 -14.23 40.78 -13.80
C TRP B 11 -15.43 40.51 -12.89
N ASP B 12 -16.63 40.80 -13.41
CA ASP B 12 -17.88 40.58 -12.68
C ASP B 12 -18.01 39.14 -12.24
N TYR B 13 -17.80 38.25 -13.21
CA TYR B 13 -17.96 36.82 -12.98
C TYR B 13 -17.00 36.31 -11.91
N HIS B 14 -15.74 36.75 -12.02
CA HIS B 14 -14.74 36.51 -10.98
C HIS B 14 -15.30 36.82 -9.60
N ASN B 15 -15.72 38.06 -9.38
CA ASN B 15 -16.19 38.50 -8.07
C ASN B 15 -17.38 37.68 -7.61
N LYS B 16 -18.20 37.23 -8.56
CA LYS B 16 -19.35 36.41 -8.21
C LYS B 16 -18.90 35.07 -7.59
N VAL B 17 -17.98 34.35 -8.22
CA VAL B 17 -17.66 32.99 -7.74
C VAL B 17 -16.42 32.89 -6.85
N SER B 18 -15.68 34.00 -6.70
CA SER B 18 -14.42 33.98 -5.98
C SER B 18 -14.60 33.70 -4.49
N GLN B 19 -13.64 33.02 -3.86
CA GLN B 19 -13.81 32.63 -2.47
C GLN B 19 -13.92 33.85 -1.57
N THR B 20 -15.04 33.99 -0.90
CA THR B 20 -15.27 35.13 -0.01
C THR B 20 -14.49 34.99 1.29
N ASP B 21 -14.38 36.11 2.01
CA ASP B 21 -13.72 36.19 3.31
C ASP B 21 -14.48 35.43 4.37
N GLU B 22 -15.80 35.45 4.27
CA GLU B 22 -16.65 34.78 5.24
C GLU B 22 -16.35 33.27 5.15
N MET B 23 -16.31 32.75 3.93
CA MET B 23 -15.97 31.35 3.68
C MET B 23 -14.55 31.03 4.16
N LEU B 24 -13.60 31.92 3.91
CA LEU B 24 -12.24 31.65 4.34
C LEU B 24 -12.14 31.55 5.86
N GLN B 25 -12.88 32.40 6.56
CA GLN B 25 -12.85 32.40 8.01
C GLN B 25 -13.50 31.12 8.56
N ARG B 26 -14.60 30.71 7.95
CA ARG B 26 -15.27 29.47 8.34
C ARG B 26 -14.36 28.26 8.15
N LYS B 27 -13.66 28.18 7.03
CA LYS B 27 -12.72 27.09 6.79
C LYS B 27 -11.59 27.09 7.82
N LEU B 28 -11.08 28.29 8.11
CA LEU B 28 -9.99 28.43 9.09
C LEU B 28 -10.41 28.02 10.49
N HIS B 29 -11.67 28.27 10.84
CA HIS B 29 -12.18 27.85 12.13
C HIS B 29 -12.38 26.33 12.20
N LEU B 30 -12.89 25.76 11.11
CA LEU B 30 -13.00 24.33 10.96
C LEU B 30 -11.63 23.67 11.03
N ARG B 31 -10.61 24.29 10.42
CA ARG B 31 -9.28 23.70 10.49
C ARG B 31 -8.83 23.65 11.95
N ASP B 32 -9.10 24.73 12.68
CA ASP B 32 -8.77 24.81 14.11
C ASP B 32 -9.43 23.74 14.94
N MET B 33 -10.71 23.51 14.70
CA MET B 33 -11.43 22.42 15.35
C MET B 33 -10.83 21.03 15.07
N LEU B 34 -10.44 20.78 13.82
CA LEU B 34 -9.84 19.50 13.45
C LEU B 34 -8.50 19.36 14.14
N TYR B 35 -7.78 20.47 14.27
CA TYR B 35 -6.47 20.41 14.88
C TYR B 35 -6.56 20.02 16.34
N THR B 36 -7.61 20.49 17.04
CA THR B 36 -7.67 20.20 18.46
C THR B 36 -8.06 18.74 18.63
N ALA B 37 -8.80 18.18 17.68
CA ALA B 37 -9.14 16.76 17.70
C ALA B 37 -7.92 15.88 17.44
N ILE B 38 -6.97 16.38 16.65
CA ILE B 38 -5.82 15.61 16.15
C ILE B 38 -4.65 15.73 17.09
N SER B 39 -4.62 16.85 17.79
CA SER B 39 -3.51 17.23 18.65
C SER B 39 -3.08 16.15 19.67
N PRO B 40 -4.01 15.53 20.43
CA PRO B 40 -3.56 14.49 21.38
C PRO B 40 -2.77 13.34 20.75
N VAL B 41 -2.99 13.08 19.46
CA VAL B 41 -2.28 12.02 18.74
C VAL B 41 -0.98 12.50 18.11
N PHE B 42 -0.95 13.78 17.72
CA PHE B 42 0.23 14.37 17.12
C PHE B 42 0.49 15.77 17.70
N PRO B 43 1.05 15.84 18.92
CA PRO B 43 1.08 17.11 19.67
C PRO B 43 2.01 18.21 19.11
N LEU B 44 2.96 17.90 18.22
CA LEU B 44 3.84 18.94 17.68
C LEU B 44 3.59 19.20 16.19
N SER B 45 2.58 18.54 15.65
CA SER B 45 2.23 18.70 14.24
C SER B 45 1.59 20.07 13.99
N GLY B 46 1.56 20.48 12.72
CA GLY B 46 0.79 21.63 12.34
C GLY B 46 -0.02 21.37 11.10
N LEU B 47 -1.26 21.82 11.12
CA LEU B 47 -2.21 21.60 10.05
C LEU B 47 -2.26 22.81 9.09
N TYR B 48 -1.52 22.74 7.97
CA TYR B 48 -1.45 23.82 6.97
C TYR B 48 -2.62 23.82 5.99
N VAL B 49 -3.06 25.00 5.58
CA VAL B 49 -4.06 25.08 4.51
C VAL B 49 -3.31 25.20 3.21
N VAL B 50 -3.64 24.31 2.26
CA VAL B 50 -2.91 24.22 1.01
C VAL B 50 -3.89 24.21 -0.17
N GLY B 51 -3.41 24.55 -1.36
CA GLY B 51 -4.26 24.56 -2.53
C GLY B 51 -5.29 25.69 -2.62
N SER B 52 -6.40 25.44 -3.31
CA SER B 52 -7.45 26.39 -3.62
C SER B 52 -7.85 27.38 -2.53
N SER B 53 -7.94 26.90 -1.31
CA SER B 53 -8.43 27.72 -0.22
C SER B 53 -7.47 28.88 0.07
N LEU B 54 -6.20 28.71 -0.26
CA LEU B 54 -5.21 29.71 0.12
C LEU B 54 -4.32 30.17 -1.03
N ASN B 55 -4.40 29.55 -2.20
CA ASN B 55 -3.41 29.87 -3.25
C ASN B 55 -3.87 30.98 -4.19
N GLY B 56 -4.99 31.61 -3.88
CA GLY B 56 -5.51 32.72 -4.65
C GLY B 56 -6.49 32.36 -5.75
N PHE B 57 -6.59 31.09 -6.09
CA PHE B 57 -7.33 30.72 -7.28
C PHE B 57 -8.61 30.00 -6.94
N GLY B 58 -8.90 29.88 -5.65
CA GLY B 58 -10.10 29.21 -5.22
C GLY B 58 -11.40 29.94 -5.52
N ASN B 59 -12.48 29.16 -5.55
CA ASN B 59 -13.82 29.69 -5.64
C ASN B 59 -14.59 29.26 -4.40
N ASN B 60 -15.85 29.70 -4.26
CA ASN B 60 -16.58 29.48 -3.03
C ASN B 60 -17.03 28.02 -2.77
N SER B 61 -16.90 27.15 -3.76
CA SER B 61 -17.21 25.75 -3.52
C SER B 61 -15.95 24.87 -3.46
N SER B 62 -14.78 25.51 -3.43
CA SER B 62 -13.51 24.78 -3.35
C SER B 62 -13.37 23.95 -2.08
N ASP B 63 -12.73 22.78 -2.18
CA ASP B 63 -12.46 21.99 -0.98
C ASP B 63 -11.44 22.70 -0.13
N MET B 64 -11.50 22.48 1.17
CA MET B 64 -10.41 22.89 2.01
C MET B 64 -9.37 21.78 2.04
N ASP B 65 -8.32 21.93 1.25
CA ASP B 65 -7.23 20.95 1.27
C ASP B 65 -6.28 21.23 2.42
N LEU B 66 -5.98 20.18 3.20
CA LEU B 66 -5.15 20.32 4.39
C LEU B 66 -3.92 19.44 4.27
N CYS B 67 -2.87 19.84 4.95
CA CYS B 67 -1.63 19.10 4.95
C CYS B 67 -1.12 19.08 6.37
N LEU B 68 -1.10 17.88 6.96
CA LEU B 68 -0.68 17.71 8.33
C LEU B 68 0.82 17.50 8.33
N MET B 69 1.58 18.42 8.89
CA MET B 69 3.02 18.26 8.87
C MET B 69 3.45 17.68 10.22
N ILE B 70 4.22 16.60 10.18
CA ILE B 70 4.54 15.91 11.41
C ILE B 70 6.03 15.81 11.62
N THR B 71 6.76 15.66 10.53
CA THR B 71 8.18 15.38 10.65
C THR B 71 8.94 15.91 9.44
N ASN B 72 10.18 16.33 9.66
CA ASN B 72 10.98 16.80 8.53
C ASN B 72 11.48 15.62 7.70
N LYS B 73 11.38 14.41 8.23
CA LYS B 73 11.78 13.24 7.47
C LYS B 73 10.72 12.98 6.39
N ASP B 74 11.13 12.31 5.34
CA ASP B 74 10.19 11.82 4.34
C ASP B 74 9.28 10.76 4.97
N LEU B 75 7.98 10.89 4.73
CA LEU B 75 6.99 9.90 5.13
C LEU B 75 6.56 9.09 3.91
N ASP B 76 6.83 7.79 3.92
CA ASP B 76 6.45 6.92 2.81
C ASP B 76 4.95 6.99 2.54
N GLN B 77 4.56 7.32 1.31
CA GLN B 77 3.14 7.47 0.99
C GLN B 77 2.41 6.17 0.59
N LYS B 78 3.13 5.13 0.19
CA LYS B 78 2.47 3.88 -0.20
C LYS B 78 1.87 3.16 0.99
N ASN B 79 2.54 3.19 2.14
CA ASN B 79 2.04 2.46 3.32
C ASN B 79 1.92 3.30 4.58
N ASP B 80 3.03 3.94 5.00
CA ASP B 80 3.08 4.72 6.23
C ASP B 80 1.97 5.79 6.28
N ALA B 81 1.74 6.50 5.19
CA ALA B 81 0.77 7.59 5.24
C ALA B 81 -0.66 7.05 5.42
N VAL B 82 -0.91 5.83 4.95
CA VAL B 82 -2.22 5.20 5.10
C VAL B 82 -2.47 4.82 6.56
N VAL B 83 -1.44 4.32 7.20
CA VAL B 83 -1.48 4.08 8.64
C VAL B 83 -1.78 5.39 9.42
N VAL B 84 -1.08 6.48 9.09
CA VAL B 84 -1.34 7.78 9.72
C VAL B 84 -2.76 8.28 9.47
N LEU B 85 -3.20 8.27 8.21
CA LEU B 85 -4.54 8.76 7.88
C LEU B 85 -5.62 7.89 8.52
N ASN B 86 -5.34 6.60 8.63
CA ASN B 86 -6.30 5.70 9.24
C ASN B 86 -6.40 5.92 10.75
N LEU B 87 -5.24 6.20 11.35
CA LEU B 87 -5.22 6.57 12.75
C LEU B 87 -6.02 7.87 12.96
N ILE B 88 -5.84 8.87 12.08
CA ILE B 88 -6.56 10.14 12.20
C ILE B 88 -8.05 9.95 11.96
N LEU B 89 -8.37 9.03 11.05
CA LEU B 89 -9.76 8.64 10.81
C LEU B 89 -10.43 8.12 12.09
N SER B 90 -9.76 7.21 12.78
CA SER B 90 -10.26 6.69 14.08
C SER B 90 -10.47 7.79 15.13
N THR B 91 -9.51 8.71 15.21
CA THR B 91 -9.63 9.81 16.16
C THR B 91 -10.84 10.69 15.83
N LEU B 92 -11.00 11.08 14.57
CA LEU B 92 -12.05 12.03 14.18
C LEU B 92 -13.48 11.47 14.22
N GLN B 93 -13.59 10.14 14.26
CA GLN B 93 -14.89 9.50 14.22
C GLN B 93 -15.68 9.82 15.47
N TYR B 94 -14.97 10.00 16.59
CA TYR B 94 -15.61 10.33 17.86
C TYR B 94 -16.15 11.77 17.93
N GLU B 95 -15.69 12.63 17.03
CA GLU B 95 -16.09 14.04 17.04
C GLU B 95 -17.49 14.28 16.46
N LYS B 96 -18.33 15.02 17.19
CA LYS B 96 -19.70 15.30 16.75
C LYS B 96 -19.82 16.18 15.49
N PHE B 97 -18.81 16.97 15.17
CA PHE B 97 -18.90 17.78 13.96
C PHE B 97 -18.50 16.99 12.71
N VAL B 98 -17.87 15.84 12.90
CA VAL B 98 -17.49 15.00 11.77
C VAL B 98 -18.63 14.02 11.49
N GLU B 99 -19.13 14.01 10.25
CA GLU B 99 -20.28 13.18 9.88
C GLU B 99 -19.90 11.95 9.05
N SER B 100 -18.75 12.01 8.39
CA SER B 100 -18.47 11.07 7.33
C SER B 100 -17.02 11.18 6.86
N GLN B 101 -16.36 10.04 6.71
CA GLN B 101 -14.97 10.00 6.25
C GLN B 101 -14.73 8.86 5.30
N LYS B 102 -13.67 9.00 4.49
CA LYS B 102 -13.30 8.05 3.47
C LYS B 102 -11.82 8.22 3.08
N LEU B 103 -11.15 7.10 2.85
CA LEU B 103 -9.77 7.09 2.38
C LEU B 103 -9.72 6.87 0.88
N ILE B 104 -9.33 7.86 0.09
CA ILE B 104 -9.18 7.61 -1.33
C ILE B 104 -7.71 7.63 -1.72
N LEU B 105 -7.42 7.10 -2.90
CA LEU B 105 -6.08 7.10 -3.45
C LEU B 105 -6.02 8.10 -4.60
N ALA B 106 -5.39 9.26 -4.37
CA ALA B 106 -5.10 10.21 -5.42
C ALA B 106 -3.63 10.03 -5.77
N LYS B 107 -2.91 11.09 -6.19
CA LYS B 107 -1.47 10.92 -6.44
C LYS B 107 -0.81 10.55 -5.11
N VAL B 108 -1.51 10.82 -4.03
CA VAL B 108 -1.02 10.44 -2.73
C VAL B 108 -2.29 9.99 -1.96
N PRO B 109 -2.17 9.24 -0.85
CA PRO B 109 -3.37 8.91 -0.06
C PRO B 109 -4.01 10.19 0.51
N ILE B 110 -5.33 10.22 0.59
CA ILE B 110 -6.08 11.42 0.94
C ILE B 110 -7.29 11.08 1.79
N LEU B 111 -7.41 11.73 2.93
CA LEU B 111 -8.56 11.56 3.79
C LEU B 111 -9.63 12.58 3.46
N ARG B 112 -10.78 12.11 2.99
CA ARG B 112 -11.92 12.98 2.69
C ARG B 112 -12.84 13.01 3.87
N ILE B 113 -13.27 14.23 4.24
CA ILE B 113 -14.13 14.43 5.40
C ILE B 113 -15.30 15.33 5.09
N ASN B 114 -16.47 14.95 5.57
CA ASN B 114 -17.64 15.81 5.53
C ASN B 114 -18.17 16.08 6.92
N PHE B 115 -19.01 17.08 7.05
CA PHE B 115 -19.28 17.64 8.37
C PHE B 115 -20.75 17.89 8.64
N ALA B 116 -21.08 17.98 9.92
CA ALA B 116 -22.42 18.31 10.37
C ALA B 116 -22.68 19.80 10.13
N ALA B 117 -23.95 20.20 10.12
CA ALA B 117 -24.27 21.62 10.14
C ALA B 117 -23.56 22.25 11.34
N PRO B 118 -23.03 23.47 11.18
CA PRO B 118 -23.15 24.36 10.01
C PRO B 118 -21.96 24.31 9.05
N PHE B 119 -21.22 23.21 8.96
CA PHE B 119 -20.09 23.15 8.05
C PHE B 119 -20.30 22.17 6.91
N ASP B 120 -21.54 21.72 6.72
CA ASP B 120 -21.80 20.66 5.75
C ASP B 120 -21.60 21.06 4.28
N ASP B 121 -21.33 22.33 4.00
CA ASP B 121 -21.02 22.73 2.63
C ASP B 121 -19.51 22.70 2.36
N ILE B 122 -18.72 22.49 3.41
CA ILE B 122 -17.28 22.34 3.26
C ILE B 122 -16.87 20.89 3.27
N THR B 123 -16.10 20.46 2.28
CA THR B 123 -15.47 19.15 2.28
C THR B 123 -13.97 19.32 2.54
N VAL B 124 -13.36 18.43 3.32
CA VAL B 124 -11.93 18.52 3.55
C VAL B 124 -11.18 17.39 2.87
N ALA B 125 -10.02 17.72 2.30
CA ALA B 125 -9.08 16.76 1.75
C ALA B 125 -7.75 16.83 2.49
N LEU B 126 -7.45 15.83 3.31
CA LEU B 126 -6.26 15.85 4.16
C LEU B 126 -5.20 14.88 3.67
N ASN B 127 -3.97 15.36 3.41
CA ASN B 127 -2.82 14.49 3.14
C ASN B 127 -1.83 14.48 4.34
N ALA B 128 -0.97 13.48 4.40
CA ALA B 128 -0.03 13.34 5.50
C ALA B 128 1.37 13.73 5.10
N ASN B 129 1.82 14.86 5.66
CA ASN B 129 3.23 15.23 5.61
C ASN B 129 3.82 15.54 4.24
N ASN B 130 3.00 15.89 3.26
CA ASN B 130 3.55 16.22 1.94
C ASN B 130 3.82 17.70 1.78
N SER B 131 5.01 18.13 2.19
CA SER B 131 5.34 19.55 2.24
C SER B 131 5.47 20.20 0.86
N VAL B 132 5.48 19.38 -0.21
CA VAL B 132 5.52 19.91 -1.56
C VAL B 132 4.26 20.77 -1.85
N ALA B 133 3.13 20.42 -1.24
CA ALA B 133 1.91 21.17 -1.48
C ALA B 133 1.98 22.54 -0.79
N ILE B 134 2.72 22.60 0.32
CA ILE B 134 2.90 23.89 1.00
C ILE B 134 3.72 24.86 0.11
N ARG B 135 4.86 24.40 -0.43
CA ARG B 135 5.65 25.18 -1.38
C ARG B 135 4.86 25.59 -2.61
N ASN B 136 4.17 24.62 -3.22
CA ASN B 136 3.29 24.89 -4.33
C ASN B 136 2.32 26.04 -4.01
N THR B 137 1.68 25.92 -2.86
CA THR B 137 0.65 26.85 -2.46
C THR B 137 1.23 28.23 -2.25
N HIS B 138 2.44 28.27 -1.71
CA HIS B 138 3.17 29.49 -1.46
C HIS B 138 3.49 30.21 -2.79
N LEU B 139 3.91 29.44 -3.80
CA LEU B 139 4.33 29.97 -5.08
C LEU B 139 3.16 30.48 -5.91
N LEU B 140 2.13 29.67 -6.02
CA LEU B 140 0.94 30.07 -6.72
C LEU B 140 0.28 31.30 -6.08
N CYS B 141 0.43 31.46 -4.76
CA CYS B 141 -0.12 32.64 -4.13
C CYS B 141 0.60 33.92 -4.60
N TYR B 142 1.91 33.88 -4.80
CA TYR B 142 2.60 35.05 -5.32
C TYR B 142 2.30 35.28 -6.80
N TYR B 143 2.05 34.22 -7.56
CA TYR B 143 1.61 34.38 -8.96
C TYR B 143 0.23 35.02 -8.99
N SER B 144 -0.65 34.59 -8.11
CA SER B 144 -2.01 35.10 -8.12
C SER B 144 -2.07 36.58 -7.71
N SER B 145 -1.00 37.02 -7.04
CA SER B 145 -0.97 38.34 -6.44
C SER B 145 -0.17 39.36 -7.24
N TYR B 146 0.53 38.88 -8.25
CA TYR B 146 1.48 39.72 -8.97
C TYR B 146 0.79 40.73 -9.89
N ASP B 147 -0.37 40.35 -10.41
CA ASP B 147 -1.10 41.18 -11.33
C ASP B 147 -2.58 40.89 -11.16
N TRP B 148 -3.38 41.94 -10.91
CA TRP B 148 -4.80 41.79 -10.58
C TRP B 148 -5.60 41.03 -11.64
N ARG B 149 -5.02 40.88 -12.82
CA ARG B 149 -5.69 40.19 -13.92
C ARG B 149 -5.56 38.67 -13.83
N VAL B 150 -4.52 38.18 -13.15
CA VAL B 150 -4.25 36.74 -13.07
C VAL B 150 -5.45 35.94 -12.56
N ARG B 151 -6.01 36.33 -11.41
CA ARG B 151 -7.09 35.58 -10.76
C ARG B 151 -8.46 35.63 -11.49
N PRO B 152 -8.92 36.80 -11.94
CA PRO B 152 -10.18 36.77 -12.72
C PRO B 152 -10.09 35.93 -13.98
N LEU B 153 -8.95 36.03 -14.66
CA LEU B 153 -8.70 35.21 -15.81
C LEU B 153 -8.83 33.72 -15.45
N VAL B 154 -8.07 33.27 -14.45
CA VAL B 154 -8.12 31.88 -14.01
C VAL B 154 -9.56 31.49 -13.59
N SER B 155 -10.27 32.40 -12.93
CA SER B 155 -11.69 32.16 -12.57
C SER B 155 -12.57 31.81 -13.76
N VAL B 156 -12.39 32.55 -14.86
CA VAL B 156 -13.23 32.37 -16.03
C VAL B 156 -12.76 31.20 -16.92
N VAL B 157 -11.45 31.01 -17.03
CA VAL B 157 -10.93 29.85 -17.70
C VAL B 157 -11.43 28.59 -17.02
N LYS B 158 -11.45 28.61 -15.69
CA LYS B 158 -11.86 27.44 -14.91
C LYS B 158 -13.30 27.05 -15.21
N GLU B 159 -14.21 28.03 -15.25
CA GLU B 159 -15.63 27.71 -15.40
C GLU B 159 -16.01 27.30 -16.82
N TRP B 160 -15.48 28.03 -17.79
CA TRP B 160 -15.66 27.68 -19.19
C TRP B 160 -15.30 26.22 -19.40
N ALA B 161 -14.15 25.84 -18.86
CA ALA B 161 -13.65 24.49 -19.00
C ALA B 161 -14.58 23.48 -18.30
N LYS B 162 -15.10 23.86 -17.14
CA LYS B 162 -16.04 23.02 -16.43
C LYS B 162 -17.33 22.83 -17.24
N ARG B 163 -17.83 23.91 -17.82
CA ARG B 163 -19.05 23.86 -18.61
C ARG B 163 -18.86 23.13 -19.95
N LYS B 164 -17.61 22.83 -20.29
CA LYS B 164 -17.34 22.11 -21.52
C LYS B 164 -16.84 20.71 -21.18
N GLY B 165 -16.79 20.42 -19.88
CA GLY B 165 -16.48 19.10 -19.37
C GLY B 165 -15.03 18.68 -19.55
N ILE B 166 -14.15 19.64 -19.81
CA ILE B 166 -12.74 19.30 -19.91
C ILE B 166 -12.06 19.61 -18.58
N ASN B 167 -12.84 20.23 -17.70
CA ASN B 167 -12.46 20.39 -16.29
C ASN B 167 -13.49 19.67 -15.44
N ASP B 168 -13.09 18.56 -14.84
CA ASP B 168 -14.00 17.67 -14.14
C ASP B 168 -13.24 16.87 -13.07
N ALA B 169 -13.63 17.07 -11.82
CA ALA B 169 -12.91 16.50 -10.68
C ALA B 169 -13.14 15.00 -10.50
N ASN B 170 -14.14 14.44 -11.16
CA ASN B 170 -14.47 13.01 -11.00
C ASN B 170 -13.84 12.14 -12.09
N LYS B 171 -13.16 12.79 -13.04
CA LYS B 171 -12.50 12.08 -14.12
C LYS B 171 -11.01 12.35 -14.05
N SER B 172 -10.22 11.28 -14.18
CA SER B 172 -8.79 11.36 -14.09
C SER B 172 -8.21 12.23 -15.21
N SER B 173 -7.15 12.94 -14.86
CA SER B 173 -6.40 13.74 -15.82
C SER B 173 -7.18 14.95 -16.38
N PHE B 174 -8.37 15.20 -15.85
CA PHE B 174 -9.13 16.40 -16.22
C PHE B 174 -9.14 17.44 -15.08
N THR B 175 -7.97 17.83 -14.60
CA THR B 175 -7.86 18.61 -13.36
C THR B 175 -7.94 20.11 -13.59
N SER B 176 -8.31 20.83 -12.55
CA SER B 176 -8.37 22.28 -12.64
C SER B 176 -6.99 22.89 -12.33
N TYR B 177 -6.22 22.20 -11.49
CA TYR B 177 -4.87 22.67 -11.12
C TYR B 177 -4.01 22.89 -12.35
N SER B 178 -4.10 21.98 -13.32
CA SER B 178 -3.35 22.10 -14.57
C SER B 178 -3.76 23.32 -15.40
N LEU B 179 -5.05 23.66 -15.41
CA LEU B 179 -5.51 24.88 -16.06
C LEU B 179 -4.82 26.12 -15.52
N VAL B 180 -4.61 26.13 -14.21
CA VAL B 180 -3.95 27.25 -13.59
C VAL B 180 -2.54 27.36 -14.15
N LEU B 181 -1.85 26.22 -14.26
CA LEU B 181 -0.49 26.23 -14.77
C LEU B 181 -0.48 26.68 -16.23
N MET B 182 -1.53 26.30 -16.95
CA MET B 182 -1.65 26.69 -18.34
C MET B 182 -1.80 28.20 -18.51
N VAL B 183 -2.62 28.82 -17.66
CA VAL B 183 -2.75 30.28 -17.64
C VAL B 183 -1.42 30.95 -17.24
N ILE B 184 -0.79 30.44 -16.18
CA ILE B 184 0.47 31.03 -15.73
C ILE B 184 1.50 30.97 -16.85
N HIS B 185 1.58 29.83 -17.54
CA HIS B 185 2.51 29.67 -18.67
C HIS B 185 2.26 30.67 -19.82
N PHE B 186 0.98 30.93 -20.10
CA PHE B 186 0.61 31.88 -21.13
C PHE B 186 1.03 33.29 -20.78
N LEU B 187 0.74 33.72 -19.56
CA LEU B 187 1.11 35.06 -19.09
C LEU B 187 2.62 35.22 -18.93
N GLN B 188 3.36 34.12 -18.96
CA GLN B 188 4.82 34.21 -18.99
C GLN B 188 5.39 34.26 -20.40
N CYS B 189 4.83 33.46 -21.30
CA CYS B 189 5.52 33.18 -22.56
C CYS B 189 4.74 33.63 -23.77
N GLY B 190 3.49 34.04 -23.57
CA GLY B 190 2.71 34.60 -24.65
C GLY B 190 3.12 36.02 -25.06
N PRO B 191 2.37 36.61 -26.02
CA PRO B 191 2.72 37.92 -26.55
C PRO B 191 2.93 38.97 -25.46
N THR B 192 1.99 39.10 -24.55
CA THR B 192 2.07 40.09 -23.48
C THR B 192 2.79 39.56 -22.24
N LYS B 193 3.87 40.21 -21.84
CA LYS B 193 4.65 39.70 -20.74
C LYS B 193 4.08 40.15 -19.40
N VAL B 194 3.22 39.32 -18.81
CA VAL B 194 2.49 39.68 -17.61
C VAL B 194 3.08 39.11 -16.31
N LEU B 195 3.49 37.85 -16.34
CA LEU B 195 4.07 37.23 -15.16
C LEU B 195 5.56 36.99 -15.40
N PRO B 196 6.37 37.16 -14.35
CA PRO B 196 7.77 36.75 -14.47
C PRO B 196 7.92 35.27 -14.24
N ASN B 197 9.15 34.80 -14.23
CA ASN B 197 9.51 33.49 -13.72
C ASN B 197 9.97 33.68 -12.25
N LEU B 198 9.03 33.51 -11.32
CA LEU B 198 9.31 33.79 -9.90
C LEU B 198 10.40 32.90 -9.31
N GLN B 199 10.58 31.71 -9.85
CA GLN B 199 11.55 30.81 -9.24
C GLN B 199 12.95 31.21 -9.64
N GLN B 200 13.09 31.88 -10.79
CA GLN B 200 14.40 32.33 -11.26
C GLN B 200 14.70 33.76 -10.77
N SER B 201 13.66 34.58 -10.70
CA SER B 201 13.82 35.95 -10.26
C SER B 201 14.01 36.05 -8.75
N TYR B 202 13.39 35.15 -8.01
CA TYR B 202 13.48 35.16 -6.57
C TYR B 202 13.84 33.79 -6.03
N PRO B 203 15.02 33.27 -6.41
CA PRO B 203 15.47 31.96 -5.93
C PRO B 203 15.40 31.88 -4.42
N ASN B 204 15.70 32.99 -3.75
CA ASN B 204 15.84 32.99 -2.30
C ASN B 204 14.50 32.81 -1.61
N ARG B 205 13.42 33.28 -2.24
CA ARG B 205 12.10 33.11 -1.67
C ARG B 205 11.41 31.81 -2.04
N PHE B 206 11.78 31.21 -3.16
CA PHE B 206 11.00 30.06 -3.66
C PHE B 206 11.82 28.80 -3.82
N SER B 207 12.95 28.76 -3.12
CA SER B 207 13.91 27.68 -3.19
C SER B 207 13.33 26.44 -2.58
N ASN B 208 13.58 25.28 -3.19
CA ASN B 208 13.04 24.03 -2.63
C ASN B 208 13.87 23.53 -1.44
N LYS B 209 14.85 24.32 -1.00
CA LYS B 209 15.71 23.95 0.12
C LYS B 209 15.36 24.69 1.40
N VAL B 210 14.57 25.75 1.27
CA VAL B 210 14.05 26.49 2.40
C VAL B 210 13.13 25.59 3.21
N ASP B 211 13.30 25.58 4.54
CA ASP B 211 12.39 24.86 5.43
C ASP B 211 11.04 25.57 5.36
N VAL B 212 9.94 24.83 5.21
CA VAL B 212 8.63 25.45 5.02
C VAL B 212 8.14 26.21 6.24
N ARG B 213 8.85 26.09 7.36
CA ARG B 213 8.51 26.85 8.54
C ARG B 213 9.05 28.28 8.41
N THR B 214 9.87 28.54 7.40
CA THR B 214 10.47 29.89 7.24
C THR B 214 10.12 30.58 5.93
N LEU B 215 9.14 30.05 5.19
CA LEU B 215 8.69 30.71 3.97
C LEU B 215 8.14 32.10 4.28
N ASN B 216 8.55 33.07 3.48
CA ASN B 216 8.10 34.44 3.62
C ASN B 216 6.65 34.57 3.20
N VAL B 217 5.84 35.08 4.10
CA VAL B 217 4.40 35.09 3.88
C VAL B 217 3.86 36.51 4.15
N THR B 218 4.79 37.44 4.38
CA THR B 218 4.39 38.80 4.75
C THR B 218 4.80 39.85 3.72
N MET B 219 5.97 39.65 3.14
CA MET B 219 6.60 40.68 2.33
C MET B 219 6.21 40.60 0.85
N ALA B 220 5.80 41.74 0.28
CA ALA B 220 5.49 41.74 -1.14
C ALA B 220 6.82 41.58 -1.85
N LEU B 221 6.77 41.39 -3.17
CA LEU B 221 7.97 41.16 -3.96
C LEU B 221 8.60 42.49 -4.35
N GLU B 222 9.90 42.63 -4.10
CA GLU B 222 10.66 43.81 -4.47
C GLU B 222 11.09 43.74 -5.94
N GLU B 223 11.26 44.89 -6.57
CA GLU B 223 11.63 44.89 -7.98
C GLU B 223 13.08 44.52 -8.19
N ASP B 229 12.68 41.72 -15.80
CA ASP B 229 11.56 42.28 -15.04
C ASP B 229 10.31 42.38 -15.93
N GLN B 230 9.21 42.88 -15.37
CA GLN B 230 8.04 43.29 -16.14
C GLN B 230 8.02 44.80 -16.21
N SER B 231 8.05 45.34 -17.42
CA SER B 231 8.02 46.77 -17.62
C SER B 231 6.68 47.37 -17.22
N LEU B 232 5.73 46.52 -16.82
CA LEU B 232 4.36 46.97 -16.52
C LEU B 232 3.84 47.71 -17.74
N SER B 233 4.20 47.16 -18.91
CA SER B 233 3.93 47.73 -20.24
C SER B 233 2.68 47.05 -20.82
N GLU B 234 1.72 46.77 -19.93
CA GLU B 234 0.50 46.12 -20.33
C GLU B 234 -0.71 47.06 -20.30
N LYS B 235 -0.98 47.63 -21.48
CA LYS B 235 -2.27 48.20 -21.78
C LYS B 235 -3.08 47.11 -22.51
N THR B 236 -2.75 45.85 -22.22
CA THR B 236 -3.53 44.71 -22.68
C THR B 236 -4.70 44.50 -21.71
N THR B 237 -5.92 44.49 -22.23
CA THR B 237 -7.10 44.36 -21.38
C THR B 237 -7.31 42.92 -20.93
N LEU B 238 -8.21 42.75 -19.96
CA LEU B 238 -8.55 41.44 -19.44
C LEU B 238 -9.11 40.57 -20.58
N GLY B 239 -10.06 41.18 -21.32
CA GLY B 239 -10.67 40.56 -22.47
C GLY B 239 -9.71 40.12 -23.56
N GLU B 240 -8.63 40.87 -23.78
CA GLU B 240 -7.67 40.49 -24.80
C GLU B 240 -6.95 39.23 -24.34
N LEU B 241 -6.68 39.18 -23.04
CA LEU B 241 -5.85 38.13 -22.47
C LEU B 241 -6.57 36.77 -22.50
N LEU B 242 -7.89 36.79 -22.29
CA LEU B 242 -8.70 35.59 -22.43
C LEU B 242 -8.71 35.11 -23.89
N ILE B 243 -8.88 36.06 -24.83
CA ILE B 243 -8.86 35.73 -26.27
C ILE B 243 -7.52 35.15 -26.69
N GLY B 244 -6.45 35.80 -26.25
CA GLY B 244 -5.10 35.34 -26.51
C GLY B 244 -4.82 33.97 -25.93
N PHE B 245 -5.31 33.73 -24.71
CA PHE B 245 -5.16 32.43 -24.04
C PHE B 245 -5.76 31.35 -24.94
N LEU B 246 -7.03 31.53 -25.29
CA LEU B 246 -7.69 30.62 -26.22
C LEU B 246 -6.93 30.48 -27.55
N ASP B 247 -6.50 31.60 -28.13
CA ASP B 247 -5.73 31.55 -29.38
C ASP B 247 -4.44 30.75 -29.22
N TYR B 248 -3.65 31.07 -28.19
CA TYR B 248 -2.39 30.38 -27.93
C TYR B 248 -2.58 28.85 -27.85
N TYR B 249 -3.64 28.38 -27.21
CA TYR B 249 -3.83 26.93 -27.06
C TYR B 249 -4.60 26.30 -28.23
N ALA B 250 -5.35 27.11 -28.97
CA ALA B 250 -6.07 26.59 -30.13
C ALA B 250 -5.15 26.46 -31.33
N ASN B 251 -4.27 27.46 -31.51
CA ASN B 251 -3.55 27.60 -32.77
C ASN B 251 -2.02 27.68 -32.69
N GLU B 252 -1.43 27.86 -31.51
CA GLU B 252 0.02 28.04 -31.46
C GLU B 252 0.73 26.93 -30.69
N PHE B 253 0.09 26.42 -29.66
CA PHE B 253 0.71 25.38 -28.86
C PHE B 253 0.66 24.06 -29.62
N ASN B 254 1.81 23.42 -29.79
CA ASN B 254 1.90 22.10 -30.40
C ASN B 254 2.04 21.01 -29.32
N TYR B 255 0.98 20.24 -29.14
CA TYR B 255 0.93 19.28 -28.04
C TYR B 255 1.88 18.11 -28.21
N ASP B 256 2.21 17.75 -29.44
CA ASP B 256 3.14 16.65 -29.64
C ASP B 256 4.60 17.08 -29.62
N ARG B 257 4.87 18.37 -29.85
CA ARG B 257 6.24 18.86 -29.78
C ARG B 257 6.55 19.51 -28.44
N ASP B 258 5.63 20.35 -27.95
CA ASP B 258 5.89 21.23 -26.82
C ASP B 258 5.49 20.69 -25.43
N ALA B 259 6.21 21.14 -24.41
CA ALA B 259 5.86 20.85 -23.03
C ALA B 259 5.98 22.14 -22.22
N ILE B 260 5.30 22.20 -21.08
CA ILE B 260 5.27 23.44 -20.29
C ILE B 260 6.04 23.34 -18.99
N SER B 261 6.91 24.32 -18.73
CA SER B 261 7.66 24.38 -17.49
C SER B 261 7.58 25.75 -16.83
N ILE B 262 6.70 25.89 -15.83
CA ILE B 262 6.60 27.12 -15.04
C ILE B 262 7.94 27.42 -14.34
N ARG B 263 8.61 26.38 -13.90
CA ARG B 263 9.83 26.51 -13.14
C ARG B 263 10.97 26.99 -14.03
N GLN B 264 10.95 26.59 -15.29
CA GLN B 264 11.95 27.08 -16.25
C GLN B 264 11.40 28.29 -16.99
N GLY B 265 10.12 28.59 -16.75
CA GLY B 265 9.48 29.75 -17.34
C GLY B 265 9.39 29.70 -18.85
N ARG B 266 9.29 28.50 -19.42
CA ARG B 266 9.32 28.39 -20.86
C ARG B 266 8.73 27.09 -21.42
N ARG B 267 8.54 27.10 -22.73
CA ARG B 267 8.21 25.92 -23.49
C ARG B 267 9.45 25.04 -23.69
N VAL B 268 9.33 23.73 -23.49
CA VAL B 268 10.46 22.84 -23.72
C VAL B 268 10.09 21.78 -24.74
N GLU B 269 11.08 21.26 -25.46
CA GLU B 269 10.82 20.21 -26.43
C GLU B 269 10.40 18.95 -25.67
N ARG B 270 9.19 18.45 -25.94
CA ARG B 270 8.65 17.32 -25.17
C ARG B 270 9.56 16.10 -25.18
N ALA B 271 10.34 15.92 -26.25
CA ALA B 271 11.40 14.92 -26.24
C ALA B 271 12.53 15.40 -25.30
N SER B 272 12.25 15.31 -24.00
CA SER B 272 13.20 15.64 -22.92
C SER B 272 12.57 15.29 -21.58
N PRO B 276 14.48 15.10 -12.15
CA PRO B 276 13.91 14.92 -10.81
C PRO B 276 12.47 15.41 -10.71
N HIS B 277 12.01 16.24 -11.64
CA HIS B 277 10.64 16.76 -11.54
C HIS B 277 9.65 15.86 -12.24
N PHE B 278 8.42 15.87 -11.75
CA PHE B 278 7.35 15.06 -12.30
C PHE B 278 6.61 15.91 -13.33
N TRP B 279 6.35 15.30 -14.49
CA TRP B 279 5.54 15.93 -15.51
C TRP B 279 4.13 15.33 -15.51
N ARG B 280 3.15 16.15 -15.17
CA ARG B 280 1.74 15.81 -15.33
C ARG B 280 1.42 15.64 -16.81
N SER B 281 0.28 15.05 -17.15
CA SER B 281 -0.20 15.14 -18.53
C SER B 281 -1.69 15.41 -18.53
N GLN B 282 -2.04 16.67 -18.73
CA GLN B 282 -3.41 17.07 -18.72
C GLN B 282 -4.10 16.47 -19.96
N TRP B 283 -5.23 15.81 -19.72
CA TRP B 283 -6.00 15.09 -20.75
C TRP B 283 -5.17 14.02 -21.46
N ARG B 284 -4.04 13.65 -20.86
CA ARG B 284 -3.07 12.70 -21.39
C ARG B 284 -2.30 13.17 -22.64
N CYS B 285 -2.41 14.46 -22.98
CA CYS B 285 -1.61 15.02 -24.09
C CYS B 285 -0.74 16.20 -23.68
N VAL B 286 -1.28 17.09 -22.85
CA VAL B 286 -0.57 18.30 -22.46
C VAL B 286 0.41 18.10 -21.29
N CYS B 287 1.68 17.96 -21.65
CA CYS B 287 2.73 17.71 -20.69
C CYS B 287 3.12 18.99 -19.90
N ILE B 288 3.07 18.93 -18.56
CA ILE B 288 3.27 20.09 -17.71
C ILE B 288 4.16 19.77 -16.50
N GLU B 289 5.32 20.42 -16.44
CA GLU B 289 6.25 20.20 -15.33
C GLU B 289 5.76 20.80 -14.04
N GLU B 290 5.86 20.01 -12.98
CA GLU B 290 5.62 20.46 -11.62
C GLU B 290 6.75 21.38 -11.16
N PRO B 291 6.38 22.55 -10.61
CA PRO B 291 7.31 23.57 -10.09
C PRO B 291 8.26 22.99 -9.04
N PHE B 292 7.75 22.11 -8.18
CA PHE B 292 8.55 21.53 -7.09
C PHE B 292 8.58 20.01 -7.13
N THR B 293 9.74 19.42 -6.86
CA THR B 293 9.84 17.99 -6.73
C THR B 293 9.09 17.51 -5.51
N ALA B 298 4.38 9.09 -27.23
CA ALA B 298 3.71 7.79 -27.08
C ALA B 298 2.33 7.87 -26.40
N HIS B 299 1.27 8.07 -27.20
CA HIS B 299 -0.09 8.07 -26.68
C HIS B 299 -0.83 6.76 -26.96
N SER B 300 -1.80 6.45 -26.11
CA SER B 300 -2.73 5.36 -26.39
C SER B 300 -3.53 5.74 -27.63
N ILE B 301 -3.80 4.77 -28.51
CA ILE B 301 -4.55 5.07 -29.74
C ILE B 301 -5.97 5.60 -29.43
N TYR B 302 -6.49 5.26 -28.26
CA TYR B 302 -7.79 5.76 -27.80
C TYR B 302 -7.74 7.19 -27.27
N ASP B 303 -6.56 7.77 -27.18
CA ASP B 303 -6.42 9.12 -26.66
C ASP B 303 -6.71 10.15 -27.75
N GLU B 304 -6.47 9.78 -28.99
CA GLU B 304 -6.70 10.65 -30.14
C GLU B 304 -8.10 11.25 -30.16
N MET B 305 -9.12 10.43 -29.92
CA MET B 305 -10.49 10.93 -29.92
C MET B 305 -10.63 12.11 -28.95
N VAL B 306 -10.10 11.94 -27.74
CA VAL B 306 -10.18 12.96 -26.70
C VAL B 306 -9.29 14.18 -26.99
N PHE B 307 -8.08 13.93 -27.45
CA PHE B 307 -7.18 15.02 -27.88
C PHE B 307 -7.88 15.90 -28.93
N GLU B 308 -8.47 15.25 -29.93
CA GLU B 308 -9.14 15.96 -31.01
C GLU B 308 -10.30 16.80 -30.46
N ALA B 309 -10.99 16.27 -29.46
CA ALA B 309 -12.11 16.99 -28.87
C ALA B 309 -11.65 18.18 -28.02
N ILE B 310 -10.51 18.03 -27.34
CA ILE B 310 -9.95 19.13 -26.58
C ILE B 310 -9.52 20.23 -27.53
N LYS B 311 -8.69 19.87 -28.52
CA LYS B 311 -8.25 20.82 -29.55
C LYS B 311 -9.43 21.57 -30.19
N LYS B 312 -10.53 20.84 -30.44
CA LYS B 312 -11.70 21.44 -31.07
C LYS B 312 -12.37 22.45 -30.15
N ALA B 313 -12.62 22.04 -28.91
CA ALA B 313 -13.24 22.93 -27.91
C ALA B 313 -12.48 24.25 -27.73
N PHE B 314 -11.15 24.21 -27.88
CA PHE B 314 -10.35 25.42 -27.81
C PHE B 314 -10.51 26.25 -29.08
N ARG B 315 -10.50 25.60 -30.25
CA ARG B 315 -10.71 26.29 -31.52
C ARG B 315 -12.09 26.96 -31.57
N GLU B 316 -13.12 26.25 -31.15
CA GLU B 316 -14.46 26.82 -31.11
C GLU B 316 -14.51 28.03 -30.21
N ALA B 317 -14.12 27.88 -28.95
CA ALA B 317 -14.16 28.98 -28.00
C ALA B 317 -13.42 30.20 -28.51
N HIS B 318 -12.23 30.01 -29.08
CA HIS B 318 -11.48 31.13 -29.58
C HIS B 318 -12.18 31.82 -30.75
N GLY B 319 -12.76 31.03 -31.64
CA GLY B 319 -13.52 31.56 -32.77
C GLY B 319 -14.70 32.37 -32.32
N GLU B 320 -15.43 31.86 -31.32
CA GLU B 320 -16.59 32.56 -30.76
C GLU B 320 -16.26 33.87 -30.02
N LEU B 321 -15.16 33.89 -29.27
CA LEU B 321 -14.86 35.05 -28.45
C LEU B 321 -14.17 36.13 -29.28
N GLN B 322 -13.39 35.69 -30.27
CA GLN B 322 -12.76 36.58 -31.25
C GLN B 322 -13.81 37.37 -32.02
N HIS B 323 -14.96 36.73 -32.25
CA HIS B 323 -16.02 37.32 -33.04
C HIS B 323 -16.91 38.25 -32.22
N ASN B 324 -17.71 37.66 -31.35
CA ASN B 324 -18.74 38.38 -30.61
C ASN B 324 -18.25 39.17 -29.40
N HIS B 325 -17.04 38.87 -28.93
CA HIS B 325 -16.51 39.50 -27.71
C HIS B 325 -17.50 39.34 -26.57
N ASP B 326 -18.23 38.23 -26.58
CA ASP B 326 -19.37 38.06 -25.71
C ASP B 326 -19.16 36.90 -24.74
N LEU B 327 -18.84 37.26 -23.50
CA LEU B 327 -18.51 36.26 -22.49
C LEU B 327 -19.66 35.32 -22.19
N ASP B 328 -20.90 35.83 -22.17
CA ASP B 328 -22.06 35.01 -21.79
C ASP B 328 -22.44 34.03 -22.88
N LYS B 329 -22.03 34.32 -24.11
CA LYS B 329 -22.23 33.39 -25.21
C LYS B 329 -21.25 32.22 -25.09
N LEU B 330 -20.02 32.54 -24.70
CA LEU B 330 -18.96 31.57 -24.51
C LEU B 330 -19.31 30.53 -23.44
N MET B 331 -19.91 30.99 -22.34
CA MET B 331 -20.25 30.13 -21.20
C MET B 331 -21.54 29.35 -21.38
N GLU B 332 -22.20 29.54 -22.51
CA GLU B 332 -23.45 28.86 -22.81
C GLU B 332 -23.17 27.60 -23.66
N CYS B 333 -21.91 27.21 -23.73
CA CYS B 333 -21.48 26.09 -24.55
C CYS B 333 -21.98 24.76 -24.03
N GLU B 334 -21.92 23.75 -24.88
CA GLU B 334 -22.27 22.38 -24.50
C GLU B 334 -21.02 21.55 -24.26
N PRO B 335 -21.10 20.58 -23.33
CA PRO B 335 -20.05 19.58 -23.02
C PRO B 335 -19.64 18.70 -24.22
N ILE B 336 -18.86 17.66 -23.97
CA ILE B 336 -18.20 16.90 -25.04
C ILE B 336 -18.68 15.46 -25.13
N GLY C 1 38.38 -28.03 21.42
CA GLY C 1 38.50 -29.40 20.96
C GLY C 1 37.92 -30.46 21.88
N ALA C 2 37.94 -30.22 23.19
CA ALA C 2 37.37 -31.15 24.18
C ALA C 2 36.20 -30.53 24.97
N MET C 3 35.23 -31.33 25.40
CA MET C 3 33.96 -30.72 25.82
C MET C 3 33.85 -30.24 27.26
N ASP C 4 34.90 -30.38 28.06
CA ASP C 4 34.96 -29.66 29.33
C ASP C 4 35.52 -28.26 29.03
N VAL C 5 36.28 -28.18 27.95
CA VAL C 5 36.83 -26.92 27.50
C VAL C 5 35.69 -26.08 26.92
N LEU C 6 34.86 -26.72 26.11
CA LEU C 6 33.71 -26.06 25.51
C LEU C 6 32.77 -25.54 26.60
N SER C 7 32.55 -26.33 27.63
CA SER C 7 31.66 -25.92 28.71
C SER C 7 32.17 -24.69 29.45
N GLU C 8 33.47 -24.63 29.68
CA GLU C 8 34.03 -23.52 30.40
C GLU C 8 34.09 -22.30 29.48
N LYS C 9 34.27 -22.54 28.19
CA LYS C 9 34.36 -21.46 27.21
C LYS C 9 33.01 -20.75 27.05
N ILE C 10 31.94 -21.52 26.98
CA ILE C 10 30.59 -21.00 26.95
C ILE C 10 30.35 -20.14 28.17
N TRP C 11 30.69 -20.68 29.33
CA TRP C 11 30.57 -19.97 30.59
C TRP C 11 31.36 -18.66 30.57
N ASP C 12 32.58 -18.72 30.05
CA ASP C 12 33.44 -17.54 30.00
C ASP C 12 32.85 -16.49 29.07
N TYR C 13 32.32 -16.92 27.92
CA TYR C 13 31.70 -15.96 27.03
C TYR C 13 30.49 -15.28 27.70
N HIS C 14 29.73 -16.07 28.45
CA HIS C 14 28.57 -15.57 29.17
C HIS C 14 28.95 -14.43 30.08
N ASN C 15 30.02 -14.61 30.85
CA ASN C 15 30.42 -13.65 31.88
C ASN C 15 31.07 -12.40 31.30
N LYS C 16 31.53 -12.45 30.06
CA LYS C 16 32.02 -11.25 29.41
C LYS C 16 30.88 -10.35 28.92
N VAL C 17 29.77 -10.94 28.48
CA VAL C 17 28.70 -10.15 27.87
C VAL C 17 27.55 -9.84 28.83
N SER C 18 27.40 -10.65 29.87
CA SER C 18 26.28 -10.53 30.80
C SER C 18 26.14 -9.12 31.39
N GLN C 19 24.94 -8.75 31.81
CA GLN C 19 24.69 -7.42 32.36
C GLN C 19 25.25 -7.30 33.77
N THR C 20 26.23 -6.43 33.95
CA THR C 20 26.81 -6.23 35.27
C THR C 20 25.80 -5.62 36.24
N ASP C 21 26.02 -5.79 37.53
CA ASP C 21 25.09 -5.24 38.50
C ASP C 21 25.25 -3.72 38.58
N GLU C 22 26.42 -3.21 38.21
CA GLU C 22 26.60 -1.78 38.13
C GLU C 22 25.74 -1.18 37.00
N MET C 23 25.69 -1.88 35.88
CA MET C 23 24.85 -1.45 34.77
C MET C 23 23.38 -1.50 35.17
N LEU C 24 23.00 -2.54 35.92
CA LEU C 24 21.65 -2.64 36.45
C LEU C 24 21.29 -1.50 37.42
N GLN C 25 22.24 -1.12 38.28
CA GLN C 25 21.98 -0.05 39.23
C GLN C 25 21.78 1.27 38.49
N ARG C 26 22.62 1.52 37.49
CA ARG C 26 22.48 2.71 36.66
C ARG C 26 21.14 2.74 35.95
N LYS C 27 20.70 1.59 35.45
CA LYS C 27 19.42 1.54 34.76
C LYS C 27 18.29 1.85 35.74
N LEU C 28 18.38 1.38 36.99
CA LEU C 28 17.33 1.65 37.97
C LEU C 28 17.31 3.15 38.40
N HIS C 29 18.48 3.77 38.45
CA HIS C 29 18.57 5.19 38.74
C HIS C 29 17.88 6.02 37.65
N LEU C 30 18.26 5.76 36.41
CA LEU C 30 17.64 6.42 35.28
C LEU C 30 16.11 6.21 35.30
N ARG C 31 15.68 5.05 35.80
CA ARG C 31 14.27 4.77 35.82
C ARG C 31 13.59 5.67 36.82
N ASP C 32 14.22 5.84 37.98
CA ASP C 32 13.74 6.75 39.00
C ASP C 32 13.67 8.20 38.51
N MET C 33 14.69 8.63 37.77
CA MET C 33 14.67 9.94 37.12
C MET C 33 13.49 10.08 36.15
N LEU C 34 13.20 9.03 35.40
CA LEU C 34 12.09 9.06 34.47
C LEU C 34 10.80 9.16 35.26
N TYR C 35 10.75 8.43 36.38
CA TYR C 35 9.55 8.42 37.20
C TYR C 35 9.28 9.79 37.85
N THR C 36 10.33 10.43 38.36
CA THR C 36 10.23 11.76 38.94
C THR C 36 9.61 12.73 37.93
N ALA C 37 10.03 12.63 36.68
CA ALA C 37 9.47 13.49 35.64
C ALA C 37 8.05 13.05 35.21
N ILE C 38 7.75 11.76 35.28
CA ILE C 38 6.46 11.26 34.81
C ILE C 38 5.39 11.32 35.90
N SER C 39 5.84 11.27 37.15
CA SER C 39 4.92 11.22 38.28
C SER C 39 3.92 12.39 38.38
N PRO C 40 4.35 13.61 38.00
CA PRO C 40 3.32 14.66 38.08
C PRO C 40 2.16 14.44 37.11
N VAL C 41 2.41 13.74 36.00
CA VAL C 41 1.34 13.50 35.04
C VAL C 41 0.47 12.30 35.50
N PHE C 42 1.08 11.26 36.02
CA PHE C 42 0.31 10.12 36.51
C PHE C 42 0.75 9.74 37.91
N PRO C 43 0.14 10.35 38.92
CA PRO C 43 0.69 10.34 40.28
C PRO C 43 0.60 8.97 40.93
N LEU C 44 -0.35 8.15 40.46
CA LEU C 44 -0.56 6.83 41.01
C LEU C 44 0.02 5.74 40.10
N SER C 45 0.76 6.15 39.08
CA SER C 45 1.21 5.19 38.11
C SER C 45 2.44 4.41 38.61
N GLY C 46 2.78 3.33 37.91
CA GLY C 46 3.94 2.53 38.24
C GLY C 46 4.79 2.28 37.00
N LEU C 47 6.09 2.53 37.15
CA LEU C 47 7.05 2.35 36.06
C LEU C 47 7.86 1.08 36.29
N TYR C 48 7.36 -0.02 35.76
CA TYR C 48 8.01 -1.32 35.85
C TYR C 48 9.18 -1.47 34.90
N VAL C 49 10.27 -2.05 35.36
CA VAL C 49 11.34 -2.47 34.47
C VAL C 49 10.99 -3.81 33.88
N VAL C 50 10.89 -3.91 32.56
CA VAL C 50 10.56 -5.18 31.92
C VAL C 50 11.67 -5.63 30.96
N GLY C 51 11.62 -6.87 30.50
CA GLY C 51 12.55 -7.38 29.49
C GLY C 51 13.94 -7.79 29.93
N SER C 52 14.88 -7.80 28.99
CA SER C 52 16.23 -8.34 29.19
C SER C 52 16.97 -7.74 30.40
N SER C 53 16.66 -6.50 30.70
CA SER C 53 17.39 -5.75 31.71
C SER C 53 17.10 -6.28 33.10
N LEU C 54 15.95 -6.94 33.25
CA LEU C 54 15.56 -7.54 34.53
C LEU C 54 15.38 -9.09 34.51
N ASN C 55 15.04 -9.67 33.37
CA ASN C 55 14.67 -11.09 33.36
C ASN C 55 15.87 -12.06 33.38
N GLY C 56 17.07 -11.55 33.61
CA GLY C 56 18.25 -12.39 33.69
C GLY C 56 18.97 -12.65 32.38
N PHE C 57 18.39 -12.24 31.27
CA PHE C 57 18.92 -12.65 29.96
C PHE C 57 19.61 -11.56 29.17
N GLY C 58 19.72 -10.36 29.76
CA GLY C 58 20.28 -9.24 29.03
C GLY C 58 21.79 -9.11 29.11
N ASN C 59 22.37 -8.48 28.10
CA ASN C 59 23.76 -8.04 28.13
C ASN C 59 23.88 -6.54 28.48
N ASN C 60 25.07 -5.98 28.42
CA ASN C 60 25.27 -4.61 28.90
C ASN C 60 24.75 -3.52 27.98
N SER C 61 24.83 -3.73 26.67
CA SER C 61 24.27 -2.77 25.71
C SER C 61 22.76 -2.97 25.46
N SER C 62 22.10 -3.71 26.34
CA SER C 62 20.68 -3.99 26.14
C SER C 62 19.81 -2.79 26.46
N ASP C 63 18.83 -2.54 25.61
CA ASP C 63 17.80 -1.55 25.85
C ASP C 63 17.21 -1.76 27.22
N MET C 64 16.63 -0.70 27.77
CA MET C 64 15.84 -0.85 28.96
C MET C 64 14.36 -0.69 28.59
N ASP C 65 13.64 -1.81 28.57
CA ASP C 65 12.22 -1.77 28.32
C ASP C 65 11.54 -1.39 29.61
N LEU C 66 10.61 -0.45 29.53
CA LEU C 66 9.86 -0.05 30.71
C LEU C 66 8.39 -0.16 30.42
N CYS C 67 7.63 -0.41 31.48
CA CYS C 67 6.21 -0.49 31.33
C CYS C 67 5.54 0.46 32.31
N LEU C 68 4.80 1.44 31.82
CA LEU C 68 4.11 2.36 32.73
C LEU C 68 2.75 1.82 33.01
N MET C 69 2.45 1.52 34.25
CA MET C 69 1.11 1.06 34.55
C MET C 69 0.26 2.18 35.21
N ILE C 70 -0.92 2.43 34.65
CA ILE C 70 -1.80 3.50 35.14
C ILE C 70 -3.20 3.00 35.52
N THR C 71 -3.62 1.90 34.88
CA THR C 71 -4.96 1.39 35.08
C THR C 71 -4.95 -0.13 35.12
N ASN C 72 -5.88 -0.71 35.87
CA ASN C 72 -5.96 -2.16 35.96
C ASN C 72 -6.81 -2.75 34.86
N LYS C 73 -7.68 -1.92 34.29
CA LYS C 73 -8.36 -2.29 33.07
C LYS C 73 -7.32 -2.48 31.98
N ASP C 74 -7.78 -2.89 30.81
CA ASP C 74 -6.89 -3.13 29.69
C ASP C 74 -6.85 -1.89 28.80
N LEU C 75 -5.66 -1.33 28.60
CA LEU C 75 -5.50 -0.13 27.78
C LEU C 75 -5.48 -0.47 26.31
N ASP C 76 -6.44 0.05 25.57
CA ASP C 76 -6.45 -0.11 24.12
C ASP C 76 -5.15 0.46 23.55
N GLN C 77 -4.51 -0.30 22.68
CA GLN C 77 -3.21 0.08 22.12
C GLN C 77 -3.29 0.72 20.72
N LYS C 78 -4.51 0.92 20.20
CA LYS C 78 -4.67 1.63 18.92
C LYS C 78 -4.69 3.16 19.13
N ASN C 79 -5.47 3.62 20.09
CA ASN C 79 -5.67 5.05 20.31
C ASN C 79 -5.17 5.53 21.68
N ASP C 80 -5.75 4.97 22.75
CA ASP C 80 -5.43 5.37 24.13
C ASP C 80 -3.94 5.30 24.50
N ALA C 81 -3.22 4.29 24.02
CA ALA C 81 -1.80 4.19 24.35
C ALA C 81 -0.97 5.26 23.65
N VAL C 82 -1.38 5.70 22.46
CA VAL C 82 -0.64 6.70 21.71
C VAL C 82 -0.77 8.04 22.44
N VAL C 83 -1.99 8.31 22.89
CA VAL C 83 -2.29 9.49 23.65
C VAL C 83 -1.50 9.54 24.97
N VAL C 84 -1.48 8.43 25.70
CA VAL C 84 -0.75 8.40 26.97
C VAL C 84 0.75 8.65 26.77
N LEU C 85 1.34 7.98 25.78
CA LEU C 85 2.72 8.19 25.40
C LEU C 85 3.04 9.63 24.89
N ASN C 86 2.10 10.27 24.22
CA ASN C 86 2.31 11.64 23.78
C ASN C 86 2.23 12.62 24.96
N LEU C 87 1.39 12.31 25.94
CA LEU C 87 1.33 13.06 27.19
C LEU C 87 2.66 12.95 27.97
N ILE C 88 3.36 11.82 27.85
CA ILE C 88 4.67 11.74 28.49
C ILE C 88 5.73 12.45 27.64
N LEU C 89 5.61 12.33 26.32
CA LEU C 89 6.54 12.99 25.40
C LEU C 89 6.48 14.52 25.55
N SER C 90 5.30 15.05 25.82
CA SER C 90 5.07 16.46 26.03
C SER C 90 5.75 17.00 27.28
N THR C 91 5.90 16.16 28.30
CA THR C 91 6.62 16.56 29.50
C THR C 91 8.13 16.39 29.35
N LEU C 92 8.56 15.25 28.80
CA LEU C 92 9.98 14.91 28.73
C LEU C 92 10.75 15.84 27.79
N GLN C 93 10.04 16.48 26.87
CA GLN C 93 10.70 17.41 25.98
C GLN C 93 11.21 18.68 26.72
N TYR C 94 10.84 18.86 27.99
CA TYR C 94 11.35 19.96 28.81
C TYR C 94 12.39 19.53 29.86
N GLU C 95 12.76 18.26 29.87
CA GLU C 95 13.72 17.75 30.86
C GLU C 95 15.14 17.72 30.30
N LYS C 96 16.06 18.32 31.04
CA LYS C 96 17.47 18.40 30.66
C LYS C 96 18.13 17.06 30.42
N PHE C 97 17.83 16.08 31.26
CA PHE C 97 18.51 14.79 31.19
C PHE C 97 18.06 13.93 29.99
N VAL C 98 16.91 14.28 29.42
CA VAL C 98 16.41 13.61 28.23
C VAL C 98 16.88 14.36 27.00
N GLU C 99 17.35 13.61 26.01
CA GLU C 99 18.00 14.17 24.83
C GLU C 99 17.17 14.13 23.54
N SER C 100 16.68 12.96 23.15
CA SER C 100 15.79 12.85 21.99
C SER C 100 14.69 11.82 22.23
N GLN C 101 13.59 11.96 21.52
CA GLN C 101 12.44 11.09 21.66
C GLN C 101 11.86 10.69 20.32
N LYS C 102 11.55 9.41 20.18
CA LYS C 102 10.83 8.95 19.01
C LYS C 102 9.56 8.22 19.45
N LEU C 103 8.44 8.60 18.86
CA LEU C 103 7.22 7.82 18.99
C LEU C 103 7.16 6.79 17.87
N ILE C 104 6.80 5.56 18.24
CA ILE C 104 6.81 4.44 17.31
C ILE C 104 5.42 3.85 17.22
N LEU C 105 4.75 4.04 16.09
CA LEU C 105 3.45 3.43 15.87
C LEU C 105 3.75 1.99 15.51
N ALA C 106 3.25 1.08 16.34
CA ALA C 106 3.41 -0.35 16.16
C ALA C 106 2.19 -0.97 16.80
N LYS C 107 2.09 -2.29 16.77
CA LYS C 107 0.98 -3.01 17.40
C LYS C 107 0.86 -2.58 18.86
N VAL C 108 2.00 -2.54 19.55
CA VAL C 108 2.14 -1.89 20.85
C VAL C 108 3.00 -0.64 20.66
N PRO C 109 2.38 0.55 20.69
CA PRO C 109 3.13 1.80 20.52
C PRO C 109 4.28 1.90 21.53
N ILE C 110 5.41 2.45 21.09
CA ILE C 110 6.58 2.60 21.93
C ILE C 110 7.02 4.09 22.02
N LEU C 111 7.41 4.53 23.20
CA LEU C 111 8.13 5.78 23.34
C LEU C 111 9.59 5.43 23.50
N ARG C 112 10.40 5.73 22.48
CA ARG C 112 11.84 5.44 22.50
C ARG C 112 12.64 6.66 22.93
N ILE C 113 13.31 6.57 24.08
CA ILE C 113 13.98 7.75 24.66
C ILE C 113 15.49 7.55 24.79
N ASN C 114 16.22 8.61 24.42
CA ASN C 114 17.69 8.68 24.51
C ASN C 114 18.14 9.79 25.45
N PHE C 115 19.24 9.54 26.16
CA PHE C 115 19.58 10.41 27.27
C PHE C 115 20.90 11.11 27.07
N ALA C 116 21.15 12.06 27.94
CA ALA C 116 22.36 12.86 27.87
C ALA C 116 23.28 12.48 29.03
N ALA C 117 24.26 13.34 29.27
CA ALA C 117 24.90 13.47 30.58
C ALA C 117 25.59 12.15 30.93
N PRO C 118 25.30 11.48 32.08
CA PRO C 118 26.12 10.26 31.97
C PRO C 118 25.33 9.03 31.47
N PHE C 119 24.19 9.25 30.83
CA PHE C 119 23.32 8.15 30.49
C PHE C 119 23.11 7.96 28.99
N ASP C 120 23.96 8.60 28.19
CA ASP C 120 23.81 8.51 26.74
C ASP C 120 24.26 7.14 26.16
N ASP C 121 24.59 6.18 27.02
CA ASP C 121 24.81 4.81 26.56
C ASP C 121 23.56 3.93 26.77
N ILE C 122 22.53 4.46 27.44
CA ILE C 122 21.33 3.71 27.72
C ILE C 122 20.12 4.20 26.93
N THR C 123 19.51 3.31 26.15
CA THR C 123 18.28 3.64 25.45
C THR C 123 17.10 3.00 26.17
N VAL C 124 16.01 3.75 26.28
CA VAL C 124 14.81 3.27 26.93
C VAL C 124 13.69 3.08 25.90
N ALA C 125 12.94 1.97 26.03
CA ALA C 125 11.77 1.75 25.18
C ALA C 125 10.56 1.59 26.08
N LEU C 126 9.71 2.60 26.13
CA LEU C 126 8.63 2.64 27.11
C LEU C 126 7.30 2.32 26.49
N ASN C 127 6.55 1.38 27.10
CA ASN C 127 5.16 1.22 26.66
C ASN C 127 4.12 1.69 27.70
N ALA C 128 2.88 1.82 27.23
CA ALA C 128 1.83 2.29 28.09
C ALA C 128 0.88 1.16 28.47
N ASN C 129 1.04 0.65 29.69
CA ASN C 129 0.09 -0.28 30.29
C ASN C 129 -0.03 -1.64 29.58
N ASN C 130 1.04 -2.11 28.96
CA ASN C 130 0.98 -3.40 28.31
C ASN C 130 1.44 -4.48 29.28
N SER C 131 0.59 -4.76 30.25
CA SER C 131 0.95 -5.62 31.39
C SER C 131 1.39 -7.04 31.02
N VAL C 132 1.10 -7.50 29.82
CA VAL C 132 1.55 -8.82 29.39
C VAL C 132 3.10 -8.83 29.37
N ALA C 133 3.71 -7.65 29.20
CA ALA C 133 5.17 -7.52 29.31
C ALA C 133 5.63 -7.80 30.73
N ILE C 134 4.82 -7.42 31.70
CA ILE C 134 5.14 -7.69 33.08
C ILE C 134 5.01 -9.18 33.43
N ARG C 135 3.88 -9.79 33.08
CA ARG C 135 3.71 -11.24 33.24
C ARG C 135 4.85 -12.04 32.60
N ASN C 136 5.17 -11.74 31.35
CA ASN C 136 6.27 -12.41 30.66
C ASN C 136 7.61 -12.30 31.37
N THR C 137 7.87 -11.14 31.94
CA THR C 137 9.18 -10.87 32.54
C THR C 137 9.31 -11.63 33.85
N HIS C 138 8.22 -11.64 34.60
CA HIS C 138 8.11 -12.40 35.84
C HIS C 138 8.40 -13.89 35.59
N LEU C 139 7.69 -14.50 34.64
CA LEU C 139 7.89 -15.90 34.34
C LEU C 139 9.32 -16.20 33.88
N LEU C 140 9.79 -15.46 32.89
CA LEU C 140 11.13 -15.69 32.34
C LEU C 140 12.19 -15.58 33.43
N CYS C 141 11.98 -14.69 34.38
CA CYS C 141 12.93 -14.51 35.48
C CYS C 141 13.01 -15.75 36.39
N TYR C 142 11.93 -16.53 36.47
CA TYR C 142 11.96 -17.77 37.23
C TYR C 142 12.58 -18.92 36.43
N TYR C 143 12.49 -18.84 35.11
CA TYR C 143 13.19 -19.76 34.24
C TYR C 143 14.69 -19.49 34.28
N SER C 144 15.01 -18.20 34.22
CA SER C 144 16.37 -17.70 34.30
C SER C 144 17.11 -18.13 35.56
N SER C 145 16.36 -18.32 36.65
CA SER C 145 16.92 -18.63 37.95
C SER C 145 16.80 -20.10 38.33
N TYR C 146 16.12 -20.87 37.51
CA TYR C 146 15.78 -22.25 37.86
C TYR C 146 17.00 -23.15 37.79
N ASP C 147 17.92 -22.83 36.89
CA ASP C 147 19.04 -23.71 36.61
C ASP C 147 20.16 -22.83 36.07
N TRP C 148 21.31 -22.86 36.73
CA TRP C 148 22.44 -22.03 36.40
C TRP C 148 22.90 -22.13 34.94
N ARG C 149 22.37 -23.08 34.19
CA ARG C 149 22.87 -23.25 32.84
C ARG C 149 22.06 -22.47 31.81
N VAL C 150 20.84 -22.08 32.16
CA VAL C 150 19.95 -21.42 31.18
C VAL C 150 20.57 -20.13 30.62
N ARG C 151 21.08 -19.26 31.48
CA ARG C 151 21.58 -17.96 31.01
C ARG C 151 22.84 -18.05 30.16
N PRO C 152 23.88 -18.78 30.61
CA PRO C 152 25.06 -18.88 29.73
C PRO C 152 24.71 -19.48 28.36
N LEU C 153 23.91 -20.56 28.35
CA LEU C 153 23.37 -21.09 27.11
C LEU C 153 22.71 -20.02 26.25
N VAL C 154 21.81 -19.24 26.84
CA VAL C 154 21.12 -18.18 26.12
C VAL C 154 22.10 -17.13 25.60
N SER C 155 23.10 -16.77 26.40
CA SER C 155 24.09 -15.78 25.97
C SER C 155 24.78 -16.16 24.67
N VAL C 156 25.28 -17.40 24.55
CA VAL C 156 26.01 -17.76 23.33
C VAL C 156 25.05 -17.99 22.18
N VAL C 157 23.87 -18.53 22.45
CA VAL C 157 22.92 -18.69 21.36
C VAL C 157 22.54 -17.33 20.78
N LYS C 158 22.39 -16.31 21.65
CA LYS C 158 22.07 -14.97 21.13
C LYS C 158 23.21 -14.41 20.29
N GLU C 159 24.44 -14.58 20.76
CA GLU C 159 25.59 -14.09 19.99
C GLU C 159 25.81 -14.88 18.70
N TRP C 160 25.59 -16.18 18.72
CA TRP C 160 25.76 -16.95 17.49
C TRP C 160 24.82 -16.45 16.41
N ALA C 161 23.59 -16.17 16.78
CA ALA C 161 22.59 -15.73 15.80
C ALA C 161 22.91 -14.32 15.29
N LYS C 162 23.53 -13.51 16.14
CA LYS C 162 23.91 -12.16 15.72
C LYS C 162 25.04 -12.24 14.68
N ARG C 163 26.06 -13.02 14.99
CA ARG C 163 27.19 -13.15 14.09
C ARG C 163 26.91 -14.05 12.87
N LYS C 164 25.71 -14.63 12.80
CA LYS C 164 25.38 -15.45 11.63
C LYS C 164 24.15 -14.90 10.90
N GLY C 165 23.80 -13.64 11.16
CA GLY C 165 22.74 -12.97 10.42
C GLY C 165 21.34 -13.38 10.81
N ILE C 166 21.20 -14.52 11.48
CA ILE C 166 19.93 -14.99 12.02
C ILE C 166 19.40 -14.05 13.10
N PHE C 174 14.39 -13.44 13.67
CA PHE C 174 14.69 -13.90 15.03
C PHE C 174 15.12 -12.75 15.93
N THR C 175 14.26 -12.37 16.86
CA THR C 175 14.62 -11.46 17.93
C THR C 175 15.25 -12.22 19.11
N SER C 176 15.94 -11.48 19.98
CA SER C 176 16.47 -12.03 21.22
C SER C 176 15.43 -12.81 22.03
N TYR C 177 14.24 -12.23 22.17
CA TYR C 177 13.12 -12.85 22.85
C TYR C 177 12.67 -14.20 22.23
N SER C 178 12.63 -14.28 20.90
CA SER C 178 12.32 -15.53 20.21
C SER C 178 13.31 -16.63 20.55
N LEU C 179 14.59 -16.25 20.56
CA LEU C 179 15.67 -17.18 20.79
C LEU C 179 15.58 -17.73 22.19
N VAL C 180 15.30 -16.83 23.14
CA VAL C 180 15.18 -17.21 24.54
C VAL C 180 14.08 -18.23 24.69
N LEU C 181 12.98 -18.03 23.98
CA LEU C 181 11.87 -18.96 24.01
C LEU C 181 12.23 -20.28 23.30
N MET C 182 13.06 -20.21 22.26
CA MET C 182 13.54 -21.42 21.60
C MET C 182 14.41 -22.21 22.56
N VAL C 183 15.20 -21.49 23.36
CA VAL C 183 16.07 -22.14 24.33
C VAL C 183 15.31 -22.74 25.50
N ILE C 184 14.32 -22.04 26.01
CA ILE C 184 13.49 -22.58 27.08
C ILE C 184 12.74 -23.82 26.61
N HIS C 185 12.16 -23.76 25.42
CA HIS C 185 11.43 -24.88 24.86
C HIS C 185 12.33 -26.12 24.73
N PHE C 186 13.52 -25.92 24.16
CA PHE C 186 14.50 -26.99 24.04
C PHE C 186 14.86 -27.60 25.39
N LEU C 187 15.01 -26.75 26.41
CA LEU C 187 15.38 -27.27 27.74
C LEU C 187 14.19 -27.92 28.43
N GLN C 188 13.01 -27.80 27.81
CA GLN C 188 11.80 -28.45 28.32
C GLN C 188 11.54 -29.81 27.65
N CYS C 189 11.79 -29.88 26.35
CA CYS C 189 11.33 -30.97 25.50
C CYS C 189 12.42 -31.72 24.76
N GLY C 190 13.69 -31.42 25.06
CA GLY C 190 14.80 -32.11 24.44
C GLY C 190 15.22 -33.34 25.24
N PRO C 191 16.29 -34.00 24.78
CA PRO C 191 16.83 -35.20 25.45
C PRO C 191 17.01 -35.02 26.94
N THR C 192 17.61 -33.91 27.35
CA THR C 192 17.79 -33.59 28.76
C THR C 192 16.68 -32.67 29.26
N LYS C 193 15.85 -33.18 30.16
CA LYS C 193 14.81 -32.38 30.78
C LYS C 193 15.41 -31.51 31.88
N VAL C 194 15.75 -30.27 31.52
CA VAL C 194 16.37 -29.33 32.45
C VAL C 194 15.37 -28.38 33.15
N LEU C 195 14.38 -27.89 32.41
CA LEU C 195 13.33 -27.01 32.94
C LEU C 195 11.95 -27.68 32.90
N PRO C 196 11.12 -27.41 33.91
CA PRO C 196 9.74 -27.90 33.89
C PRO C 196 8.80 -26.95 33.15
N ASN C 197 7.51 -27.27 33.09
CA ASN C 197 6.52 -26.31 32.61
C ASN C 197 6.01 -25.53 33.79
N LEU C 198 6.62 -24.37 34.02
CA LEU C 198 6.36 -23.56 35.22
C LEU C 198 4.93 -23.08 35.32
N GLN C 199 4.31 -22.76 34.19
CA GLN C 199 2.92 -22.35 34.19
C GLN C 199 2.01 -23.51 34.55
N GLN C 200 2.45 -24.73 34.25
CA GLN C 200 1.66 -25.92 34.54
C GLN C 200 1.94 -26.51 35.91
N SER C 201 3.07 -26.12 36.52
CA SER C 201 3.47 -26.70 37.79
C SER C 201 3.13 -25.79 38.96
N TYR C 202 3.05 -24.50 38.69
CA TYR C 202 2.76 -23.51 39.72
C TYR C 202 1.65 -22.58 39.22
N PRO C 203 0.47 -23.16 38.97
CA PRO C 203 -0.54 -22.65 38.03
C PRO C 203 -1.18 -21.38 38.50
N ASN C 204 -1.26 -21.20 39.81
CA ASN C 204 -1.96 -20.06 40.36
C ASN C 204 -0.92 -19.00 40.74
N ARG C 205 0.36 -19.35 40.56
CA ARG C 205 1.43 -18.41 40.81
C ARG C 205 1.86 -17.72 39.52
N PHE C 206 1.46 -18.28 38.38
CA PHE C 206 1.80 -17.65 37.11
C PHE C 206 0.54 -17.46 36.28
N SER C 207 -0.60 -17.57 36.93
CA SER C 207 -1.89 -17.39 36.28
C SER C 207 -2.09 -15.99 35.66
N ASN C 208 -2.57 -16.00 34.42
CA ASN C 208 -3.04 -14.81 33.67
C ASN C 208 -4.09 -13.97 34.40
N LYS C 209 -4.79 -14.58 35.36
CA LYS C 209 -6.00 -14.00 35.92
C LYS C 209 -5.70 -13.19 37.18
N VAL C 210 -4.46 -13.24 37.61
CA VAL C 210 -4.02 -12.57 38.82
C VAL C 210 -3.68 -11.10 38.54
N ASP C 211 -4.02 -10.20 39.46
CA ASP C 211 -3.60 -8.79 39.38
C ASP C 211 -2.09 -8.74 39.44
N VAL C 212 -1.43 -8.01 38.55
CA VAL C 212 0.04 -8.09 38.53
C VAL C 212 0.69 -7.53 39.78
N ARG C 213 -0.03 -6.73 40.58
CA ARG C 213 0.50 -6.27 41.87
C ARG C 213 0.56 -7.39 42.90
N THR C 214 0.01 -8.55 42.55
CA THR C 214 -0.02 -9.72 43.41
C THR C 214 1.19 -10.64 43.18
N LEU C 215 1.80 -10.55 42.00
CA LEU C 215 2.90 -11.42 41.58
C LEU C 215 3.99 -11.63 42.62
N ASN C 216 4.28 -12.89 42.88
CA ASN C 216 5.29 -13.25 43.84
C ASN C 216 6.68 -13.01 43.25
N VAL C 217 7.44 -12.17 43.93
CA VAL C 217 8.72 -11.69 43.43
C VAL C 217 9.87 -12.18 44.34
N THR C 218 9.52 -12.86 45.44
CA THR C 218 10.55 -13.43 46.32
C THR C 218 10.40 -14.93 46.62
N MET C 219 9.32 -15.56 46.15
CA MET C 219 9.20 -17.01 46.30
C MET C 219 10.37 -17.68 45.60
N ALA C 220 11.11 -18.50 46.34
CA ALA C 220 12.02 -19.44 45.71
C ALA C 220 11.11 -20.56 45.31
N LEU C 221 11.26 -21.08 44.10
CA LEU C 221 10.39 -22.18 43.67
C LEU C 221 10.66 -23.41 44.54
N GLU C 222 9.64 -24.22 44.74
CA GLU C 222 9.74 -25.39 45.62
C GLU C 222 9.88 -26.69 44.82
N SER C 231 18.47 -34.94 38.48
CA SER C 231 19.45 -36.01 38.66
C SER C 231 20.16 -36.38 37.35
N LEU C 232 19.38 -36.80 36.36
CA LEU C 232 19.88 -37.00 35.00
C LEU C 232 20.30 -35.67 34.39
N SER C 233 19.72 -34.59 34.90
CA SER C 233 19.95 -33.25 34.39
C SER C 233 21.33 -32.73 34.78
N GLU C 234 21.72 -32.98 36.02
CA GLU C 234 23.03 -32.51 36.49
C GLU C 234 24.18 -33.22 35.76
N LYS C 235 23.91 -34.41 35.22
CA LYS C 235 24.86 -35.06 34.34
C LYS C 235 25.27 -34.09 33.24
N THR C 236 24.36 -33.82 32.32
CA THR C 236 24.64 -33.04 31.10
C THR C 236 25.37 -31.72 31.32
N THR C 237 26.29 -31.42 30.41
CA THR C 237 27.16 -30.25 30.50
C THR C 237 26.66 -29.11 29.64
N LEU C 238 27.26 -27.94 29.82
CA LEU C 238 26.93 -26.80 28.97
C LEU C 238 27.14 -27.11 27.50
N GLY C 239 28.25 -27.81 27.20
CA GLY C 239 28.59 -28.16 25.84
C GLY C 239 27.58 -29.07 25.16
N GLU C 240 27.14 -30.12 25.85
CA GLU C 240 26.15 -31.03 25.27
C GLU C 240 24.81 -30.31 25.09
N LEU C 241 24.51 -29.42 26.02
CA LEU C 241 23.30 -28.60 25.92
C LEU C 241 23.30 -27.80 24.63
N LEU C 242 24.40 -27.07 24.36
CA LEU C 242 24.46 -26.23 23.16
C LEU C 242 24.49 -27.06 21.87
N ILE C 243 25.31 -28.12 21.83
CA ILE C 243 25.29 -29.03 20.69
C ILE C 243 23.89 -29.58 20.48
N GLY C 244 23.26 -30.03 21.57
CA GLY C 244 21.88 -30.51 21.52
C GLY C 244 20.88 -29.50 20.98
N PHE C 245 20.94 -28.27 21.48
CA PHE C 245 20.11 -27.18 21.00
C PHE C 245 20.19 -27.02 19.48
N LEU C 246 21.41 -26.97 18.95
CA LEU C 246 21.63 -26.81 17.51
C LEU C 246 21.15 -28.05 16.75
N ASP C 247 21.33 -29.22 17.35
CA ASP C 247 20.83 -30.47 16.78
C ASP C 247 19.30 -30.44 16.68
N TYR C 248 18.67 -30.03 17.78
CA TYR C 248 17.22 -29.99 17.85
C TYR C 248 16.57 -29.17 16.72
N TYR C 249 17.09 -27.98 16.48
CA TYR C 249 16.45 -27.12 15.48
C TYR C 249 16.94 -27.43 14.06
N ALA C 250 18.04 -28.15 13.96
CA ALA C 250 18.56 -28.54 12.64
C ALA C 250 17.87 -29.79 12.08
N ASN C 251 17.57 -30.75 12.94
CA ASN C 251 17.15 -32.08 12.47
C ASN C 251 15.83 -32.59 13.05
N GLU C 252 15.30 -31.91 14.06
CA GLU C 252 14.17 -32.47 14.81
C GLU C 252 12.90 -31.63 14.73
N PHE C 253 13.05 -30.32 14.70
CA PHE C 253 11.89 -29.42 14.70
C PHE C 253 11.43 -29.08 13.30
N ASN C 254 10.16 -29.37 13.01
CA ASN C 254 9.57 -29.08 11.70
C ASN C 254 8.98 -27.68 11.63
N TYR C 255 9.66 -26.76 10.94
CA TYR C 255 9.22 -25.36 10.90
C TYR C 255 7.95 -25.14 10.09
N ASP C 256 7.27 -26.22 9.74
CA ASP C 256 5.97 -26.16 9.07
C ASP C 256 4.91 -26.96 9.82
N ARG C 257 5.25 -28.18 10.17
CA ARG C 257 4.31 -29.02 10.90
C ARG C 257 4.09 -28.53 12.33
N ASP C 258 5.11 -27.90 12.92
CA ASP C 258 5.07 -27.63 14.36
C ASP C 258 5.26 -26.18 14.79
N ALA C 259 4.83 -25.91 16.02
CA ALA C 259 5.03 -24.62 16.65
C ALA C 259 5.50 -24.82 18.09
N ILE C 260 6.13 -23.80 18.66
CA ILE C 260 6.49 -23.83 20.07
C ILE C 260 5.38 -23.25 20.94
N SER C 261 4.97 -24.01 21.96
CA SER C 261 4.11 -23.48 22.99
C SER C 261 4.85 -23.57 24.31
N ILE C 262 4.94 -22.46 25.04
CA ILE C 262 5.62 -22.43 26.32
C ILE C 262 4.64 -22.78 27.44
N ARG C 263 3.38 -22.36 27.29
CA ARG C 263 2.38 -22.52 28.33
C ARG C 263 2.14 -23.99 28.57
N GLN C 264 2.08 -24.73 27.46
CA GLN C 264 2.23 -26.18 27.48
C GLN C 264 3.67 -26.53 27.09
N GLY C 265 4.45 -27.06 28.02
CA GLY C 265 5.82 -27.43 27.71
C GLY C 265 5.89 -28.56 26.71
N ARG C 266 5.53 -28.27 25.48
CA ARG C 266 5.40 -29.26 24.43
C ARG C 266 5.41 -28.54 23.11
N ARG C 267 5.83 -29.21 22.04
CA ARG C 267 5.64 -28.64 20.71
C ARG C 267 4.22 -29.00 20.24
N VAL C 268 3.65 -28.14 19.42
CA VAL C 268 2.26 -28.27 19.02
C VAL C 268 2.11 -28.13 17.52
N GLU C 269 1.03 -28.68 16.97
CA GLU C 269 0.73 -28.45 15.56
C GLU C 269 0.60 -26.94 15.34
N ARG C 270 1.16 -26.46 14.24
CA ARG C 270 1.10 -25.04 13.91
C ARG C 270 -0.35 -24.52 13.82
N ALA C 271 -1.31 -25.43 13.65
CA ALA C 271 -2.74 -25.09 13.65
C ALA C 271 -3.43 -25.46 14.97
N TRP C 283 3.91 -15.98 8.11
CA TRP C 283 3.72 -15.12 9.26
C TRP C 283 5.06 -14.92 9.98
N ARG C 284 5.69 -16.05 10.28
CA ARG C 284 7.07 -16.10 10.75
C ARG C 284 7.59 -17.54 10.57
N CYS C 285 8.91 -17.68 10.61
CA CYS C 285 9.56 -18.98 10.35
C CYS C 285 9.31 -19.97 11.47
N VAL C 286 9.79 -19.64 12.67
CA VAL C 286 9.46 -20.44 13.85
C VAL C 286 8.25 -19.85 14.55
N CYS C 287 7.14 -20.56 14.48
CA CYS C 287 5.92 -20.12 15.11
C CYS C 287 6.01 -20.31 16.60
N ILE C 288 5.95 -19.23 17.35
CA ILE C 288 6.07 -19.29 18.79
C ILE C 288 4.81 -18.76 19.50
N GLU C 289 4.21 -19.58 20.33
CA GLU C 289 3.13 -19.13 21.20
C GLU C 289 3.76 -18.60 22.48
N GLU C 290 3.42 -17.37 22.84
CA GLU C 290 4.00 -16.73 24.02
C GLU C 290 3.38 -17.27 25.31
N PRO C 291 4.17 -17.28 26.40
CA PRO C 291 3.64 -17.67 27.70
C PRO C 291 2.34 -16.94 27.99
N PHE C 292 2.31 -15.63 27.72
CA PHE C 292 1.09 -14.83 27.86
C PHE C 292 0.84 -14.06 26.57
N LYS C 311 17.81 -22.44 8.61
CA LYS C 311 17.58 -23.86 8.85
C LYS C 311 18.74 -24.71 8.30
N LYS C 312 19.41 -24.18 7.28
CA LYS C 312 20.67 -24.75 6.81
C LYS C 312 21.79 -24.18 7.66
N ALA C 313 21.53 -23.03 8.28
CA ALA C 313 22.45 -22.43 9.23
C ALA C 313 22.54 -23.29 10.50
N PHE C 314 21.38 -23.66 11.06
CA PHE C 314 21.33 -24.60 12.17
C PHE C 314 22.02 -25.92 11.79
N ARG C 315 21.79 -26.36 10.56
CA ARG C 315 22.43 -27.57 10.07
C ARG C 315 23.97 -27.46 10.11
N GLU C 316 24.51 -26.34 9.61
CA GLU C 316 25.97 -26.22 9.54
C GLU C 316 26.61 -25.72 10.85
N ALA C 317 25.80 -25.14 11.73
CA ALA C 317 26.26 -24.81 13.08
C ALA C 317 26.35 -26.09 13.91
N HIS C 318 25.37 -26.96 13.77
CA HIS C 318 25.44 -28.24 14.46
C HIS C 318 26.59 -29.08 13.92
N GLY C 319 26.77 -29.07 12.60
CA GLY C 319 27.87 -29.79 11.98
C GLY C 319 29.21 -29.36 12.55
N GLU C 320 29.41 -28.05 12.61
CA GLU C 320 30.67 -27.53 13.13
C GLU C 320 30.86 -27.90 14.59
N LEU C 321 29.93 -27.47 15.43
CA LEU C 321 30.13 -27.58 16.88
C LEU C 321 30.23 -29.02 17.34
N GLN C 322 29.39 -29.88 16.78
CA GLN C 322 29.37 -31.27 17.19
C GLN C 322 30.70 -31.94 16.88
N HIS C 323 31.28 -31.59 15.74
CA HIS C 323 32.50 -32.22 15.26
C HIS C 323 33.77 -31.72 15.95
N ASN C 324 33.91 -30.40 16.11
CA ASN C 324 35.14 -29.82 16.66
C ASN C 324 35.11 -29.38 18.13
N HIS C 325 33.90 -29.21 18.67
CA HIS C 325 33.70 -28.69 20.03
C HIS C 325 34.41 -27.34 20.23
N ASP C 326 34.50 -26.54 19.17
CA ASP C 326 35.26 -25.28 19.23
C ASP C 326 34.34 -24.05 19.14
N LEU C 327 34.05 -23.45 20.29
CA LEU C 327 33.14 -22.31 20.33
C LEU C 327 33.66 -21.12 19.52
N ASP C 328 34.97 -20.91 19.49
CA ASP C 328 35.56 -19.85 18.68
C ASP C 328 35.29 -20.06 17.20
N LYS C 329 35.35 -21.32 16.76
CA LYS C 329 35.08 -21.67 15.37
C LYS C 329 33.59 -21.56 15.06
N LEU C 330 32.74 -21.78 16.06
CA LEU C 330 31.31 -21.62 15.85
C LEU C 330 30.95 -20.16 15.60
N MET C 331 31.38 -19.28 16.49
CA MET C 331 31.02 -17.87 16.41
C MET C 331 32.02 -17.04 15.61
N GLU C 332 32.76 -17.70 14.72
CA GLU C 332 33.54 -17.02 13.69
C GLU C 332 33.01 -17.43 12.33
N CYS C 333 31.70 -17.31 12.16
CA CYS C 333 31.02 -17.73 10.94
C CYS C 333 30.74 -16.56 10.01
N LEU D 6 48.38 -15.55 -17.46
CA LEU D 6 47.21 -16.05 -16.74
C LEU D 6 45.93 -15.85 -17.57
N SER D 7 46.06 -15.10 -18.67
CA SER D 7 44.92 -14.84 -19.57
C SER D 7 44.19 -16.10 -19.99
N GLU D 8 44.95 -17.15 -20.27
CA GLU D 8 44.47 -18.37 -20.93
C GLU D 8 43.20 -18.98 -20.32
N LYS D 9 43.18 -19.16 -19.00
CA LYS D 9 42.07 -19.82 -18.34
C LYS D 9 40.75 -19.03 -18.47
N ILE D 10 40.84 -17.71 -18.55
CA ILE D 10 39.65 -16.88 -18.76
C ILE D 10 38.98 -17.24 -20.08
N TRP D 11 39.77 -17.28 -21.14
CA TRP D 11 39.25 -17.65 -22.46
C TRP D 11 38.67 -19.07 -22.42
N ASP D 12 39.19 -19.91 -21.52
CA ASP D 12 38.69 -21.25 -21.38
C ASP D 12 37.26 -21.24 -20.85
N TYR D 13 37.05 -20.57 -19.72
CA TYR D 13 35.71 -20.44 -19.13
C TYR D 13 34.74 -19.80 -20.12
N HIS D 14 35.21 -18.78 -20.84
CA HIS D 14 34.41 -18.12 -21.86
C HIS D 14 33.95 -19.08 -22.95
N ASN D 15 34.91 -19.71 -23.63
CA ASN D 15 34.58 -20.63 -24.72
C ASN D 15 33.78 -21.83 -24.25
N LYS D 16 33.78 -22.04 -22.93
CA LYS D 16 33.09 -23.19 -22.33
C LYS D 16 31.61 -22.90 -22.06
N VAL D 17 31.30 -21.64 -21.75
CA VAL D 17 29.95 -21.28 -21.30
C VAL D 17 29.20 -20.40 -22.32
N SER D 18 29.90 -19.82 -23.29
CA SER D 18 29.27 -18.97 -24.30
C SER D 18 28.23 -19.72 -25.15
N GLN D 19 27.37 -18.97 -25.83
CA GLN D 19 26.31 -19.57 -26.64
C GLN D 19 26.92 -20.29 -27.85
N THR D 20 26.44 -21.50 -28.09
CA THR D 20 26.91 -22.28 -29.23
C THR D 20 26.12 -21.89 -30.46
N ASP D 21 26.62 -22.27 -31.64
CA ASP D 21 25.92 -21.96 -32.89
C ASP D 21 24.79 -22.95 -33.07
N GLU D 22 24.87 -24.06 -32.32
CA GLU D 22 23.79 -25.02 -32.31
C GLU D 22 22.58 -24.39 -31.63
N MET D 23 22.78 -23.87 -30.43
CA MET D 23 21.71 -23.27 -29.65
C MET D 23 21.03 -22.13 -30.41
N LEU D 24 21.84 -21.27 -31.03
CA LEU D 24 21.33 -20.10 -31.74
C LEU D 24 20.48 -20.48 -32.95
N GLN D 25 20.80 -21.60 -33.56
CA GLN D 25 19.99 -22.10 -34.67
C GLN D 25 18.64 -22.55 -34.13
N ARG D 26 18.66 -23.16 -32.95
CA ARG D 26 17.44 -23.62 -32.30
C ARG D 26 16.56 -22.44 -31.91
N LYS D 27 17.19 -21.40 -31.35
CA LYS D 27 16.45 -20.19 -31.00
C LYS D 27 15.81 -19.57 -32.23
N LEU D 28 16.54 -19.55 -33.35
CA LEU D 28 16.00 -18.94 -34.55
C LEU D 28 14.87 -19.81 -35.10
N HIS D 29 15.01 -21.12 -34.95
CA HIS D 29 13.94 -21.99 -35.36
C HIS D 29 12.69 -21.75 -34.52
N LEU D 30 12.86 -21.77 -33.20
CA LEU D 30 11.76 -21.49 -32.29
C LEU D 30 11.07 -20.17 -32.61
N ARG D 31 11.86 -19.12 -32.85
CA ARG D 31 11.30 -17.81 -33.17
C ARG D 31 10.47 -17.85 -34.44
N ASP D 32 10.91 -18.63 -35.41
CA ASP D 32 10.16 -18.83 -36.64
C ASP D 32 8.83 -19.56 -36.39
N MET D 33 8.84 -20.48 -35.42
CA MET D 33 7.61 -21.15 -35.00
C MET D 33 6.65 -20.17 -34.33
N LEU D 34 7.20 -19.26 -33.52
CA LEU D 34 6.36 -18.24 -32.91
C LEU D 34 5.74 -17.40 -34.01
N TYR D 35 6.56 -17.00 -34.98
CA TYR D 35 6.07 -16.09 -36.02
C TYR D 35 4.98 -16.69 -36.90
N THR D 36 5.05 -18.00 -37.13
CA THR D 36 4.04 -18.74 -37.89
C THR D 36 2.69 -18.63 -37.21
N ALA D 37 2.67 -18.73 -35.88
CA ALA D 37 1.45 -18.57 -35.08
C ALA D 37 0.99 -17.10 -34.92
N ILE D 38 1.92 -16.16 -34.88
CA ILE D 38 1.53 -14.76 -34.68
C ILE D 38 1.03 -14.11 -35.98
N SER D 39 1.52 -14.61 -37.12
CA SER D 39 1.25 -14.00 -38.43
C SER D 39 -0.24 -13.79 -38.79
N PRO D 40 -1.13 -14.76 -38.50
CA PRO D 40 -2.55 -14.46 -38.74
C PRO D 40 -3.07 -13.26 -37.96
N VAL D 41 -2.43 -12.95 -36.84
CA VAL D 41 -2.89 -11.86 -35.98
C VAL D 41 -2.31 -10.54 -36.44
N PHE D 42 -1.00 -10.51 -36.69
CA PHE D 42 -0.31 -9.34 -37.21
C PHE D 42 0.50 -9.74 -38.44
N PRO D 43 -0.14 -9.70 -39.61
CA PRO D 43 0.38 -10.21 -40.87
C PRO D 43 1.64 -9.47 -41.34
N LEU D 44 1.74 -8.19 -41.02
CA LEU D 44 2.82 -7.35 -41.52
C LEU D 44 3.91 -7.15 -40.47
N SER D 45 3.76 -7.82 -39.33
CA SER D 45 4.67 -7.63 -38.20
C SER D 45 6.02 -8.29 -38.44
N GLY D 46 7.02 -7.84 -37.69
CA GLY D 46 8.32 -8.48 -37.74
C GLY D 46 8.78 -8.84 -36.34
N LEU D 47 9.33 -10.03 -36.20
CA LEU D 47 9.72 -10.54 -34.90
C LEU D 47 11.24 -10.58 -34.76
N TYR D 48 11.81 -9.56 -34.11
CA TYR D 48 13.26 -9.44 -34.01
C TYR D 48 13.80 -10.21 -32.83
N VAL D 49 14.97 -10.81 -33.00
CA VAL D 49 15.71 -11.31 -31.86
C VAL D 49 16.47 -10.14 -31.24
N VAL D 50 16.41 -9.99 -29.92
CA VAL D 50 17.21 -8.97 -29.25
C VAL D 50 17.87 -9.57 -28.01
N GLY D 51 18.70 -8.78 -27.33
CA GLY D 51 19.37 -9.20 -26.11
C GLY D 51 20.57 -10.14 -26.30
N SER D 52 20.91 -10.86 -25.24
CA SER D 52 22.03 -11.80 -25.20
C SER D 52 22.13 -12.74 -26.39
N SER D 53 20.98 -13.25 -26.83
CA SER D 53 20.94 -14.35 -27.79
C SER D 53 21.51 -13.99 -29.16
N LEU D 54 21.63 -12.69 -29.45
CA LEU D 54 22.15 -12.29 -30.76
C LEU D 54 23.22 -11.18 -30.69
N ASN D 55 23.34 -10.50 -29.55
CA ASN D 55 24.33 -9.42 -29.47
C ASN D 55 25.74 -9.94 -29.14
N GLY D 56 25.85 -11.23 -28.85
CA GLY D 56 27.15 -11.85 -28.67
C GLY D 56 27.67 -11.90 -27.25
N PHE D 57 26.77 -11.85 -26.27
CA PHE D 57 27.19 -11.86 -24.88
C PHE D 57 26.51 -12.94 -24.07
N GLY D 58 25.79 -13.83 -24.75
CA GLY D 58 24.94 -14.78 -24.05
C GLY D 58 25.55 -16.13 -23.70
N ASN D 59 24.95 -16.75 -22.69
CA ASN D 59 25.20 -18.15 -22.34
C ASN D 59 24.34 -19.06 -23.21
N ASN D 60 24.33 -20.34 -22.89
CA ASN D 60 23.40 -21.25 -23.51
C ASN D 60 22.10 -21.30 -22.71
N SER D 61 22.19 -20.95 -21.44
CA SER D 61 21.01 -20.88 -20.55
C SER D 61 20.18 -19.61 -20.79
N SER D 62 20.71 -18.72 -21.65
CA SER D 62 20.11 -17.42 -21.90
C SER D 62 18.68 -17.44 -22.45
N ASP D 63 17.80 -16.67 -21.83
CA ASP D 63 16.49 -16.37 -22.38
C ASP D 63 16.64 -15.86 -23.80
N MET D 64 15.68 -16.15 -24.66
CA MET D 64 15.64 -15.45 -25.92
C MET D 64 14.63 -14.30 -25.82
N ASP D 65 15.14 -13.08 -25.85
CA ASP D 65 14.26 -11.91 -25.85
C ASP D 65 13.81 -11.62 -27.28
N LEU D 66 12.51 -11.39 -27.47
CA LEU D 66 11.99 -11.08 -28.79
C LEU D 66 11.28 -9.72 -28.80
N CYS D 67 11.29 -9.07 -29.95
CA CYS D 67 10.59 -7.81 -30.12
C CYS D 67 9.66 -7.83 -31.34
N LEU D 68 8.36 -7.80 -31.08
CA LEU D 68 7.39 -7.75 -32.15
C LEU D 68 7.23 -6.32 -32.60
N MET D 69 7.64 -6.04 -33.83
CA MET D 69 7.45 -4.72 -34.40
C MET D 69 6.18 -4.70 -35.23
N ILE D 70 5.33 -3.72 -34.97
CA ILE D 70 3.99 -3.64 -35.53
C ILE D 70 3.72 -2.28 -36.21
N THR D 71 4.29 -1.20 -35.67
CA THR D 71 4.08 0.13 -36.23
C THR D 71 5.36 0.92 -36.34
N ASN D 72 5.36 1.83 -37.31
CA ASN D 72 6.38 2.85 -37.43
C ASN D 72 6.30 3.86 -36.28
N LYS D 73 5.09 4.13 -35.81
CA LYS D 73 4.90 5.10 -34.71
C LYS D 73 5.37 4.51 -33.40
N ASP D 74 5.21 5.28 -32.33
CA ASP D 74 5.65 4.79 -31.05
C ASP D 74 4.49 4.20 -30.26
N LEU D 75 4.67 2.95 -29.81
CA LEU D 75 3.60 2.21 -29.16
C LEU D 75 3.56 2.44 -27.66
N ASP D 76 2.46 3.00 -27.19
CA ASP D 76 2.26 3.21 -25.76
C ASP D 76 2.36 1.92 -24.95
N GLN D 77 3.20 1.93 -23.93
CA GLN D 77 3.51 0.73 -23.15
C GLN D 77 2.64 0.60 -21.92
N LYS D 78 1.72 1.54 -21.76
CA LYS D 78 0.83 1.62 -20.60
C LYS D 78 -0.44 0.80 -20.85
N ASN D 79 -1.06 0.99 -22.02
CA ASN D 79 -2.30 0.29 -22.35
C ASN D 79 -2.25 -0.54 -23.63
N ASP D 80 -1.73 0.05 -24.71
CA ASP D 80 -1.72 -0.59 -26.04
C ASP D 80 -0.82 -1.84 -26.07
N ALA D 81 0.32 -1.76 -25.41
CA ALA D 81 1.26 -2.86 -25.39
C ALA D 81 0.63 -4.11 -24.74
N VAL D 82 -0.11 -3.90 -23.65
CA VAL D 82 -0.75 -4.97 -22.92
C VAL D 82 -1.85 -5.62 -23.76
N VAL D 83 -2.62 -4.79 -24.46
CA VAL D 83 -3.66 -5.29 -25.34
C VAL D 83 -3.04 -6.10 -26.51
N VAL D 84 -1.94 -5.61 -27.05
CA VAL D 84 -1.26 -6.33 -28.13
C VAL D 84 -0.75 -7.68 -27.65
N LEU D 85 -0.12 -7.71 -26.49
CA LEU D 85 0.45 -8.93 -25.96
C LEU D 85 -0.65 -9.93 -25.57
N ASN D 86 -1.80 -9.41 -25.16
CA ASN D 86 -2.91 -10.27 -24.81
C ASN D 86 -3.53 -10.91 -26.06
N LEU D 87 -3.35 -10.29 -27.22
CA LEU D 87 -3.82 -10.81 -28.49
C LEU D 87 -2.94 -11.98 -28.97
N ILE D 88 -1.66 -11.93 -28.62
CA ILE D 88 -0.76 -13.04 -28.88
C ILE D 88 -1.05 -14.22 -27.93
N LEU D 89 -1.28 -13.91 -26.66
CA LEU D 89 -1.50 -14.95 -25.65
C LEU D 89 -2.82 -15.65 -25.96
N SER D 90 -3.79 -14.88 -26.43
CA SER D 90 -5.07 -15.39 -26.87
C SER D 90 -4.94 -16.40 -28.00
N THR D 91 -3.87 -16.28 -28.79
CA THR D 91 -3.62 -17.25 -29.85
C THR D 91 -2.72 -18.39 -29.39
N LEU D 92 -1.60 -18.08 -28.75
CA LEU D 92 -0.64 -19.10 -28.31
C LEU D 92 -1.25 -20.08 -27.29
N GLN D 93 -2.37 -19.67 -26.72
CA GLN D 93 -3.20 -20.51 -25.87
C GLN D 93 -3.52 -21.87 -26.50
N TYR D 94 -3.66 -21.88 -27.83
CA TYR D 94 -4.10 -23.05 -28.55
C TYR D 94 -2.99 -23.77 -29.35
N GLU D 95 -1.75 -23.29 -29.24
CA GLU D 95 -0.65 -23.93 -29.96
C GLU D 95 -0.01 -24.98 -29.07
N LYS D 96 0.16 -26.18 -29.62
CA LYS D 96 0.66 -27.31 -28.83
C LYS D 96 2.09 -27.08 -28.39
N PHE D 97 2.90 -26.40 -29.20
CA PHE D 97 4.33 -26.27 -28.88
C PHE D 97 4.56 -25.28 -27.71
N VAL D 98 3.54 -24.50 -27.40
CA VAL D 98 3.60 -23.58 -26.27
C VAL D 98 3.11 -24.32 -25.02
N GLU D 99 3.92 -24.29 -23.96
CA GLU D 99 3.58 -24.98 -22.70
C GLU D 99 2.81 -24.11 -21.71
N SER D 100 3.32 -22.91 -21.44
CA SER D 100 2.64 -21.95 -20.58
C SER D 100 3.01 -20.50 -20.93
N GLN D 101 2.17 -19.57 -20.47
CA GLN D 101 2.41 -18.16 -20.68
C GLN D 101 2.25 -17.37 -19.38
N LYS D 102 3.02 -16.31 -19.25
CA LYS D 102 2.80 -15.37 -18.18
C LYS D 102 2.83 -13.94 -18.73
N LEU D 103 1.79 -13.16 -18.41
CA LEU D 103 1.80 -11.73 -18.66
C LEU D 103 2.49 -10.98 -17.51
N ILE D 104 3.51 -10.21 -17.84
CA ILE D 104 4.23 -9.44 -16.82
C ILE D 104 3.92 -7.98 -16.96
N LEU D 105 3.12 -7.45 -16.04
CA LEU D 105 2.91 -6.00 -15.98
C LEU D 105 4.18 -5.35 -15.47
N ALA D 106 4.72 -4.45 -16.26
CA ALA D 106 5.93 -3.72 -15.90
C ALA D 106 5.92 -2.44 -16.71
N LYS D 107 6.97 -1.63 -16.58
CA LYS D 107 7.09 -0.42 -17.38
C LYS D 107 7.12 -0.80 -18.86
N VAL D 108 7.82 -1.88 -19.20
CA VAL D 108 7.68 -2.52 -20.51
C VAL D 108 7.04 -3.90 -20.36
N PRO D 109 5.72 -3.99 -20.62
CA PRO D 109 4.99 -5.25 -20.50
C PRO D 109 5.70 -6.38 -21.28
N ILE D 110 5.68 -7.59 -20.74
CA ILE D 110 6.37 -8.72 -21.33
C ILE D 110 5.45 -9.93 -21.39
N LEU D 111 5.45 -10.62 -22.52
CA LEU D 111 4.85 -11.95 -22.56
C LEU D 111 5.98 -12.96 -22.37
N ARG D 112 5.98 -13.66 -21.24
CA ARG D 112 6.99 -14.68 -20.96
C ARG D 112 6.44 -16.06 -21.31
N ILE D 113 7.14 -16.78 -22.19
CA ILE D 113 6.63 -18.02 -22.78
C ILE D 113 7.60 -19.19 -22.59
N ASN D 114 7.05 -20.34 -22.19
CA ASN D 114 7.81 -21.58 -22.01
C ASN D 114 7.28 -22.65 -22.93
N PHE D 115 8.16 -23.53 -23.39
CA PHE D 115 7.77 -24.37 -24.51
C PHE D 115 7.80 -25.85 -24.23
N ALA D 116 7.17 -26.59 -25.13
CA ALA D 116 6.98 -28.02 -24.95
C ALA D 116 8.09 -28.85 -25.57
N ALA D 117 8.07 -30.13 -25.21
CA ALA D 117 8.68 -31.23 -25.94
C ALA D 117 10.16 -30.98 -26.35
N PRO D 118 10.47 -30.50 -27.58
CA PRO D 118 11.94 -30.47 -27.67
C PRO D 118 12.56 -29.11 -27.28
N PHE D 119 11.74 -28.14 -26.85
CA PHE D 119 12.25 -26.79 -26.57
C PHE D 119 12.10 -26.37 -25.10
N ASP D 120 12.23 -27.31 -24.17
CA ASP D 120 12.02 -27.05 -22.74
C ASP D 120 13.06 -26.15 -22.10
N ASP D 121 14.21 -25.99 -22.74
CA ASP D 121 15.29 -25.27 -22.10
C ASP D 121 15.31 -23.79 -22.51
N ILE D 122 14.52 -23.44 -23.52
CA ILE D 122 14.47 -22.06 -24.03
C ILE D 122 13.24 -21.31 -23.55
N THR D 123 13.44 -20.22 -22.83
CA THR D 123 12.35 -19.34 -22.44
C THR D 123 12.37 -18.08 -23.29
N VAL D 124 11.20 -17.64 -23.73
CA VAL D 124 11.10 -16.41 -24.50
C VAL D 124 10.48 -15.29 -23.68
N ALA D 125 11.09 -14.09 -23.77
CA ALA D 125 10.52 -12.88 -23.23
C ALA D 125 10.21 -11.96 -24.40
N LEU D 126 8.92 -11.66 -24.60
CA LEU D 126 8.44 -10.92 -25.76
C LEU D 126 7.91 -9.55 -25.34
N ASN D 127 8.44 -8.48 -25.93
CA ASN D 127 7.87 -7.14 -25.72
C ASN D 127 7.14 -6.68 -26.99
N ALA D 128 6.22 -5.73 -26.85
CA ALA D 128 5.48 -5.23 -28.01
C ALA D 128 6.04 -3.90 -28.52
N ASN D 129 6.66 -3.95 -29.70
CA ASN D 129 7.05 -2.75 -30.44
C ASN D 129 7.99 -1.83 -29.67
N ASN D 130 8.76 -2.37 -28.75
CA ASN D 130 9.68 -1.54 -27.98
C ASN D 130 11.06 -1.49 -28.66
N SER D 131 11.16 -0.72 -29.75
CA SER D 131 12.29 -0.80 -30.67
C SER D 131 13.65 -0.32 -30.15
N VAL D 132 13.71 0.35 -29.01
CA VAL D 132 15.04 0.70 -28.51
C VAL D 132 15.83 -0.57 -28.19
N ALA D 133 15.12 -1.68 -27.97
CA ALA D 133 15.77 -2.94 -27.70
C ALA D 133 16.52 -3.42 -28.94
N ILE D 134 15.93 -3.23 -30.11
CA ILE D 134 16.62 -3.43 -31.38
C ILE D 134 17.94 -2.67 -31.46
N ARG D 135 17.88 -1.35 -31.30
CA ARG D 135 19.05 -0.47 -31.41
C ARG D 135 20.15 -0.87 -30.44
N ASN D 136 19.81 -1.02 -29.17
CA ASN D 136 20.75 -1.47 -28.15
C ASN D 136 21.48 -2.77 -28.49
N THR D 137 20.85 -3.66 -29.24
CA THR D 137 21.52 -4.91 -29.54
C THR D 137 22.30 -4.76 -30.82
N HIS D 138 21.82 -3.89 -31.70
CA HIS D 138 22.55 -3.57 -32.91
C HIS D 138 23.91 -3.00 -32.52
N LEU D 139 23.90 -1.98 -31.67
CA LEU D 139 25.13 -1.34 -31.24
C LEU D 139 26.03 -2.33 -30.49
N LEU D 140 25.51 -2.91 -29.41
CA LEU D 140 26.28 -3.83 -28.58
C LEU D 140 26.83 -5.04 -29.33
N CYS D 141 26.25 -5.35 -30.50
CA CYS D 141 26.79 -6.44 -31.30
C CYS D 141 28.07 -6.00 -32.03
N TYR D 142 28.24 -4.69 -32.19
CA TYR D 142 29.47 -4.16 -32.77
C TYR D 142 30.53 -3.95 -31.69
N TYR D 143 30.10 -3.64 -30.47
CA TYR D 143 31.02 -3.55 -29.33
C TYR D 143 31.66 -4.90 -29.00
N SER D 144 30.92 -5.98 -29.22
CA SER D 144 31.40 -7.32 -28.91
C SER D 144 32.32 -7.85 -30.00
N SER D 145 32.35 -7.16 -31.13
CA SER D 145 33.12 -7.60 -32.29
C SER D 145 34.23 -6.61 -32.66
N TYR D 146 34.52 -5.68 -31.77
CA TYR D 146 35.55 -4.67 -32.04
C TYR D 146 36.91 -5.20 -31.63
N ASP D 147 36.91 -5.98 -30.56
CA ASP D 147 38.10 -6.59 -30.04
C ASP D 147 37.74 -7.99 -29.53
N TRP D 148 38.66 -8.92 -29.67
CA TRP D 148 38.39 -10.31 -29.33
C TRP D 148 38.25 -10.53 -27.82
N ARG D 149 38.68 -9.55 -27.02
CA ARG D 149 38.76 -9.73 -25.57
C ARG D 149 37.46 -9.40 -24.83
N VAL D 150 36.58 -8.63 -25.46
CA VAL D 150 35.37 -8.14 -24.80
C VAL D 150 34.45 -9.27 -24.34
N ARG D 151 34.03 -10.12 -25.27
CA ARG D 151 33.10 -11.23 -24.96
C ARG D 151 33.65 -12.23 -23.92
N PRO D 152 34.96 -12.54 -23.98
CA PRO D 152 35.47 -13.44 -22.92
C PRO D 152 35.56 -12.79 -21.56
N LEU D 153 35.92 -11.51 -21.53
CA LEU D 153 35.93 -10.75 -20.29
C LEU D 153 34.53 -10.75 -19.68
N VAL D 154 33.54 -10.40 -20.51
CA VAL D 154 32.14 -10.33 -20.09
C VAL D 154 31.68 -11.62 -19.42
N SER D 155 32.06 -12.74 -20.03
CA SER D 155 31.68 -14.06 -19.53
C SER D 155 32.06 -14.27 -18.07
N VAL D 156 33.32 -14.00 -17.73
CA VAL D 156 33.77 -14.24 -16.36
C VAL D 156 33.17 -13.20 -15.40
N VAL D 157 32.99 -11.99 -15.89
CA VAL D 157 32.42 -10.92 -15.06
C VAL D 157 31.02 -11.32 -14.61
N LYS D 158 30.26 -11.93 -15.50
CA LYS D 158 28.87 -12.28 -15.21
C LYS D 158 28.74 -13.43 -14.21
N GLU D 159 29.48 -14.51 -14.41
CA GLU D 159 29.36 -15.65 -13.51
C GLU D 159 30.03 -15.36 -12.17
N TRP D 160 30.88 -14.33 -12.11
CA TRP D 160 31.43 -13.90 -10.84
C TRP D 160 30.35 -13.26 -9.98
N ALA D 161 29.46 -12.51 -10.63
CA ALA D 161 28.34 -11.88 -9.95
C ALA D 161 27.42 -12.94 -9.35
N LYS D 162 27.22 -14.02 -10.09
CA LYS D 162 26.37 -15.11 -9.64
C LYS D 162 27.06 -15.89 -8.51
N ARG D 163 28.17 -16.55 -8.84
CA ARG D 163 28.95 -17.28 -7.86
C ARG D 163 29.83 -16.33 -7.04
N THR D 175 22.51 -7.15 -12.51
CA THR D 175 21.87 -7.47 -13.78
C THR D 175 22.89 -7.61 -14.93
N SER D 176 22.67 -8.60 -15.79
CA SER D 176 23.61 -8.96 -16.86
C SER D 176 23.84 -7.83 -17.85
N TYR D 177 22.75 -7.21 -18.30
CA TYR D 177 22.84 -6.12 -19.27
C TYR D 177 23.61 -4.92 -18.73
N SER D 178 23.63 -4.76 -17.41
CA SER D 178 24.38 -3.68 -16.81
C SER D 178 25.83 -4.07 -16.53
N LEU D 179 26.05 -5.35 -16.23
CA LEU D 179 27.41 -5.84 -16.08
C LEU D 179 28.18 -5.55 -17.36
N VAL D 180 27.52 -5.81 -18.48
CA VAL D 180 28.10 -5.55 -19.81
C VAL D 180 28.44 -4.08 -20.03
N LEU D 181 27.52 -3.19 -19.67
CA LEU D 181 27.74 -1.77 -19.87
C LEU D 181 28.88 -1.27 -18.99
N MET D 182 29.03 -1.87 -17.81
CA MET D 182 30.15 -1.57 -16.92
C MET D 182 31.46 -2.07 -17.51
N VAL D 183 31.40 -3.22 -18.19
CA VAL D 183 32.56 -3.78 -18.85
C VAL D 183 32.95 -2.92 -20.05
N ILE D 184 31.96 -2.54 -20.86
CA ILE D 184 32.22 -1.70 -22.03
C ILE D 184 32.79 -0.34 -21.61
N HIS D 185 32.24 0.21 -20.53
CA HIS D 185 32.70 1.49 -19.99
C HIS D 185 34.18 1.45 -19.59
N PHE D 186 34.56 0.40 -18.86
CA PHE D 186 35.93 0.23 -18.40
C PHE D 186 36.90 0.07 -19.58
N LEU D 187 36.40 -0.46 -20.70
CA LEU D 187 37.21 -0.61 -21.91
C LEU D 187 37.16 0.66 -22.76
N GLN D 188 36.46 1.67 -22.27
CA GLN D 188 36.43 2.97 -22.94
C GLN D 188 37.21 4.00 -22.15
N CYS D 189 37.26 3.81 -20.83
CA CYS D 189 37.66 4.87 -19.90
C CYS D 189 38.84 4.56 -18.98
N GLY D 190 39.00 3.30 -18.60
CA GLY D 190 40.04 2.90 -17.66
C GLY D 190 41.46 3.04 -18.17
N PRO D 191 42.41 2.38 -17.50
CA PRO D 191 43.83 2.35 -17.88
C PRO D 191 44.05 2.17 -19.38
N THR D 192 43.93 0.95 -19.87
CA THR D 192 44.12 0.67 -21.29
C THR D 192 42.82 0.92 -22.07
N LYS D 193 42.92 1.60 -23.21
CA LYS D 193 41.74 1.94 -24.02
C LYS D 193 41.49 0.96 -25.18
N VAL D 194 40.75 -0.11 -24.89
CA VAL D 194 40.44 -1.15 -25.87
C VAL D 194 39.34 -0.77 -26.88
N LEU D 195 38.26 -0.18 -26.37
CA LEU D 195 37.08 0.15 -27.19
C LEU D 195 36.82 1.63 -27.27
N PRO D 196 36.46 2.12 -28.47
CA PRO D 196 36.12 3.53 -28.68
C PRO D 196 34.70 3.86 -28.21
N ASN D 197 34.27 5.10 -28.46
CA ASN D 197 32.85 5.45 -28.37
C ASN D 197 32.26 5.25 -29.75
N LEU D 198 31.63 4.09 -29.96
CA LEU D 198 31.11 3.71 -31.26
C LEU D 198 30.05 4.69 -31.79
N GLN D 199 29.27 5.26 -30.90
CA GLN D 199 28.18 6.15 -31.31
C GLN D 199 28.73 7.48 -31.83
N GLN D 200 29.89 7.88 -31.29
CA GLN D 200 30.57 9.10 -31.70
C GLN D 200 31.43 8.86 -32.95
N SER D 201 32.09 7.71 -33.00
CA SER D 201 33.02 7.40 -34.08
C SER D 201 32.32 7.23 -35.43
N TYR D 202 31.23 6.47 -35.46
CA TYR D 202 30.47 6.28 -36.69
C TYR D 202 29.03 6.73 -36.49
N PRO D 203 28.82 8.05 -36.46
CA PRO D 203 27.53 8.64 -36.07
C PRO D 203 26.42 8.37 -37.09
N ASN D 204 26.82 8.10 -38.33
CA ASN D 204 25.85 7.75 -39.37
C ASN D 204 25.23 6.35 -39.14
N ARG D 205 26.06 5.39 -38.72
CA ARG D 205 25.64 4.00 -38.59
C ARG D 205 24.70 3.76 -37.42
N PHE D 206 24.97 4.41 -36.28
CA PHE D 206 24.22 4.14 -35.05
C PHE D 206 23.33 5.30 -34.65
N SER D 207 22.97 6.14 -35.61
CA SER D 207 22.05 7.24 -35.38
C SER D 207 20.69 6.78 -34.87
N ASN D 208 20.15 7.54 -33.94
CA ASN D 208 18.79 7.35 -33.44
C ASN D 208 17.72 7.50 -34.53
N LYS D 209 18.09 8.13 -35.64
CA LYS D 209 17.17 8.50 -36.72
C LYS D 209 17.02 7.45 -37.80
N VAL D 210 17.85 6.40 -37.76
CA VAL D 210 17.73 5.33 -38.75
C VAL D 210 16.53 4.42 -38.44
N ASP D 211 15.69 4.20 -39.44
CA ASP D 211 14.61 3.22 -39.34
C ASP D 211 15.23 1.87 -39.03
N VAL D 212 14.65 1.13 -38.07
CA VAL D 212 15.23 -0.14 -37.65
C VAL D 212 15.29 -1.20 -38.75
N ARG D 213 14.57 -0.98 -39.84
CA ARG D 213 14.58 -1.92 -40.98
C ARG D 213 15.77 -1.74 -41.91
N THR D 214 16.43 -0.58 -41.82
CA THR D 214 17.60 -0.34 -42.66
C THR D 214 18.84 -0.09 -41.81
N LEU D 215 18.98 -0.84 -40.73
CA LEU D 215 20.20 -0.80 -39.94
C LEU D 215 21.26 -1.67 -40.60
N ASN D 216 22.50 -1.22 -40.56
CA ASN D 216 23.59 -1.93 -41.20
C ASN D 216 23.98 -3.16 -40.39
N VAL D 217 23.52 -4.32 -40.84
CA VAL D 217 23.82 -5.58 -40.16
C VAL D 217 24.78 -6.42 -41.01
N THR D 218 25.48 -5.75 -41.91
CA THR D 218 26.21 -6.44 -42.98
C THR D 218 27.67 -5.99 -43.10
N MET D 219 27.87 -4.71 -43.42
CA MET D 219 29.22 -4.18 -43.63
C MET D 219 30.02 -4.12 -42.33
N ALA D 220 31.33 -4.31 -42.43
CA ALA D 220 32.23 -4.18 -41.29
C ALA D 220 32.52 -2.71 -41.04
N LEU D 221 33.24 -2.40 -39.97
CA LEU D 221 33.49 -1.00 -39.66
C LEU D 221 34.93 -0.56 -40.01
N GLU D 222 35.01 0.59 -40.68
CA GLU D 222 36.28 1.22 -41.03
C GLU D 222 37.03 1.71 -39.79
N GLU D 223 38.32 1.98 -39.92
CA GLU D 223 39.10 2.51 -38.81
C GLU D 223 39.46 3.97 -39.07
N THR D 237 47.12 -7.36 -21.85
CA THR D 237 46.01 -8.03 -22.51
C THR D 237 45.11 -8.77 -21.50
N LEU D 238 44.25 -9.65 -22.02
CA LEU D 238 43.11 -10.24 -21.31
C LEU D 238 43.28 -10.60 -19.83
N GLY D 239 44.50 -10.92 -19.42
CA GLY D 239 44.74 -11.29 -18.03
C GLY D 239 44.68 -10.10 -17.09
N GLU D 240 45.19 -8.96 -17.55
CA GLU D 240 45.27 -7.75 -16.75
C GLU D 240 44.02 -6.87 -16.84
N LEU D 241 43.23 -7.06 -17.88
CA LEU D 241 41.97 -6.34 -18.04
C LEU D 241 40.98 -6.72 -16.94
N LEU D 242 40.96 -7.99 -16.56
CA LEU D 242 40.02 -8.47 -15.55
C LEU D 242 40.34 -7.91 -14.16
N ILE D 243 41.60 -8.04 -13.74
CA ILE D 243 42.00 -7.55 -12.43
C ILE D 243 42.02 -6.01 -12.39
N GLY D 244 42.07 -5.38 -13.56
CA GLY D 244 41.99 -3.93 -13.66
C GLY D 244 40.55 -3.46 -13.55
N PHE D 245 39.64 -4.28 -14.07
CA PHE D 245 38.21 -4.06 -13.93
C PHE D 245 37.82 -4.06 -12.46
N LEU D 246 38.29 -5.08 -11.74
CA LEU D 246 38.00 -5.22 -10.32
C LEU D 246 38.68 -4.11 -9.52
N ASP D 247 39.66 -3.45 -10.13
CA ASP D 247 40.30 -2.30 -9.52
C ASP D 247 39.50 -1.04 -9.79
N TYR D 248 39.04 -0.91 -11.03
CA TYR D 248 38.31 0.28 -11.46
C TYR D 248 37.02 0.48 -10.65
N TYR D 249 36.41 -0.61 -10.20
CA TYR D 249 35.10 -0.52 -9.53
C TYR D 249 35.16 -0.77 -8.03
N ALA D 250 36.34 -1.08 -7.50
CA ALA D 250 36.50 -1.31 -6.06
C ALA D 250 36.91 -0.04 -5.32
N ASN D 251 37.83 0.72 -5.93
CA ASN D 251 38.39 1.88 -5.27
C ASN D 251 38.72 3.00 -6.24
N GLU D 252 38.06 3.01 -7.40
CA GLU D 252 38.37 4.00 -8.43
C GLU D 252 37.13 4.68 -8.99
N PHE D 253 35.95 4.15 -8.68
CA PHE D 253 34.72 4.68 -9.25
C PHE D 253 33.77 5.19 -8.18
N ASN D 254 33.20 6.37 -8.38
CA ASN D 254 32.23 6.87 -7.42
C ASN D 254 30.80 6.78 -7.97
N TYR D 255 29.83 6.95 -7.07
CA TYR D 255 28.46 6.52 -7.35
C TYR D 255 27.45 7.67 -7.30
N ASP D 256 27.81 8.78 -6.66
CA ASP D 256 26.92 9.95 -6.65
C ASP D 256 27.62 11.22 -7.13
N ARG D 257 28.84 11.07 -7.63
CA ARG D 257 29.49 12.14 -8.38
C ARG D 257 29.79 11.60 -9.77
N ASP D 258 29.79 10.27 -9.88
CA ASP D 258 30.04 9.63 -11.16
C ASP D 258 28.87 8.74 -11.57
N ALA D 259 28.62 8.69 -12.87
CA ALA D 259 27.67 7.75 -13.45
C ALA D 259 28.29 7.20 -14.73
N ILE D 260 27.65 6.21 -15.34
CA ILE D 260 28.19 5.66 -16.58
C ILE D 260 27.38 6.13 -17.78
N SER D 261 28.08 6.64 -18.77
CA SER D 261 27.46 6.97 -20.05
C SER D 261 28.19 6.24 -21.19
N ILE D 262 27.42 5.63 -22.08
CA ILE D 262 27.97 4.90 -23.21
C ILE D 262 27.84 5.77 -24.47
N ARG D 263 26.76 6.54 -24.53
CA ARG D 263 26.47 7.43 -25.66
C ARG D 263 27.58 8.47 -25.83
N GLN D 264 27.99 9.07 -24.72
CA GLN D 264 29.24 9.80 -24.66
C GLN D 264 30.22 8.99 -23.81
N GLY D 265 31.44 8.81 -24.31
CA GLY D 265 32.39 7.92 -23.67
C GLY D 265 32.67 8.17 -22.20
N ARG D 266 32.68 9.44 -21.81
CA ARG D 266 33.15 9.86 -20.48
C ARG D 266 32.44 9.24 -19.28
N ARG D 267 32.98 9.54 -18.10
CA ARG D 267 32.27 9.30 -16.84
C ARG D 267 31.57 10.60 -16.48
N VAL D 268 30.25 10.56 -16.39
CA VAL D 268 29.45 11.77 -16.21
C VAL D 268 28.65 11.69 -14.90
N GLU D 269 27.90 12.74 -14.59
CA GLU D 269 27.03 12.75 -13.41
C GLU D 269 25.65 13.36 -13.70
N ARG D 270 24.60 12.67 -13.29
CA ARG D 270 23.23 13.16 -13.42
C ARG D 270 23.04 14.49 -12.70
N VAL D 286 24.69 2.16 -8.72
CA VAL D 286 25.39 2.31 -10.00
C VAL D 286 24.50 2.88 -11.11
N CYS D 287 24.73 4.15 -11.44
CA CYS D 287 23.93 4.87 -12.43
C CYS D 287 24.46 4.69 -13.85
N ILE D 288 23.63 4.19 -14.76
CA ILE D 288 24.03 3.94 -16.13
C ILE D 288 23.00 4.46 -17.16
N GLU D 289 23.43 5.36 -18.05
CA GLU D 289 22.55 5.77 -19.15
C GLU D 289 22.80 4.85 -20.34
N GLU D 290 21.73 4.30 -20.90
CA GLU D 290 21.85 3.34 -21.98
C GLU D 290 22.19 4.08 -23.26
N PRO D 291 22.80 3.36 -24.22
CA PRO D 291 23.07 3.90 -25.54
C PRO D 291 21.85 4.56 -26.18
N PHE D 292 20.70 3.91 -26.06
CA PHE D 292 19.45 4.48 -26.51
C PHE D 292 18.41 4.34 -25.40
N THR D 293 17.45 5.25 -25.39
CA THR D 293 16.33 5.17 -24.47
C THR D 293 15.03 5.54 -25.17
N PHE D 307 24.81 -0.47 -0.21
CA PHE D 307 25.53 -0.07 -1.41
C PHE D 307 27.04 0.08 -1.15
N GLU D 308 27.43 -0.08 0.10
CA GLU D 308 28.85 -0.12 0.45
C GLU D 308 29.30 -1.57 0.39
N ALA D 309 28.33 -2.47 0.44
CA ALA D 309 28.57 -3.91 0.37
C ALA D 309 28.98 -4.33 -1.04
N ILE D 310 28.60 -3.53 -2.03
CA ILE D 310 28.96 -3.81 -3.41
C ILE D 310 30.25 -3.10 -3.79
N LYS D 311 30.86 -2.42 -2.83
CA LYS D 311 32.20 -1.87 -2.99
C LYS D 311 33.20 -2.76 -2.27
N LYS D 312 32.82 -3.24 -1.08
CA LYS D 312 33.63 -4.19 -0.34
C LYS D 312 33.67 -5.54 -1.07
N ALA D 313 32.66 -5.79 -1.90
CA ALA D 313 32.61 -7.00 -2.71
C ALA D 313 33.63 -6.95 -3.86
N PHE D 314 33.72 -5.77 -4.50
CA PHE D 314 34.68 -5.56 -5.56
C PHE D 314 36.10 -5.45 -5.01
N ARG D 315 36.19 -5.06 -3.74
CA ARG D 315 37.49 -4.84 -3.10
C ARG D 315 38.27 -6.13 -2.85
N GLU D 316 37.64 -7.10 -2.19
CA GLU D 316 38.31 -8.34 -1.82
C GLU D 316 38.50 -9.27 -3.03
N ALA D 317 37.59 -9.17 -4.01
CA ALA D 317 37.73 -9.93 -5.24
C ALA D 317 38.95 -9.46 -6.03
N HIS D 318 39.52 -8.33 -5.64
CA HIS D 318 40.71 -7.79 -6.28
C HIS D 318 42.00 -8.38 -5.70
N GLY D 319 41.96 -8.80 -4.45
CA GLY D 319 43.11 -9.41 -3.83
C GLY D 319 43.42 -10.80 -4.38
N GLU D 320 43.32 -10.94 -5.70
CA GLU D 320 43.53 -12.22 -6.37
C GLU D 320 44.34 -12.04 -7.67
N THR E 1 -5.81 20.73 -5.48
CA THR E 1 -4.43 20.66 -5.03
C THR E 1 -3.63 19.90 -6.10
N LEU E 2 -2.33 20.09 -6.08
CA LEU E 2 -1.32 19.24 -6.73
C LEU E 2 -1.65 17.71 -6.91
N PHE E 3 -2.36 17.13 -5.95
CA PHE E 3 -2.54 15.68 -5.82
C PHE E 3 -3.78 15.09 -6.53
N ASP E 4 -4.70 15.96 -6.94
CA ASP E 4 -5.91 15.58 -7.67
C ASP E 4 -6.69 14.49 -6.99
N ASN E 5 -7.48 13.74 -7.74
CA ASN E 5 -8.41 12.81 -7.12
C ASN E 5 -8.25 11.37 -7.61
N HIS E 6 -7.11 11.08 -8.22
CA HIS E 6 -6.83 9.82 -8.90
C HIS E 6 -5.33 9.54 -8.83
N PRO E 7 -4.95 8.23 -8.84
CA PRO E 7 -3.52 7.86 -8.85
C PRO E 7 -2.83 8.34 -10.12
N VAL E 8 -1.50 8.41 -10.14
CA VAL E 8 -0.78 8.80 -11.35
C VAL E 8 -1.15 7.85 -12.50
N GLN E 9 -1.41 8.41 -13.68
CA GLN E 9 -1.78 7.57 -14.82
C GLN E 9 -0.56 7.09 -15.62
N GLN E 10 0.46 7.94 -15.67
CA GLN E 10 1.73 7.54 -16.27
C GLN E 10 2.36 6.46 -15.42
N TYR E 11 3.44 5.85 -15.92
CA TYR E 11 4.16 4.87 -15.13
C TYR E 11 4.72 5.48 -13.84
N SER E 12 4.11 5.10 -12.72
CA SER E 12 4.70 5.22 -11.38
C SER E 12 5.53 3.97 -11.18
N GLY E 13 6.54 4.01 -10.33
CA GLY E 13 7.50 2.93 -10.32
C GLY E 13 7.07 1.61 -9.68
N PHE E 14 5.90 1.09 -10.06
CA PHE E 14 5.44 -0.17 -9.47
C PHE E 14 6.38 -1.32 -9.89
N ASN E 15 6.58 -2.27 -8.99
CA ASN E 15 7.37 -3.45 -9.32
C ASN E 15 6.64 -4.35 -10.27
N PRO E 16 7.37 -5.13 -11.07
CA PRO E 16 6.71 -6.00 -12.05
C PRO E 16 5.76 -7.03 -11.40
N ILE E 17 4.70 -7.39 -12.12
CA ILE E 17 3.69 -8.30 -11.61
C ILE E 17 3.48 -9.49 -12.54
N ASP E 18 3.88 -10.68 -12.11
CA ASP E 18 3.72 -11.89 -12.92
C ASP E 18 2.28 -12.40 -12.85
N PHE E 19 1.57 -12.35 -13.98
CA PHE E 19 0.24 -12.94 -14.07
C PHE E 19 0.24 -14.27 -14.82
N ARG E 20 -0.11 -15.34 -14.12
CA ARG E 20 -0.47 -16.59 -14.76
C ARG E 20 -2.01 -16.61 -14.88
N PHE E 21 -2.53 -16.33 -16.06
CA PHE E 21 -3.98 -16.20 -16.22
C PHE E 21 -4.68 -17.55 -16.06
N ASP E 22 -5.67 -17.61 -15.17
CA ASP E 22 -6.53 -18.79 -15.08
C ASP E 22 -7.89 -18.45 -15.67
N ASP E 23 -8.58 -19.44 -16.22
CA ASP E 23 -9.86 -19.20 -16.90
C ASP E 23 -11.00 -19.16 -15.90
N TYR E 24 -11.67 -18.01 -15.81
CA TYR E 24 -12.76 -17.77 -14.87
C TYR E 24 -13.99 -17.27 -15.61
N VAL E 25 -13.91 -17.24 -16.93
CA VAL E 25 -14.95 -16.62 -17.76
C VAL E 25 -16.33 -17.25 -17.59
N GLU E 26 -16.39 -18.57 -17.70
CA GLU E 26 -17.67 -19.25 -17.66
C GLU E 26 -18.12 -19.42 -16.21
N GLY E 27 -17.16 -19.57 -15.30
CA GLY E 27 -17.45 -19.51 -13.87
C GLY E 27 -18.18 -18.24 -13.39
N ALA E 28 -17.74 -17.07 -13.82
CA ALA E 28 -18.41 -15.84 -13.41
C ALA E 28 -19.83 -15.77 -13.97
N LYS E 29 -20.06 -16.42 -15.11
CA LYS E 29 -21.41 -16.40 -15.69
C LYS E 29 -22.35 -17.41 -15.00
N ARG E 30 -21.81 -18.56 -14.59
CA ARG E 30 -22.64 -19.54 -13.88
C ARG E 30 -23.03 -19.08 -12.48
N PHE E 31 -22.23 -18.21 -11.87
CA PHE E 31 -22.52 -17.73 -10.52
C PHE E 31 -23.85 -16.93 -10.44
N ASP E 32 -24.28 -16.34 -11.55
CA ASP E 32 -25.54 -15.59 -11.57
C ASP E 32 -26.77 -16.42 -11.16
N ASN E 33 -26.70 -17.74 -11.29
CA ASN E 33 -27.86 -18.59 -11.05
C ASN E 33 -28.31 -18.64 -9.59
N LEU E 34 -27.46 -18.18 -8.68
CA LEU E 34 -27.89 -17.89 -7.31
C LEU E 34 -29.18 -17.04 -7.28
N ALA E 35 -29.40 -16.26 -8.33
CA ALA E 35 -30.63 -15.50 -8.48
C ALA E 35 -31.85 -16.43 -8.53
N ASN E 36 -31.72 -17.56 -9.24
CA ASN E 36 -32.81 -18.55 -9.30
C ASN E 36 -33.09 -19.17 -7.95
N LEU E 37 -32.01 -19.46 -7.23
CA LEU E 37 -32.07 -20.04 -5.90
C LEU E 37 -32.89 -19.17 -4.96
N ILE E 38 -32.75 -17.87 -5.13
CA ILE E 38 -33.45 -16.92 -4.30
C ILE E 38 -34.92 -16.93 -4.66
N ARG E 39 -35.19 -16.81 -5.96
CA ARG E 39 -36.53 -16.67 -6.49
C ARG E 39 -37.34 -17.95 -6.30
N SER E 40 -36.67 -19.09 -6.38
CA SER E 40 -37.34 -20.37 -6.23
C SER E 40 -37.61 -20.71 -4.76
N SER E 41 -37.06 -19.92 -3.84
CA SER E 41 -37.32 -20.14 -2.42
C SER E 41 -38.17 -19.03 -1.81
N THR E 42 -38.67 -18.15 -2.67
CA THR E 42 -39.62 -17.12 -2.26
C THR E 42 -41.08 -17.53 -2.52
N PRO E 43 -41.86 -17.71 -1.44
CA PRO E 43 -43.30 -18.00 -1.53
C PRO E 43 -44.07 -16.82 -2.09
N THR E 44 -45.06 -17.08 -2.95
CA THR E 44 -45.73 -16.02 -3.72
C THR E 44 -46.73 -15.23 -2.86
N ASP E 45 -47.26 -15.87 -1.83
CA ASP E 45 -48.18 -15.23 -0.91
C ASP E 45 -48.38 -16.06 0.36
N PRO E 46 -47.53 -15.86 1.37
CA PRO E 46 -47.59 -16.61 2.63
C PRO E 46 -48.69 -16.11 3.56
N THR F 1 -20.84 -5.56 0.53
CA THR F 1 -19.93 -6.71 0.70
C THR F 1 -19.21 -6.70 2.08
N LEU F 2 -18.41 -7.72 2.35
CA LEU F 2 -17.67 -7.84 3.62
C LEU F 2 -16.40 -6.95 3.71
N PHE F 3 -15.97 -6.38 2.61
CA PHE F 3 -14.84 -5.44 2.59
C PHE F 3 -15.20 -4.03 3.10
N ASP F 4 -16.50 -3.73 3.15
CA ASP F 4 -17.03 -2.50 3.71
C ASP F 4 -16.51 -1.27 2.99
N ASN F 5 -16.38 -0.16 3.72
CA ASN F 5 -16.03 1.08 3.06
C ASN F 5 -14.85 1.78 3.69
N HIS F 6 -14.18 1.11 4.63
CA HIS F 6 -13.09 1.71 5.38
C HIS F 6 -12.01 0.67 5.66
N PRO F 7 -10.76 1.11 5.85
CA PRO F 7 -9.69 0.17 6.17
C PRO F 7 -10.00 -0.56 7.47
N VAL F 8 -9.35 -1.69 7.71
CA VAL F 8 -9.47 -2.34 9.01
C VAL F 8 -9.06 -1.37 10.11
N GLN F 9 -9.86 -1.37 11.19
CA GLN F 9 -9.65 -0.50 12.33
C GLN F 9 -8.83 -1.18 13.43
N GLN F 10 -8.77 -2.50 13.40
CA GLN F 10 -7.88 -3.23 14.30
C GLN F 10 -6.44 -3.02 13.86
N TYR F 11 -5.53 -3.75 14.48
CA TYR F 11 -4.11 -3.60 14.19
C TYR F 11 -3.78 -3.71 12.67
N SER F 12 -4.27 -4.77 12.02
CA SER F 12 -4.12 -4.98 10.56
C SER F 12 -2.70 -5.22 10.01
N GLY F 13 -1.69 -5.38 10.85
CA GLY F 13 -0.42 -5.91 10.38
C GLY F 13 0.67 -4.95 9.90
N PHE F 14 0.43 -3.63 9.98
CA PHE F 14 1.41 -2.68 9.45
C PHE F 14 2.77 -2.71 10.16
N ASN F 15 3.82 -2.35 9.43
CA ASN F 15 5.16 -2.27 10.00
C ASN F 15 5.26 -1.11 10.98
N PRO F 16 6.18 -1.20 11.94
CA PRO F 16 6.38 -0.06 12.85
C PRO F 16 6.89 1.23 12.14
N ILE F 17 6.38 2.37 12.57
CA ILE F 17 6.71 3.65 11.97
C ILE F 17 7.36 4.58 13.00
N ASP F 18 8.67 4.83 12.84
CA ASP F 18 9.46 5.66 13.76
C ASP F 18 9.23 7.15 13.50
N PHE F 19 8.51 7.83 14.39
CA PHE F 19 8.32 9.28 14.27
C PHE F 19 9.23 10.10 15.17
N ARG F 20 10.14 10.87 14.58
CA ARG F 20 10.75 11.95 15.32
C ARG F 20 9.92 13.22 15.08
N PHE F 21 9.15 13.65 16.07
CA PHE F 21 8.29 14.83 15.90
C PHE F 21 9.11 16.10 15.75
N ASP F 22 8.80 16.88 14.73
CA ASP F 22 9.38 18.22 14.58
C ASP F 22 8.28 19.27 14.78
N ASP F 23 8.63 20.44 15.31
CA ASP F 23 7.58 21.37 15.71
C ASP F 23 7.10 22.15 14.48
N TYR F 24 5.79 22.11 14.25
CA TYR F 24 5.17 22.72 13.07
C TYR F 24 3.97 23.55 13.50
N VAL F 25 3.74 23.62 14.80
CA VAL F 25 2.57 24.28 15.37
C VAL F 25 2.42 25.74 14.92
N GLU F 26 3.51 26.49 14.91
CA GLU F 26 3.38 27.92 14.66
C GLU F 26 3.53 28.20 13.17
N GLY F 27 4.37 27.41 12.51
CA GLY F 27 4.46 27.41 11.07
C GLY F 27 3.09 27.32 10.41
N ALA F 28 2.24 26.42 10.91
CA ALA F 28 0.94 26.27 10.30
C ALA F 28 0.07 27.51 10.52
N LYS F 29 0.21 28.17 11.66
CA LYS F 29 -0.59 29.39 11.90
C LYS F 29 -0.10 30.56 11.05
N ARG F 30 1.22 30.74 10.95
CA ARG F 30 1.75 31.85 10.17
C ARG F 30 1.36 31.77 8.69
N PHE F 31 1.29 30.55 8.16
CA PHE F 31 0.99 30.33 6.76
C PHE F 31 -0.35 30.94 6.38
N ASP F 32 -1.29 31.01 7.32
CA ASP F 32 -2.59 31.65 7.06
C ASP F 32 -2.50 33.10 6.54
N ASN F 33 -1.39 33.81 6.81
CA ASN F 33 -1.25 35.21 6.40
C ASN F 33 -1.19 35.42 4.88
N LEU F 34 -0.85 34.36 4.15
CA LEU F 34 -1.03 34.34 2.69
C LEU F 34 -2.35 34.98 2.27
N ALA F 35 -3.39 34.76 3.08
CA ALA F 35 -4.72 35.31 2.83
C ALA F 35 -4.71 36.83 2.78
N ASN F 36 -3.89 37.45 3.62
CA ASN F 36 -3.78 38.90 3.62
C ASN F 36 -3.08 39.38 2.37
N LEU F 37 -2.09 38.61 1.94
CA LEU F 37 -1.36 38.88 0.71
C LEU F 37 -2.31 38.91 -0.47
N ILE F 38 -3.31 38.03 -0.45
CA ILE F 38 -4.30 38.01 -1.52
C ILE F 38 -5.20 39.23 -1.42
N ARG F 39 -5.65 39.55 -0.22
CA ARG F 39 -6.52 40.70 0.01
C ARG F 39 -5.83 42.00 -0.46
N SER F 40 -4.53 42.10 -0.22
CA SER F 40 -3.79 43.30 -0.54
C SER F 40 -3.50 43.51 -2.02
N SER F 41 -3.55 42.44 -2.81
CA SER F 41 -3.26 42.59 -4.24
C SER F 41 -4.56 42.82 -4.99
N THR F 42 -5.66 42.77 -4.27
CA THR F 42 -6.97 42.97 -4.88
C THR F 42 -7.37 44.43 -4.89
N PRO F 43 -7.64 44.97 -6.10
CA PRO F 43 -8.11 46.36 -6.24
C PRO F 43 -9.61 46.43 -5.99
N THR F 44 -10.08 47.56 -5.49
CA THR F 44 -11.49 47.77 -5.15
C THR F 44 -12.38 47.93 -6.39
N ASP F 45 -11.98 48.83 -7.28
CA ASP F 45 -12.73 49.11 -8.50
C ASP F 45 -11.73 49.45 -9.61
N PRO F 46 -11.37 48.47 -10.43
CA PRO F 46 -10.38 48.67 -11.50
C PRO F 46 -11.03 49.09 -12.83
N ILE G 17 -10.38 11.77 37.32
CA ILE G 17 -11.78 11.97 37.71
C ILE G 17 -12.76 11.11 36.91
N ASP G 18 -12.72 11.22 35.58
CA ASP G 18 -13.64 10.46 34.71
C ASP G 18 -13.01 9.16 34.17
N PHE G 19 -11.70 9.02 34.32
CA PHE G 19 -11.01 7.79 33.91
C PHE G 19 -10.45 7.08 35.16
N ARG G 20 -10.34 5.76 35.09
CA ARG G 20 -10.12 4.95 36.30
C ARG G 20 -8.66 4.58 36.54
N PHE G 21 -7.93 5.44 37.25
CA PHE G 21 -6.54 5.12 37.56
C PHE G 21 -6.46 4.15 38.73
N ASP G 22 -5.33 3.46 38.84
CA ASP G 22 -5.12 2.55 39.94
C ASP G 22 -3.70 2.72 40.48
N ASP G 23 -3.50 2.37 41.73
CA ASP G 23 -2.22 2.53 42.41
C ASP G 23 -1.19 1.45 42.08
N TYR G 24 -0.12 1.83 41.39
CA TYR G 24 0.97 0.90 41.05
C TYR G 24 2.31 1.36 41.58
N VAL G 25 2.28 2.39 42.40
CA VAL G 25 3.52 2.98 42.90
C VAL G 25 4.36 1.93 43.63
N GLU G 26 3.83 1.34 44.70
CA GLU G 26 4.53 0.28 45.43
C GLU G 26 4.80 -0.95 44.57
N GLY G 27 3.83 -1.34 43.74
CA GLY G 27 3.97 -2.48 42.85
C GLY G 27 5.21 -2.43 41.97
N ALA G 28 5.41 -1.31 41.30
CA ALA G 28 6.57 -1.15 40.42
C ALA G 28 7.94 -1.17 41.16
N LYS G 29 7.99 -0.66 42.40
CA LYS G 29 9.26 -0.68 43.12
C LYS G 29 9.55 -2.11 43.60
N ARG G 30 8.51 -2.83 44.03
CA ARG G 30 8.65 -4.22 44.49
C ARG G 30 9.12 -5.20 43.39
N PHE G 31 8.74 -4.91 42.15
CA PHE G 31 9.03 -5.79 41.01
C PHE G 31 10.53 -5.90 40.76
N ASP G 32 11.25 -4.84 41.14
CA ASP G 32 12.71 -4.79 41.02
C ASP G 32 13.45 -5.96 41.68
N ASN G 33 12.95 -6.43 42.82
CA ASN G 33 13.68 -7.45 43.59
C ASN G 33 13.83 -8.82 42.90
N LEU G 34 13.34 -8.93 41.66
CA LEU G 34 13.62 -10.11 40.83
C LEU G 34 15.10 -10.15 40.50
N ALA G 35 15.71 -8.98 40.46
CA ALA G 35 17.16 -8.85 40.28
C ALA G 35 17.91 -9.74 41.27
N ASN G 36 17.54 -9.64 42.53
CA ASN G 36 18.19 -10.38 43.60
C ASN G 36 17.96 -11.88 43.44
N LEU G 37 16.75 -12.21 43.01
CA LEU G 37 16.35 -13.60 42.76
C LEU G 37 17.24 -14.28 41.73
N ILE G 38 17.68 -13.53 40.72
CA ILE G 38 18.59 -14.10 39.73
C ILE G 38 19.99 -14.20 40.33
N ARG G 39 20.44 -13.10 40.94
CA ARG G 39 21.75 -13.05 41.59
C ARG G 39 21.92 -14.20 42.59
N SER G 40 20.88 -14.49 43.36
CA SER G 40 20.98 -15.53 44.38
C SER G 40 20.84 -16.95 43.81
N SER G 41 20.98 -17.10 42.50
CA SER G 41 21.00 -18.43 41.88
C SER G 41 22.12 -18.50 40.82
N THR G 42 23.01 -17.52 40.86
CA THR G 42 24.26 -17.55 40.09
C THR G 42 25.42 -18.01 40.96
N PRO G 43 26.08 -19.12 40.56
CA PRO G 43 27.23 -19.63 41.32
C PRO G 43 28.42 -18.71 41.21
N THR G 44 29.31 -18.74 42.20
CA THR G 44 30.48 -17.87 42.21
C THR G 44 31.73 -18.63 41.80
N PHE H 19 -5.89 2.15 -37.47
CA PHE H 19 -4.59 1.76 -36.93
C PHE H 19 -3.60 1.36 -38.03
N ARG H 20 -2.49 2.10 -38.13
CA ARG H 20 -1.58 1.92 -39.24
C ARG H 20 -0.48 0.90 -38.93
N PHE H 21 -0.66 -0.30 -39.45
CA PHE H 21 0.35 -1.34 -39.33
C PHE H 21 1.44 -1.11 -40.38
N ASP H 22 2.69 -1.36 -40.03
CA ASP H 22 3.78 -1.22 -40.99
C ASP H 22 4.59 -2.52 -41.16
N ASP H 23 5.22 -2.63 -42.33
CA ASP H 23 5.84 -3.87 -42.80
C ASP H 23 7.24 -4.11 -42.25
N TYR H 24 7.36 -4.98 -41.25
CA TYR H 24 8.66 -5.30 -40.65
C TYR H 24 9.12 -6.74 -40.92
N VAL H 25 8.39 -7.44 -41.78
CA VAL H 25 8.69 -8.83 -42.09
C VAL H 25 10.12 -9.03 -42.61
N GLU H 26 10.46 -8.36 -43.72
CA GLU H 26 11.81 -8.45 -44.25
C GLU H 26 12.84 -7.87 -43.27
N GLY H 27 12.45 -6.80 -42.58
CA GLY H 27 13.31 -6.17 -41.59
C GLY H 27 13.78 -7.14 -40.53
N ALA H 28 12.83 -7.76 -39.83
CA ALA H 28 13.12 -8.75 -38.78
C ALA H 28 14.06 -9.89 -39.24
N LYS H 29 13.90 -10.37 -40.47
CA LYS H 29 14.68 -11.54 -40.90
C LYS H 29 16.12 -11.16 -41.23
N ARG H 30 16.30 -9.97 -41.80
CA ARG H 30 17.64 -9.50 -42.16
C ARG H 30 18.46 -9.21 -40.89
N PHE H 31 17.77 -8.93 -39.78
CA PHE H 31 18.43 -8.63 -38.50
C PHE H 31 19.21 -9.84 -37.93
N ASP H 32 18.81 -11.05 -38.31
CA ASP H 32 19.45 -12.30 -37.87
C ASP H 32 20.95 -12.39 -38.13
N ASN H 33 21.40 -11.76 -39.21
CA ASN H 33 22.76 -11.94 -39.68
C ASN H 33 23.80 -11.11 -38.93
N LEU H 34 23.39 -10.52 -37.80
CA LEU H 34 24.35 -9.99 -36.82
C LEU H 34 25.06 -11.16 -36.17
N ALA H 35 24.47 -12.34 -36.27
CA ALA H 35 25.04 -13.56 -35.73
C ALA H 35 26.33 -13.94 -36.44
N ASN H 36 26.45 -13.53 -37.71
CA ASN H 36 27.65 -13.77 -38.49
C ASN H 36 28.77 -12.86 -38.05
N LEU H 37 28.41 -11.61 -37.81
CA LEU H 37 29.33 -10.53 -37.44
C LEU H 37 30.21 -10.88 -36.26
N ILE H 38 29.69 -11.66 -35.31
CA ILE H 38 30.45 -12.01 -34.13
C ILE H 38 31.35 -13.24 -34.35
N ARG H 39 30.83 -14.23 -35.09
CA ARG H 39 31.62 -15.41 -35.44
C ARG H 39 32.80 -15.02 -36.33
N SER H 40 32.60 -14.00 -37.16
CA SER H 40 33.66 -13.46 -38.02
C SER H 40 34.68 -12.67 -37.19
N SER H 41 34.41 -12.53 -35.91
CA SER H 41 35.28 -11.77 -35.02
C SER H 41 35.99 -12.70 -34.03
N THR H 42 35.32 -13.77 -33.65
CA THR H 42 35.85 -14.68 -32.65
C THR H 42 36.40 -15.95 -33.30
N PRO H 43 37.61 -16.40 -32.91
CA PRO H 43 38.66 -15.75 -32.08
C PRO H 43 39.11 -14.37 -32.57
#